data_3RAB
# 
_entry.id   3RAB 
# 
_audit_conform.dict_name       mmcif_pdbx.dic 
_audit_conform.dict_version    5.379 
_audit_conform.dict_location   http://mmcif.pdb.org/dictionaries/ascii/mmcif_pdbx.dic 
# 
loop_
_database_2.database_id 
_database_2.database_code 
_database_2.pdbx_database_accession 
_database_2.pdbx_DOI 
PDB   3RAB         pdb_00003rab 10.2210/pdb3rab/pdb 
RCSB  RCSB000091   ?            ?                   
WWPDB D_1000000091 ?            ?                   
# 
_pdbx_database_status.status_code                     REL 
_pdbx_database_status.entry_id                        3RAB 
_pdbx_database_status.recvd_initial_deposition_date   1998-11-16 
_pdbx_database_status.deposit_site                    BNL 
_pdbx_database_status.process_site                    RCSB 
_pdbx_database_status.status_code_sf                  REL 
_pdbx_database_status.status_code_mr                  ? 
_pdbx_database_status.SG_entry                        ? 
_pdbx_database_status.pdb_format_compatible           Y 
_pdbx_database_status.status_code_cs                  ? 
_pdbx_database_status.status_code_nmr_data            ? 
_pdbx_database_status.methods_development_category    ? 
# 
loop_
_audit_author.name 
_audit_author.pdbx_ordinal 
'Dumas, J.J.'     1 
'Zhu, Z.'         2 
'Connolly, J.L.'  3 
'Lambright, D.G.' 4 
# 
_citation.id                        primary 
_citation.title                     'Structural basis of activation and GTP hydrolysis in Rab proteins.' 
_citation.journal_abbrev            'Structure Fold.Des.' 
_citation.journal_volume            7 
_citation.page_first                413 
_citation.page_last                 423 
_citation.year                      1999 
_citation.journal_id_ASTM           FODEFH 
_citation.country                   UK 
_citation.journal_id_ISSN           0969-2126 
_citation.journal_id_CSD            1263 
_citation.book_publisher            ? 
_citation.pdbx_database_id_PubMed   10196122 
_citation.pdbx_database_id_DOI      '10.1016/S0969-2126(99)80054-9' 
# 
loop_
_citation_author.citation_id 
_citation_author.name 
_citation_author.ordinal 
_citation_author.identifier_ORCID 
primary 'Dumas, J.J.'     1 ? 
primary 'Zhu, Z.'         2 ? 
primary 'Connolly, J.L.'  3 ? 
primary 'Lambright, D.G.' 4 ? 
# 
_cell.entry_id           3RAB 
_cell.length_a           88.900 
_cell.length_b           35.000 
_cell.length_c           58.600 
_cell.angle_alpha        90.00 
_cell.angle_beta         107.20 
_cell.angle_gamma        90.00 
_cell.Z_PDB              4 
_cell.pdbx_unique_axis   ? 
# 
_symmetry.entry_id                         3RAB 
_symmetry.space_group_name_H-M             'C 1 2 1' 
_symmetry.pdbx_full_space_group_name_H-M   ? 
_symmetry.cell_setting                     ? 
_symmetry.Int_Tables_number                5 
# 
loop_
_entity.id 
_entity.type 
_entity.src_method 
_entity.pdbx_description 
_entity.formula_weight 
_entity.pdbx_number_of_molecules 
_entity.pdbx_ec 
_entity.pdbx_mutation 
_entity.pdbx_fragment 
_entity.details 
1 polymer     man 'PROTEIN (RAB3A)'                             19655.135 1   ? ? 'GTPASE DOMAIN' ? 
2 non-polymer syn 'MAGNESIUM ION'                               24.305    1   ? ? ?               ? 
3 non-polymer syn 'PHOSPHOAMINOPHOSPHONIC ACID-GUANYLATE ESTER' 522.196   1   ? ? ?               ? 
4 water       nat water                                         18.015    123 ? ? ?               ? 
# 
_entity_poly.entity_id                      1 
_entity_poly.type                           'polypeptide(L)' 
_entity_poly.nstd_linkage                   no 
_entity_poly.nstd_monomer                   no 
_entity_poly.pdbx_seq_one_letter_code       
;NFDYMFKILIIGNSSVGKTSFLFRYADDSFTPAFVSTVGIDFKVKTIYRNDKRIKLQIWDTAGQERYRTITTAYYRGAMG
FILMYDITNEESFNAVQDWSTQIKTYSWDNAQVLLVGNKCDMEDERVVSSERGRQLADHLGFEFFEASAKDNINVKQTFE
RLVDVICEK
;
_entity_poly.pdbx_seq_one_letter_code_can   
;NFDYMFKILIIGNSSVGKTSFLFRYADDSFTPAFVSTVGIDFKVKTIYRNDKRIKLQIWDTAGQERYRTITTAYYRGAMG
FILMYDITNEESFNAVQDWSTQIKTYSWDNAQVLLVGNKCDMEDERVVSSERGRQLADHLGFEFFEASAKDNINVKQTFE
RLVDVICEK
;
_entity_poly.pdbx_strand_id                 A 
_entity_poly.pdbx_target_identifier         ? 
# 
loop_
_entity_poly_seq.entity_id 
_entity_poly_seq.num 
_entity_poly_seq.mon_id 
_entity_poly_seq.hetero 
1 1   ASN n 
1 2   PHE n 
1 3   ASP n 
1 4   TYR n 
1 5   MET n 
1 6   PHE n 
1 7   LYS n 
1 8   ILE n 
1 9   LEU n 
1 10  ILE n 
1 11  ILE n 
1 12  GLY n 
1 13  ASN n 
1 14  SER n 
1 15  SER n 
1 16  VAL n 
1 17  GLY n 
1 18  LYS n 
1 19  THR n 
1 20  SER n 
1 21  PHE n 
1 22  LEU n 
1 23  PHE n 
1 24  ARG n 
1 25  TYR n 
1 26  ALA n 
1 27  ASP n 
1 28  ASP n 
1 29  SER n 
1 30  PHE n 
1 31  THR n 
1 32  PRO n 
1 33  ALA n 
1 34  PHE n 
1 35  VAL n 
1 36  SER n 
1 37  THR n 
1 38  VAL n 
1 39  GLY n 
1 40  ILE n 
1 41  ASP n 
1 42  PHE n 
1 43  LYS n 
1 44  VAL n 
1 45  LYS n 
1 46  THR n 
1 47  ILE n 
1 48  TYR n 
1 49  ARG n 
1 50  ASN n 
1 51  ASP n 
1 52  LYS n 
1 53  ARG n 
1 54  ILE n 
1 55  LYS n 
1 56  LEU n 
1 57  GLN n 
1 58  ILE n 
1 59  TRP n 
1 60  ASP n 
1 61  THR n 
1 62  ALA n 
1 63  GLY n 
1 64  GLN n 
1 65  GLU n 
1 66  ARG n 
1 67  TYR n 
1 68  ARG n 
1 69  THR n 
1 70  ILE n 
1 71  THR n 
1 72  THR n 
1 73  ALA n 
1 74  TYR n 
1 75  TYR n 
1 76  ARG n 
1 77  GLY n 
1 78  ALA n 
1 79  MET n 
1 80  GLY n 
1 81  PHE n 
1 82  ILE n 
1 83  LEU n 
1 84  MET n 
1 85  TYR n 
1 86  ASP n 
1 87  ILE n 
1 88  THR n 
1 89  ASN n 
1 90  GLU n 
1 91  GLU n 
1 92  SER n 
1 93  PHE n 
1 94  ASN n 
1 95  ALA n 
1 96  VAL n 
1 97  GLN n 
1 98  ASP n 
1 99  TRP n 
1 100 SER n 
1 101 THR n 
1 102 GLN n 
1 103 ILE n 
1 104 LYS n 
1 105 THR n 
1 106 TYR n 
1 107 SER n 
1 108 TRP n 
1 109 ASP n 
1 110 ASN n 
1 111 ALA n 
1 112 GLN n 
1 113 VAL n 
1 114 LEU n 
1 115 LEU n 
1 116 VAL n 
1 117 GLY n 
1 118 ASN n 
1 119 LYS n 
1 120 CYS n 
1 121 ASP n 
1 122 MET n 
1 123 GLU n 
1 124 ASP n 
1 125 GLU n 
1 126 ARG n 
1 127 VAL n 
1 128 VAL n 
1 129 SER n 
1 130 SER n 
1 131 GLU n 
1 132 ARG n 
1 133 GLY n 
1 134 ARG n 
1 135 GLN n 
1 136 LEU n 
1 137 ALA n 
1 138 ASP n 
1 139 HIS n 
1 140 LEU n 
1 141 GLY n 
1 142 PHE n 
1 143 GLU n 
1 144 PHE n 
1 145 PHE n 
1 146 GLU n 
1 147 ALA n 
1 148 SER n 
1 149 ALA n 
1 150 LYS n 
1 151 ASP n 
1 152 ASN n 
1 153 ILE n 
1 154 ASN n 
1 155 VAL n 
1 156 LYS n 
1 157 GLN n 
1 158 THR n 
1 159 PHE n 
1 160 GLU n 
1 161 ARG n 
1 162 LEU n 
1 163 VAL n 
1 164 ASP n 
1 165 VAL n 
1 166 ILE n 
1 167 CYS n 
1 168 GLU n 
1 169 LYS n 
# 
_entity_src_gen.entity_id                          1 
_entity_src_gen.pdbx_src_id                        1 
_entity_src_gen.pdbx_alt_source_flag               sample 
_entity_src_gen.pdbx_seq_type                      ? 
_entity_src_gen.pdbx_beg_seq_num                   ? 
_entity_src_gen.pdbx_end_seq_num                   ? 
_entity_src_gen.gene_src_common_name               'Norway rat' 
_entity_src_gen.gene_src_genus                     Rattus 
_entity_src_gen.pdbx_gene_src_gene                 ? 
_entity_src_gen.gene_src_species                   ? 
_entity_src_gen.gene_src_strain                    ? 
_entity_src_gen.gene_src_tissue                    ? 
_entity_src_gen.gene_src_tissue_fraction           ? 
_entity_src_gen.gene_src_details                   ? 
_entity_src_gen.pdbx_gene_src_fragment             ? 
_entity_src_gen.pdbx_gene_src_scientific_name      'Rattus norvegicus' 
_entity_src_gen.pdbx_gene_src_ncbi_taxonomy_id     10116 
_entity_src_gen.pdbx_gene_src_variant              ? 
_entity_src_gen.pdbx_gene_src_cell_line            ? 
_entity_src_gen.pdbx_gene_src_atcc                 ? 
_entity_src_gen.pdbx_gene_src_organ                BRAIN 
_entity_src_gen.pdbx_gene_src_organelle            ? 
_entity_src_gen.pdbx_gene_src_cell                 ? 
_entity_src_gen.pdbx_gene_src_cellular_location    ? 
_entity_src_gen.host_org_common_name               ? 
_entity_src_gen.pdbx_host_org_scientific_name      'Escherichia coli BL21(DE3)' 
_entity_src_gen.pdbx_host_org_ncbi_taxonomy_id     469008 
_entity_src_gen.host_org_genus                     Escherichia 
_entity_src_gen.pdbx_host_org_gene                 ? 
_entity_src_gen.pdbx_host_org_organ                ? 
_entity_src_gen.host_org_species                   'Escherichia coli' 
_entity_src_gen.pdbx_host_org_tissue               ? 
_entity_src_gen.pdbx_host_org_tissue_fraction      ? 
_entity_src_gen.pdbx_host_org_strain               BL21/DE3 
_entity_src_gen.pdbx_host_org_variant              ? 
_entity_src_gen.pdbx_host_org_cell_line            ? 
_entity_src_gen.pdbx_host_org_atcc                 ? 
_entity_src_gen.pdbx_host_org_culture_collection   ? 
_entity_src_gen.pdbx_host_org_cell                 ? 
_entity_src_gen.pdbx_host_org_organelle            ? 
_entity_src_gen.pdbx_host_org_cellular_location    ? 
_entity_src_gen.pdbx_host_org_vector_type          ? 
_entity_src_gen.pdbx_host_org_vector               ? 
_entity_src_gen.host_org_details                   ? 
_entity_src_gen.expression_system_id               ? 
_entity_src_gen.plasmid_name                       PGEX 
_entity_src_gen.plasmid_details                    ? 
_entity_src_gen.pdbx_description                   ? 
# 
_struct_ref.id                         1 
_struct_ref.db_name                    UNP 
_struct_ref.db_code                    RAB3A_RAT 
_struct_ref.entity_id                  1 
_struct_ref.pdbx_db_accession          P63012 
_struct_ref.pdbx_align_begin           ? 
_struct_ref.pdbx_seq_one_letter_code   ? 
_struct_ref.pdbx_db_isoform            ? 
# 
_struct_ref_seq.align_id                      1 
_struct_ref_seq.ref_id                        1 
_struct_ref_seq.pdbx_PDB_id_code              3RAB 
_struct_ref_seq.pdbx_strand_id                A 
_struct_ref_seq.seq_align_beg                 1 
_struct_ref_seq.pdbx_seq_align_beg_ins_code   ? 
_struct_ref_seq.seq_align_end                 169 
_struct_ref_seq.pdbx_seq_align_end_ins_code   ? 
_struct_ref_seq.pdbx_db_accession             P63012 
_struct_ref_seq.db_align_beg                  18 
_struct_ref_seq.pdbx_db_align_beg_ins_code    ? 
_struct_ref_seq.db_align_end                  186 
_struct_ref_seq.pdbx_db_align_end_ins_code    ? 
_struct_ref_seq.pdbx_auth_seq_align_beg       18 
_struct_ref_seq.pdbx_auth_seq_align_end       186 
# 
loop_
_chem_comp.id 
_chem_comp.type 
_chem_comp.mon_nstd_flag 
_chem_comp.name 
_chem_comp.pdbx_synonyms 
_chem_comp.formula 
_chem_comp.formula_weight 
ALA 'L-peptide linking' y ALANINE                                       ? 'C3 H7 N O2'        89.093  
ARG 'L-peptide linking' y ARGININE                                      ? 'C6 H15 N4 O2 1'    175.209 
ASN 'L-peptide linking' y ASPARAGINE                                    ? 'C4 H8 N2 O3'       132.118 
ASP 'L-peptide linking' y 'ASPARTIC ACID'                               ? 'C4 H7 N O4'        133.103 
CYS 'L-peptide linking' y CYSTEINE                                      ? 'C3 H7 N O2 S'      121.158 
GLN 'L-peptide linking' y GLUTAMINE                                     ? 'C5 H10 N2 O3'      146.144 
GLU 'L-peptide linking' y 'GLUTAMIC ACID'                               ? 'C5 H9 N O4'        147.129 
GLY 'peptide linking'   y GLYCINE                                       ? 'C2 H5 N O2'        75.067  
GNP non-polymer         . 'PHOSPHOAMINOPHOSPHONIC ACID-GUANYLATE ESTER' ? 'C10 H17 N6 O13 P3' 522.196 
HIS 'L-peptide linking' y HISTIDINE                                     ? 'C6 H10 N3 O2 1'    156.162 
HOH non-polymer         . WATER                                         ? 'H2 O'              18.015  
ILE 'L-peptide linking' y ISOLEUCINE                                    ? 'C6 H13 N O2'       131.173 
LEU 'L-peptide linking' y LEUCINE                                       ? 'C6 H13 N O2'       131.173 
LYS 'L-peptide linking' y LYSINE                                        ? 'C6 H15 N2 O2 1'    147.195 
MET 'L-peptide linking' y METHIONINE                                    ? 'C5 H11 N O2 S'     149.211 
MG  non-polymer         . 'MAGNESIUM ION'                               ? 'Mg 2'              24.305  
PHE 'L-peptide linking' y PHENYLALANINE                                 ? 'C9 H11 N O2'       165.189 
PRO 'L-peptide linking' y PROLINE                                       ? 'C5 H9 N O2'        115.130 
SER 'L-peptide linking' y SERINE                                        ? 'C3 H7 N O3'        105.093 
THR 'L-peptide linking' y THREONINE                                     ? 'C4 H9 N O3'        119.119 
TRP 'L-peptide linking' y TRYPTOPHAN                                    ? 'C11 H12 N2 O2'     204.225 
TYR 'L-peptide linking' y TYROSINE                                      ? 'C9 H11 N O3'       181.189 
VAL 'L-peptide linking' y VALINE                                        ? 'C5 H11 N O2'       117.146 
# 
_exptl.entry_id          3RAB 
_exptl.method            'X-RAY DIFFRACTION' 
_exptl.crystals_number   1 
# 
_exptl_crystal.id                    1 
_exptl_crystal.density_meas          ? 
_exptl_crystal.density_Matthews      2.22 
_exptl_crystal.density_percent_sol   44.0 
_exptl_crystal.description           ? 
# 
_exptl_crystal_grow.crystal_id      1 
_exptl_crystal_grow.method          ? 
_exptl_crystal_grow.temp            ? 
_exptl_crystal_grow.temp_details    ? 
_exptl_crystal_grow.pH              6.5 
_exptl_crystal_grow.pdbx_details    'CRYSTALLIZATION CONDITIONS: 14%PEG-8000,50 MM NAMES, PH 6.5, 200 MM NACL' 
_exptl_crystal_grow.pdbx_pH_range   . 
# 
_diffrn.id                     1 
_diffrn.ambient_temp           100.0 
_diffrn.ambient_temp_details   ? 
_diffrn.crystal_id             1 
# 
_diffrn_detector.diffrn_id              1 
_diffrn_detector.detector               'IMAGE PLATE' 
_diffrn_detector.type                   MARRESEARCH 
_diffrn_detector.pdbx_collection_date   1997-12 
_diffrn_detector.details                MIRRORS 
# 
_diffrn_radiation.diffrn_id                        1 
_diffrn_radiation.wavelength_id                    1 
_diffrn_radiation.pdbx_monochromatic_or_laue_m_l   M 
_diffrn_radiation.monochromator                    ? 
_diffrn_radiation.pdbx_diffrn_protocol             'SINGLE WAVELENGTH' 
_diffrn_radiation.pdbx_scattering_type             x-ray 
# 
_diffrn_radiation_wavelength.id           1 
_diffrn_radiation_wavelength.wavelength   1.5418 
_diffrn_radiation_wavelength.wt           1.0 
# 
_diffrn_source.diffrn_id                   1 
_diffrn_source.source                      'ROTATING ANODE' 
_diffrn_source.type                        'RIGAKU RU200' 
_diffrn_source.pdbx_synchrotron_site       ? 
_diffrn_source.pdbx_synchrotron_beamline   ? 
_diffrn_source.pdbx_wavelength             1.5418 
_diffrn_source.pdbx_wavelength_list        ? 
# 
_reflns.entry_id                     3RAB 
_reflns.observed_criterion_sigma_I   -3.0 
_reflns.observed_criterion_sigma_F   ? 
_reflns.d_resolution_low             20.0 
_reflns.d_resolution_high            2.0 
_reflns.number_obs                   10595 
_reflns.number_all                   ? 
_reflns.percent_possible_obs         99.5 
_reflns.pdbx_Rmerge_I_obs            ? 
_reflns.pdbx_Rsym_value              0.0630000 
_reflns.pdbx_netI_over_sigmaI        17.1 
_reflns.B_iso_Wilson_estimate        ? 
_reflns.pdbx_redundancy              ? 
_reflns.R_free_details               ? 
_reflns.limit_h_max                  ? 
_reflns.limit_h_min                  ? 
_reflns.limit_k_max                  ? 
_reflns.limit_k_min                  ? 
_reflns.limit_l_max                  ? 
_reflns.limit_l_min                  ? 
_reflns.observed_criterion_F_max     ? 
_reflns.observed_criterion_F_min     ? 
_reflns.pdbx_diffrn_id               1 
_reflns.pdbx_ordinal                 1 
# 
_reflns_shell.d_res_high             2.0 
_reflns_shell.d_res_low              2.1 
_reflns_shell.percent_possible_all   99.5 
_reflns_shell.Rmerge_I_obs           ? 
_reflns_shell.pdbx_Rsym_value        0.1970000 
_reflns_shell.meanI_over_sigI_obs    6.3 
_reflns_shell.pdbx_redundancy        ? 
_reflns_shell.percent_possible_obs   ? 
_reflns_shell.number_unique_all      ? 
_reflns_shell.pdbx_diffrn_id         ? 
_reflns_shell.pdbx_ordinal           1 
# 
_refine.entry_id                                 3RAB 
_refine.ls_number_reflns_obs                     10595 
_refine.ls_number_reflns_all                     ? 
_refine.pdbx_ls_sigma_I                          ? 
_refine.pdbx_ls_sigma_F                          2.0 
_refine.pdbx_data_cutoff_high_absF               0.0 
_refine.pdbx_data_cutoff_low_absF                0.0 
_refine.pdbx_data_cutoff_high_rms_absF           ? 
_refine.ls_d_res_low                             8.0 
_refine.ls_d_res_high                            2.0 
_refine.ls_percent_reflns_obs                    99.5 
_refine.ls_R_factor_obs                          ? 
_refine.ls_R_factor_all                          ? 
_refine.ls_R_factor_R_work                       0.1910000 
_refine.ls_R_factor_R_free                       0.2370000 
_refine.ls_R_factor_R_free_error                 ? 
_refine.ls_R_factor_R_free_error_details         ? 
_refine.ls_percent_reflns_R_free                 5.0 
_refine.ls_number_reflns_R_free                  ? 
_refine.ls_number_parameters                     ? 
_refine.ls_number_restraints                     ? 
_refine.occupancy_min                            ? 
_refine.occupancy_max                            ? 
_refine.B_iso_mean                               13.0 
_refine.aniso_B[1][1]                            ? 
_refine.aniso_B[2][2]                            ? 
_refine.aniso_B[3][3]                            ? 
_refine.aniso_B[1][2]                            ? 
_refine.aniso_B[1][3]                            ? 
_refine.aniso_B[2][3]                            ? 
_refine.solvent_model_details                    ? 
_refine.solvent_model_param_ksol                 ? 
_refine.solvent_model_param_bsol                 ? 
_refine.pdbx_ls_cross_valid_method               THROUGHOUT 
_refine.details                                  ? 
_refine.pdbx_starting_model                      5P21 
_refine.pdbx_method_to_determine_struct          'MOLECULAR REPLACEMENT' 
_refine.pdbx_isotropic_thermal_model             ? 
_refine.pdbx_stereochemistry_target_values       ? 
_refine.pdbx_stereochem_target_val_spec_case     ? 
_refine.pdbx_R_Free_selection_details            RANDOM 
_refine.pdbx_overall_ESU_R                       ? 
_refine.pdbx_overall_ESU_R_Free                  ? 
_refine.overall_SU_ML                            ? 
_refine.overall_SU_B                             ? 
_refine.ls_redundancy_reflns_obs                 ? 
_refine.B_iso_min                                ? 
_refine.B_iso_max                                ? 
_refine.correlation_coeff_Fo_to_Fc               ? 
_refine.correlation_coeff_Fo_to_Fc_free          ? 
_refine.pdbx_solvent_vdw_probe_radii             ? 
_refine.pdbx_solvent_ion_probe_radii             ? 
_refine.pdbx_solvent_shrinkage_radii             ? 
_refine.overall_SU_R_Cruickshank_DPI             ? 
_refine.overall_SU_R_free                        ? 
_refine.pdbx_refine_id                           'X-RAY DIFFRACTION' 
_refine.pdbx_diffrn_id                           1 
_refine.pdbx_TLS_residual_ADP_flag               ? 
_refine.pdbx_overall_phase_error                 ? 
_refine.pdbx_overall_SU_R_free_Cruickshank_DPI   ? 
_refine.pdbx_overall_SU_R_Blow_DPI               ? 
_refine.pdbx_overall_SU_R_free_Blow_DPI          ? 
# 
_refine_hist.pdbx_refine_id                   'X-RAY DIFFRACTION' 
_refine_hist.cycle_id                         LAST 
_refine_hist.pdbx_number_atoms_protein        1364 
_refine_hist.pdbx_number_atoms_nucleic_acid   0 
_refine_hist.pdbx_number_atoms_ligand         33 
_refine_hist.number_atoms_solvent             123 
_refine_hist.number_atoms_total               1520 
_refine_hist.d_res_high                       2.0 
_refine_hist.d_res_low                        8.0 
# 
loop_
_refine_ls_restr.type 
_refine_ls_restr.dev_ideal 
_refine_ls_restr.dev_ideal_target 
_refine_ls_restr.weight 
_refine_ls_restr.number 
_refine_ls_restr.pdbx_refine_id 
_refine_ls_restr.pdbx_restraint_function 
x_bond_d                0.007 ? ? ? 'X-RAY DIFFRACTION' ? 
x_bond_d_na             ?     ? ? ? 'X-RAY DIFFRACTION' ? 
x_bond_d_prot           ?     ? ? ? 'X-RAY DIFFRACTION' ? 
x_angle_d               ?     ? ? ? 'X-RAY DIFFRACTION' ? 
x_angle_d_na            ?     ? ? ? 'X-RAY DIFFRACTION' ? 
x_angle_d_prot          ?     ? ? ? 'X-RAY DIFFRACTION' ? 
x_angle_deg             1.3   ? ? ? 'X-RAY DIFFRACTION' ? 
x_angle_deg_na          ?     ? ? ? 'X-RAY DIFFRACTION' ? 
x_angle_deg_prot        ?     ? ? ? 'X-RAY DIFFRACTION' ? 
x_dihedral_angle_d      24.2  ? ? ? 'X-RAY DIFFRACTION' ? 
x_dihedral_angle_d_na   ?     ? ? ? 'X-RAY DIFFRACTION' ? 
x_dihedral_angle_d_prot ?     ? ? ? 'X-RAY DIFFRACTION' ? 
x_improper_angle_d      1.2   ? ? ? 'X-RAY DIFFRACTION' ? 
x_improper_angle_d_na   ?     ? ? ? 'X-RAY DIFFRACTION' ? 
x_improper_angle_d_prot ?     ? ? ? 'X-RAY DIFFRACTION' ? 
x_mcbond_it             ?     ? ? ? 'X-RAY DIFFRACTION' ? 
x_mcangle_it            ?     ? ? ? 'X-RAY DIFFRACTION' ? 
x_scbond_it             ?     ? ? ? 'X-RAY DIFFRACTION' ? 
x_scangle_it            ?     ? ? ? 'X-RAY DIFFRACTION' ? 
# 
_refine_ls_shell.pdbx_total_number_of_bins_used   ? 
_refine_ls_shell.d_res_high                       2.0 
_refine_ls_shell.d_res_low                        ? 
_refine_ls_shell.number_reflns_R_work             ? 
_refine_ls_shell.R_factor_R_work                  0.1840000 
_refine_ls_shell.percent_reflns_obs               99.5 
_refine_ls_shell.R_factor_R_free                  0.2300000 
_refine_ls_shell.R_factor_R_free_error            ? 
_refine_ls_shell.percent_reflns_R_free            ? 
_refine_ls_shell.number_reflns_R_free             ? 
_refine_ls_shell.redundancy_reflns_obs            ? 
_refine_ls_shell.number_reflns_all                ? 
_refine_ls_shell.number_reflns_obs                ? 
_refine_ls_shell.pdbx_refine_id                   'X-RAY DIFFRACTION' 
_refine_ls_shell.R_factor_all                     ? 
# 
_struct.entry_id                  3RAB 
_struct.title                     'GPPNHP-BOUND RAB3A AT 2.0 A RESOLUTION' 
_struct.pdbx_model_details        ? 
_struct.pdbx_CASP_flag            ? 
_struct.pdbx_model_type_details   ? 
# 
_struct_keywords.entry_id        3RAB 
_struct_keywords.pdbx_keywords   HYDROLASE 
_struct_keywords.text            
'G PROTEIN, VESICULAR TRAFFICKING, GTP HYDROLYSIS, RAB PROTEIN, NEUROTRANSMITTER RELEASE, HYDROLASE' 
# 
loop_
_struct_asym.id 
_struct_asym.pdbx_blank_PDB_chainid_flag 
_struct_asym.pdbx_modified 
_struct_asym.entity_id 
_struct_asym.details 
A N N 1 ? 
B N N 2 ? 
C N N 3 ? 
D N N 4 ? 
# 
_struct_biol.id                    1 
_struct_biol.pdbx_parent_biol_id   ? 
_struct_biol.details               ? 
# 
loop_
_struct_conf.conf_type_id 
_struct_conf.id 
_struct_conf.pdbx_PDB_helix_id 
_struct_conf.beg_label_comp_id 
_struct_conf.beg_label_asym_id 
_struct_conf.beg_label_seq_id 
_struct_conf.pdbx_beg_PDB_ins_code 
_struct_conf.end_label_comp_id 
_struct_conf.end_label_asym_id 
_struct_conf.end_label_seq_id 
_struct_conf.pdbx_end_PDB_ins_code 
_struct_conf.beg_auth_comp_id 
_struct_conf.beg_auth_asym_id 
_struct_conf.beg_auth_seq_id 
_struct_conf.end_auth_comp_id 
_struct_conf.end_auth_asym_id 
_struct_conf.end_auth_seq_id 
_struct_conf.pdbx_PDB_helix_class 
_struct_conf.details 
_struct_conf.pdbx_PDB_helix_length 
HELX_P HELX_P1 1 LYS A 18  ? ASP A 27  ? LYS A 35  ASP A 44  1 ? 10 
HELX_P HELX_P2 2 GLU A 65  ? TYR A 74  ? GLU A 82  TYR A 91  1 ? 10 
HELX_P HELX_P3 3 GLU A 90  ? ASN A 94  ? GLU A 107 ASN A 111 1 ? 5  
HELX_P HELX_P4 4 VAL A 96  ? TYR A 106 ? VAL A 113 TYR A 123 1 ? 11 
HELX_P HELX_P5 5 SER A 130 ? LEU A 140 ? SER A 147 LEU A 157 1 ? 11 
HELX_P HELX_P6 6 VAL A 155 ? CYS A 167 ? VAL A 172 CYS A 184 1 ? 13 
# 
_struct_conf_type.id          HELX_P 
_struct_conf_type.criteria    ? 
_struct_conf_type.reference   ? 
# 
loop_
_struct_conn.id 
_struct_conn.conn_type_id 
_struct_conn.pdbx_leaving_atom_flag 
_struct_conn.pdbx_PDB_id 
_struct_conn.ptnr1_label_asym_id 
_struct_conn.ptnr1_label_comp_id 
_struct_conn.ptnr1_label_seq_id 
_struct_conn.ptnr1_label_atom_id 
_struct_conn.pdbx_ptnr1_label_alt_id 
_struct_conn.pdbx_ptnr1_PDB_ins_code 
_struct_conn.pdbx_ptnr1_standard_comp_id 
_struct_conn.ptnr1_symmetry 
_struct_conn.ptnr2_label_asym_id 
_struct_conn.ptnr2_label_comp_id 
_struct_conn.ptnr2_label_seq_id 
_struct_conn.ptnr2_label_atom_id 
_struct_conn.pdbx_ptnr2_label_alt_id 
_struct_conn.pdbx_ptnr2_PDB_ins_code 
_struct_conn.ptnr1_auth_asym_id 
_struct_conn.ptnr1_auth_comp_id 
_struct_conn.ptnr1_auth_seq_id 
_struct_conn.ptnr2_auth_asym_id 
_struct_conn.ptnr2_auth_comp_id 
_struct_conn.ptnr2_auth_seq_id 
_struct_conn.ptnr2_symmetry 
_struct_conn.pdbx_ptnr3_label_atom_id 
_struct_conn.pdbx_ptnr3_label_seq_id 
_struct_conn.pdbx_ptnr3_label_comp_id 
_struct_conn.pdbx_ptnr3_label_asym_id 
_struct_conn.pdbx_ptnr3_label_alt_id 
_struct_conn.pdbx_ptnr3_PDB_ins_code 
_struct_conn.details 
_struct_conn.pdbx_dist_value 
_struct_conn.pdbx_value_order 
_struct_conn.pdbx_role 
metalc1 metalc ? ? A THR 19 OG1 ? ? ? 1_555 B MG  . MG ? ? A THR 36  A MG  201 1_555 ? ? ? ? ? ? ? 2.246 ? ? 
metalc2 metalc ? ? A THR 37 OG1 ? ? ? 1_555 B MG  . MG ? ? A THR 54  A MG  201 1_555 ? ? ? ? ? ? ? 2.272 ? ? 
metalc3 metalc ? ? C GNP .  O2G ? ? ? 1_555 B MG  . MG ? ? A GNP 200 A MG  201 1_555 ? ? ? ? ? ? ? 2.246 ? ? 
metalc4 metalc ? ? C GNP .  O2B ? ? ? 1_555 B MG  . MG ? ? A GNP 200 A MG  201 1_555 ? ? ? ? ? ? ? 2.258 ? ? 
metalc5 metalc ? ? B MG  .  MG  ? ? ? 1_555 D HOH . O  ? ? A MG  201 A HOH 301 1_555 ? ? ? ? ? ? ? 2.332 ? ? 
metalc6 metalc ? ? B MG  .  MG  ? ? ? 1_555 D HOH . O  ? ? A MG  201 A HOH 318 1_555 ? ? ? ? ? ? ? 2.403 ? ? 
# 
_struct_conn_type.id          metalc 
_struct_conn_type.criteria    ? 
_struct_conn_type.reference   ? 
# 
_struct_sheet.id               A 
_struct_sheet.type             ? 
_struct_sheet.number_strands   6 
_struct_sheet.details          ? 
# 
loop_
_struct_sheet_order.sheet_id 
_struct_sheet_order.range_id_1 
_struct_sheet_order.range_id_2 
_struct_sheet_order.offset 
_struct_sheet_order.sense 
A 1 2 ? parallel      
A 2 3 ? parallel      
A 3 4 ? parallel      
A 4 5 ? parallel      
A 5 6 ? anti-parallel 
# 
loop_
_struct_sheet_range.sheet_id 
_struct_sheet_range.id 
_struct_sheet_range.beg_label_comp_id 
_struct_sheet_range.beg_label_asym_id 
_struct_sheet_range.beg_label_seq_id 
_struct_sheet_range.pdbx_beg_PDB_ins_code 
_struct_sheet_range.end_label_comp_id 
_struct_sheet_range.end_label_asym_id 
_struct_sheet_range.end_label_seq_id 
_struct_sheet_range.pdbx_end_PDB_ins_code 
_struct_sheet_range.beg_auth_comp_id 
_struct_sheet_range.beg_auth_asym_id 
_struct_sheet_range.beg_auth_seq_id 
_struct_sheet_range.end_auth_comp_id 
_struct_sheet_range.end_auth_asym_id 
_struct_sheet_range.end_auth_seq_id 
A 1 GLU A 143 ? GLU A 146 ? GLU A 160 GLU A 163 
A 2 GLN A 112 ? ASN A 118 ? GLN A 129 ASN A 135 
A 3 GLY A 80  ? ASP A 86  ? GLY A 97  ASP A 103 
A 4 TYR A 4   ? GLY A 12  ? TYR A 21  GLY A 29  
A 5 LYS A 52  ? THR A 61  ? LYS A 69  THR A 78  
A 6 ILE A 40  ? ARG A 49  ? ILE A 57  ARG A 66  
# 
loop_
_pdbx_struct_sheet_hbond.sheet_id 
_pdbx_struct_sheet_hbond.range_id_1 
_pdbx_struct_sheet_hbond.range_id_2 
_pdbx_struct_sheet_hbond.range_1_label_atom_id 
_pdbx_struct_sheet_hbond.range_1_label_comp_id 
_pdbx_struct_sheet_hbond.range_1_label_asym_id 
_pdbx_struct_sheet_hbond.range_1_label_seq_id 
_pdbx_struct_sheet_hbond.range_1_PDB_ins_code 
_pdbx_struct_sheet_hbond.range_1_auth_atom_id 
_pdbx_struct_sheet_hbond.range_1_auth_comp_id 
_pdbx_struct_sheet_hbond.range_1_auth_asym_id 
_pdbx_struct_sheet_hbond.range_1_auth_seq_id 
_pdbx_struct_sheet_hbond.range_2_label_atom_id 
_pdbx_struct_sheet_hbond.range_2_label_comp_id 
_pdbx_struct_sheet_hbond.range_2_label_asym_id 
_pdbx_struct_sheet_hbond.range_2_label_seq_id 
_pdbx_struct_sheet_hbond.range_2_PDB_ins_code 
_pdbx_struct_sheet_hbond.range_2_auth_atom_id 
_pdbx_struct_sheet_hbond.range_2_auth_comp_id 
_pdbx_struct_sheet_hbond.range_2_auth_asym_id 
_pdbx_struct_sheet_hbond.range_2_auth_seq_id 
A 1 2 O GLU A 143 ? O GLU A 160 N LEU A 115 ? N LEU A 132 
A 2 3 O GLN A 112 ? O GLN A 129 N PHE A 81  ? N PHE A 98  
A 3 4 O GLY A 80  ? O GLY A 97  N LEU A 9   ? N LEU A 26  
A 4 5 O TYR A 4   ? O TYR A 21  N LYS A 55  ? N LYS A 72  
A 5 6 O LYS A 52  ? O LYS A 69  N ARG A 49  ? N ARG A 66  
# 
loop_
_struct_site.id 
_struct_site.pdbx_evidence_code 
_struct_site.pdbx_auth_asym_id 
_struct_site.pdbx_auth_comp_id 
_struct_site.pdbx_auth_seq_id 
_struct_site.pdbx_auth_ins_code 
_struct_site.pdbx_num_residues 
_struct_site.details 
AC1 Software A MG  201 ? 5  'BINDING SITE FOR RESIDUE MG A 201'  
AC2 Software A GNP 200 ? 26 'BINDING SITE FOR RESIDUE GNP A 200' 
# 
loop_
_struct_site_gen.id 
_struct_site_gen.site_id 
_struct_site_gen.pdbx_num_res 
_struct_site_gen.label_comp_id 
_struct_site_gen.label_asym_id 
_struct_site_gen.label_seq_id 
_struct_site_gen.pdbx_auth_ins_code 
_struct_site_gen.auth_comp_id 
_struct_site_gen.auth_asym_id 
_struct_site_gen.auth_seq_id 
_struct_site_gen.label_atom_id 
_struct_site_gen.label_alt_id 
_struct_site_gen.symmetry 
_struct_site_gen.details 
1  AC1 5  THR A 19  ? THR A 36  . ? 1_555 ? 
2  AC1 5  THR A 37  ? THR A 54  . ? 1_555 ? 
3  AC1 5  GNP C .   ? GNP A 200 . ? 1_555 ? 
4  AC1 5  HOH D .   ? HOH A 301 . ? 1_555 ? 
5  AC1 5  HOH D .   ? HOH A 318 . ? 1_555 ? 
6  AC2 26 SER A 14  ? SER A 31  . ? 1_555 ? 
7  AC2 26 SER A 15  ? SER A 32  . ? 1_555 ? 
8  AC2 26 VAL A 16  ? VAL A 33  . ? 1_555 ? 
9  AC2 26 GLY A 17  ? GLY A 34  . ? 1_555 ? 
10 AC2 26 LYS A 18  ? LYS A 35  . ? 1_555 ? 
11 AC2 26 THR A 19  ? THR A 36  . ? 1_555 ? 
12 AC2 26 SER A 20  ? SER A 37  . ? 1_555 ? 
13 AC2 26 PHE A 30  ? PHE A 47  . ? 1_555 ? 
14 AC2 26 THR A 31  ? THR A 48  . ? 1_555 ? 
15 AC2 26 PRO A 32  ? PRO A 49  . ? 1_555 ? 
16 AC2 26 ALA A 33  ? ALA A 50  . ? 1_555 ? 
17 AC2 26 PHE A 34  ? PHE A 51  . ? 1_555 ? 
18 AC2 26 SER A 36  ? SER A 53  . ? 1_555 ? 
19 AC2 26 THR A 37  ? THR A 54  . ? 1_555 ? 
20 AC2 26 GLY A 63  ? GLY A 80  . ? 1_555 ? 
21 AC2 26 ASN A 118 ? ASN A 135 . ? 1_555 ? 
22 AC2 26 LYS A 119 ? LYS A 136 . ? 1_555 ? 
23 AC2 26 ASP A 121 ? ASP A 138 . ? 1_555 ? 
24 AC2 26 MET A 122 ? MET A 139 . ? 1_555 ? 
25 AC2 26 SER A 148 ? SER A 165 . ? 1_555 ? 
26 AC2 26 ALA A 149 ? ALA A 166 . ? 1_555 ? 
27 AC2 26 LYS A 150 ? LYS A 167 . ? 1_555 ? 
28 AC2 26 MG  B .   ? MG  A 201 . ? 1_555 ? 
29 AC2 26 HOH D .   ? HOH A 302 . ? 1_555 ? 
30 AC2 26 HOH D .   ? HOH A 318 . ? 1_555 ? 
31 AC2 26 HOH D .   ? HOH A 566 . ? 1_555 ? 
# 
_atom_sites.entry_id                    3RAB 
_atom_sites.fract_transf_matrix[1][1]   -0.00891829 
_atom_sites.fract_transf_matrix[1][2]   -0.00677817 
_atom_sites.fract_transf_matrix[1][3]   -0.00362799 
_atom_sites.fract_transf_matrix[2][1]   -0.01367127 
_atom_sites.fract_transf_matrix[2][2]   0.02315557 
_atom_sites.fract_transf_matrix[2][3]   -0.00965496 
_atom_sites.fract_transf_matrix[3][1]   0.00357988 
_atom_sites.fract_transf_matrix[3][2]   -0.00489291 
_atom_sites.fract_transf_matrix[3][3]   -0.01680376 
_atom_sites.fract_transf_vector[1]      0.199057 
_atom_sites.fract_transf_vector[2]      0.009848 
_atom_sites.fract_transf_vector[3]      0.209324 
# 
loop_
_atom_type.symbol 
C  
MG 
N  
O  
P  
S  
# 
loop_
_atom_site.group_PDB 
_atom_site.id 
_atom_site.type_symbol 
_atom_site.label_atom_id 
_atom_site.label_alt_id 
_atom_site.label_comp_id 
_atom_site.label_asym_id 
_atom_site.label_entity_id 
_atom_site.label_seq_id 
_atom_site.pdbx_PDB_ins_code 
_atom_site.Cartn_x 
_atom_site.Cartn_y 
_atom_site.Cartn_z 
_atom_site.occupancy 
_atom_site.B_iso_or_equiv 
_atom_site.pdbx_formal_charge 
_atom_site.auth_seq_id 
_atom_site.auth_comp_id 
_atom_site.auth_asym_id 
_atom_site.auth_atom_id 
_atom_site.pdbx_PDB_model_num 
ATOM   1    N  N     . ASN A 1 1   ? -21.741 -10.844 7.957   1.00 23.26 ? 18  ASN A N     1 
ATOM   2    C  CA    . ASN A 1 1   ? -21.232 -9.483  8.293   1.00 23.13 ? 18  ASN A CA    1 
ATOM   3    C  C     . ASN A 1 1   ? -20.666 -8.760  7.069   1.00 22.85 ? 18  ASN A C     1 
ATOM   4    O  O     . ASN A 1 1   ? -20.220 -7.613  7.160   1.00 22.62 ? 18  ASN A O     1 
ATOM   5    C  CB    . ASN A 1 1   ? -20.186 -9.572  9.394   1.00 25.12 ? 18  ASN A CB    1 
ATOM   6    N  N     . PHE A 1 2   ? -20.694 -9.430  5.922   1.00 21.72 ? 19  PHE A N     1 
ATOM   7    C  CA    . PHE A 1 2   ? -20.207 -8.837  4.680   1.00 20.09 ? 19  PHE A CA    1 
ATOM   8    C  C     . PHE A 1 2   ? -20.717 -9.578  3.460   1.00 20.40 ? 19  PHE A C     1 
ATOM   9    O  O     . PHE A 1 2   ? -21.172 -10.720 3.553   1.00 21.09 ? 19  PHE A O     1 
ATOM   10   C  CB    . PHE A 1 2   ? -18.670 -8.777  4.654   1.00 15.99 ? 19  PHE A CB    1 
ATOM   11   C  CG    . PHE A 1 2   ? -17.994 -10.111 4.842   1.00 14.70 ? 19  PHE A CG    1 
ATOM   12   C  CD1   . PHE A 1 2   ? -17.803 -10.973 3.767   1.00 14.87 ? 19  PHE A CD1   1 
ATOM   13   C  CD2   . PHE A 1 2   ? -17.499 -10.479 6.086   1.00 13.16 ? 19  PHE A CD2   1 
ATOM   14   C  CE1   . PHE A 1 2   ? -17.125 -12.181 3.929   1.00 14.06 ? 19  PHE A CE1   1 
ATOM   15   C  CE2   . PHE A 1 2   ? -16.823 -11.679 6.259   1.00 14.90 ? 19  PHE A CE2   1 
ATOM   16   C  CZ    . PHE A 1 2   ? -16.634 -12.530 5.178   1.00 15.62 ? 19  PHE A CZ    1 
ATOM   17   N  N     . ASP A 1 3   ? -20.688 -8.889  2.325   1.00 18.87 ? 20  ASP A N     1 
ATOM   18   C  CA    . ASP A 1 3   ? -21.115 -9.454  1.056   1.00 20.04 ? 20  ASP A CA    1 
ATOM   19   C  C     . ASP A 1 3   ? -19.890 -9.946  0.283   1.00 17.96 ? 20  ASP A C     1 
ATOM   20   O  O     . ASP A 1 3   ? -19.975 -10.908 -0.479  1.00 20.09 ? 20  ASP A O     1 
ATOM   21   C  CB    . ASP A 1 3   ? -21.901 -8.409  0.253   1.00 19.35 ? 20  ASP A CB    1 
ATOM   22   C  CG    . ASP A 1 3   ? -23.229 -8.050  0.907   1.00 21.56 ? 20  ASP A CG    1 
ATOM   23   O  OD1   . ASP A 1 3   ? -24.083 -8.948  1.052   1.00 24.36 ? 20  ASP A OD1   1 
ATOM   24   O  OD2   . ASP A 1 3   ? -23.425 -6.874  1.285   1.00 21.92 ? 20  ASP A OD2   1 
ATOM   25   N  N     . TYR A 1 4   ? -18.752 -9.287  0.503   1.00 17.34 ? 21  TYR A N     1 
ATOM   26   C  CA    . TYR A 1 4   ? -17.472 -9.636  -0.125  1.00 15.46 ? 21  TYR A CA    1 
ATOM   27   C  C     . TYR A 1 4   ? -16.364 -9.279  0.849   1.00 12.27 ? 21  TYR A C     1 
ATOM   28   O  O     . TYR A 1 4   ? -16.516 -8.368  1.657   1.00 8.99  ? 21  TYR A O     1 
ATOM   29   C  CB    . TYR A 1 4   ? -17.227 -8.833  -1.409  1.00 18.50 ? 21  TYR A CB    1 
ATOM   30   C  CG    . TYR A 1 4   ? -18.304 -8.942  -2.459  1.00 26.33 ? 21  TYR A CG    1 
ATOM   31   C  CD1   . TYR A 1 4   ? -18.383 -10.061 -3.297  1.00 28.95 ? 21  TYR A CD1   1 
ATOM   32   C  CD2   . TYR A 1 4   ? -19.248 -7.928  -2.614  1.00 27.36 ? 21  TYR A CD2   1 
ATOM   33   C  CE1   . TYR A 1 4   ? -19.386 -10.158 -4.267  1.00 33.17 ? 21  TYR A CE1   1 
ATOM   34   C  CE2   . TYR A 1 4   ? -20.249 -8.014  -3.579  1.00 32.24 ? 21  TYR A CE2   1 
ATOM   35   C  CZ    . TYR A 1 4   ? -20.317 -9.132  -4.397  1.00 34.24 ? 21  TYR A CZ    1 
ATOM   36   O  OH    . TYR A 1 4   ? -21.314 -9.225  -5.338  1.00 38.30 ? 21  TYR A OH    1 
ATOM   37   N  N     . MET A 1 5   ? -15.265 -10.020 0.789   1.00 12.26 ? 22  MET A N     1 
ATOM   38   C  CA    . MET A 1 5   ? -14.113 -9.742  1.634   1.00 11.50 ? 22  MET A CA    1 
ATOM   39   C  C     . MET A 1 5   ? -12.903 -9.707  0.727   1.00 11.44 ? 22  MET A C     1 
ATOM   40   O  O     . MET A 1 5   ? -12.648 -10.661 -0.007  1.00 7.80  ? 22  MET A O     1 
ATOM   41   C  CB    . MET A 1 5   ? -13.903 -10.810 2.712   1.00 15.60 ? 22  MET A CB    1 
ATOM   42   C  CG    . MET A 1 5   ? -12.736 -10.453 3.635   1.00 21.06 ? 22  MET A CG    1 
ATOM   43   S  SD    . MET A 1 5   ? -12.334 -11.701 4.866   1.00 28.50 ? 22  MET A SD    1 
ATOM   44   C  CE    . MET A 1 5   ? -10.914 -12.489 4.070   1.00 29.49 ? 22  MET A CE    1 
ATOM   45   N  N     . PHE A 1 6   ? -12.213 -8.572  0.715   1.00 9.86  ? 23  PHE A N     1 
ATOM   46   C  CA    . PHE A 1 6   ? -11.020 -8.414  -0.106  1.00 10.84 ? 23  PHE A CA    1 
ATOM   47   C  C     . PHE A 1 6   ? -9.778  -8.402  0.782   1.00 11.14 ? 23  PHE A C     1 
ATOM   48   O  O     . PHE A 1 6   ? -9.735  -7.690  1.787   1.00 11.85 ? 23  PHE A O     1 
ATOM   49   C  CB    . PHE A 1 6   ? -11.080 -7.107  -0.908  1.00 9.45  ? 23  PHE A CB    1 
ATOM   50   C  CG    . PHE A 1 6   ? -12.206 -7.041  -1.907  1.00 10.33 ? 23  PHE A CG    1 
ATOM   51   C  CD1   . PHE A 1 6   ? -12.900 -8.188  -2.291  1.00 12.60 ? 23  PHE A CD1   1 
ATOM   52   C  CD2   . PHE A 1 6   ? -12.561 -5.825  -2.475  1.00 7.99  ? 23  PHE A CD2   1 
ATOM   53   C  CE1   . PHE A 1 6   ? -13.928 -8.122  -3.224  1.00 14.39 ? 23  PHE A CE1   1 
ATOM   54   C  CE2   . PHE A 1 6   ? -13.587 -5.745  -3.409  1.00 12.26 ? 23  PHE A CE2   1 
ATOM   55   C  CZ    . PHE A 1 6   ? -14.271 -6.896  -3.785  1.00 14.39 ? 23  PHE A CZ    1 
ATOM   56   N  N     . LYS A 1 7   ? -8.805  -9.247  0.456   1.00 10.20 ? 24  LYS A N     1 
ATOM   57   C  CA    . LYS A 1 7   ? -7.560  -9.291  1.213   1.00 10.91 ? 24  LYS A CA    1 
ATOM   58   C  C     . LYS A 1 7   ? -6.581  -8.330  0.537   1.00 10.99 ? 24  LYS A C     1 
ATOM   59   O  O     . LYS A 1 7   ? -6.282  -8.468  -0.646  1.00 12.16 ? 24  LYS A O     1 
ATOM   60   C  CB    . LYS A 1 7   ? -6.984  -10.710 1.242   1.00 12.21 ? 24  LYS A CB    1 
ATOM   61   C  CG    . LYS A 1 7   ? -5.664  -10.819 1.989   1.00 14.26 ? 24  LYS A CG    1 
ATOM   62   C  CD    . LYS A 1 7   ? -5.134  -12.236 1.949   1.00 16.62 ? 24  LYS A CD    1 
ATOM   63   C  CE    . LYS A 1 7   ? -3.715  -12.313 2.472   1.00 17.56 ? 24  LYS A CE    1 
ATOM   64   N  NZ    . LYS A 1 7   ? -3.207  -13.715 2.450   1.00 17.77 ? 24  LYS A NZ    1 
ATOM   65   N  N     . ILE A 1 8   ? -6.114  -7.342  1.291   1.00 10.00 ? 25  ILE A N     1 
ATOM   66   C  CA    . ILE A 1 8   ? -5.199  -6.331  0.771   1.00 7.70  ? 25  ILE A CA    1 
ATOM   67   C  C     . ILE A 1 8   ? -3.910  -6.311  1.575   1.00 6.00  ? 25  ILE A C     1 
ATOM   68   O  O     . ILE A 1 8   ? -3.944  -6.493  2.789   1.00 6.03  ? 25  ILE A O     1 
ATOM   69   C  CB    . ILE A 1 8   ? -5.858  -4.915  0.835   1.00 7.64  ? 25  ILE A CB    1 
ATOM   70   C  CG1   . ILE A 1 8   ? -7.089  -4.867  -0.075  1.00 9.38  ? 25  ILE A CG1   1 
ATOM   71   C  CG2   . ILE A 1 8   ? -4.872  -3.824  0.426   1.00 5.35  ? 25  ILE A CG2   1 
ATOM   72   C  CD1   . ILE A 1 8   ? -7.925  -3.600  0.066   1.00 10.87 ? 25  ILE A CD1   1 
ATOM   73   N  N     . LEU A 1 9   ? -2.779  -6.184  0.881   1.00 5.53  ? 26  LEU A N     1 
ATOM   74   C  CA    . LEU A 1 9   ? -1.466  -6.104  1.525   1.00 7.22  ? 26  LEU A CA    1 
ATOM   75   C  C     . LEU A 1 9   ? -0.769  -4.786  1.190   1.00 5.79  ? 26  LEU A C     1 
ATOM   76   O  O     . LEU A 1 9   ? -0.827  -4.303  0.058   1.00 6.52  ? 26  LEU A O     1 
ATOM   77   C  CB    . LEU A 1 9   ? -0.551  -7.269  1.113   1.00 8.35  ? 26  LEU A CB    1 
ATOM   78   C  CG    . LEU A 1 9   ? -0.513  -8.562  1.945   1.00 7.71  ? 26  LEU A CG    1 
ATOM   79   C  CD1   . LEU A 1 9   ? -1.796  -9.353  1.775   1.00 6.83  ? 26  LEU A CD1   1 
ATOM   80   C  CD2   . LEU A 1 9   ? 0.682   -9.402  1.516   1.00 8.21  ? 26  LEU A CD2   1 
ATOM   81   N  N     . ILE A 1 10  ? -0.144  -4.191  2.198   1.00 6.21  ? 27  ILE A N     1 
ATOM   82   C  CA    . ILE A 1 10  ? 0.594   -2.951  2.017   1.00 4.63  ? 27  ILE A CA    1 
ATOM   83   C  C     . ILE A 1 10  ? 2.065   -3.347  2.153   1.00 5.62  ? 27  ILE A C     1 
ATOM   84   O  O     . ILE A 1 10  ? 2.477   -3.855  3.201   1.00 7.54  ? 27  ILE A O     1 
ATOM   85   C  CB    . ILE A 1 10  ? 0.222   -1.901  3.102   1.00 6.40  ? 27  ILE A CB    1 
ATOM   86   C  CG1   . ILE A 1 10  ? -1.294  -1.693  3.147   1.00 7.00  ? 27  ILE A CG1   1 
ATOM   87   C  CG2   . ILE A 1 10  ? 0.887   -0.566  2.796   1.00 5.18  ? 27  ILE A CG2   1 
ATOM   88   C  CD1   . ILE A 1 10  ? -1.749  -0.646  4.173   1.00 8.91  ? 27  ILE A CD1   1 
ATOM   89   N  N     . ILE A 1 11  ? 2.844   -3.152  1.090   1.00 4.16  ? 28  ILE A N     1 
ATOM   90   C  CA    . ILE A 1 11  ? 4.263   -3.511  1.103   1.00 3.76  ? 28  ILE A CA    1 
ATOM   91   C  C     . ILE A 1 11  ? 5.194   -2.362  0.709   1.00 4.87  ? 28  ILE A C     1 
ATOM   92   O  O     . ILE A 1 11  ? 4.766   -1.369  0.125   1.00 5.48  ? 28  ILE A O     1 
ATOM   93   C  CB    . ILE A 1 11  ? 4.554   -4.734  0.184   1.00 6.62  ? 28  ILE A CB    1 
ATOM   94   C  CG1   . ILE A 1 11  ? 4.367   -4.357  -1.291  1.00 6.10  ? 28  ILE A CG1   1 
ATOM   95   C  CG2   . ILE A 1 11  ? 3.640   -5.896  0.549   1.00 2.75  ? 28  ILE A CG2   1 
ATOM   96   C  CD1   . ILE A 1 11  ? 4.810   -5.454  -2.264  1.00 8.01  ? 28  ILE A CD1   1 
ATOM   97   N  N     . GLY A 1 12  ? 6.479   -2.522  1.002   1.00 2.32  ? 29  GLY A N     1 
ATOM   98   C  CA    . GLY A 1 12  ? 7.437   -1.484  0.677   1.00 3.12  ? 29  GLY A CA    1 
ATOM   99   C  C     . GLY A 1 12  ? 8.482   -1.350  1.768   1.00 3.64  ? 29  GLY A C     1 
ATOM   100  O  O     . GLY A 1 12  ? 8.325   -1.901  2.857   1.00 3.55  ? 29  GLY A O     1 
ATOM   101  N  N     . ASN A 1 13  ? 9.540   -0.598  1.481   1.00 4.02  ? 30  ASN A N     1 
ATOM   102  C  CA    . ASN A 1 13  ? 10.634  -0.387  2.423   1.00 3.80  ? 30  ASN A CA    1 
ATOM   103  C  C     . ASN A 1 13  ? 10.193  0.094   3.804   1.00 3.87  ? 30  ASN A C     1 
ATOM   104  O  O     . ASN A 1 13  ? 9.149   0.730   3.963   1.00 3.64  ? 30  ASN A O     1 
ATOM   105  C  CB    . ASN A 1 13  ? 11.643  0.608   1.845   1.00 6.05  ? 30  ASN A CB    1 
ATOM   106  C  CG    . ASN A 1 13  ? 12.702  -0.060  0.981   1.00 5.54  ? 30  ASN A CG    1 
ATOM   107  O  OD1   . ASN A 1 13  ? 12.523  -1.176  0.504   1.00 7.85  ? 30  ASN A OD1   1 
ATOM   108  N  ND2   . ASN A 1 13  ? 13.818  0.625   0.788   1.00 4.93  ? 30  ASN A ND2   1 
ATOM   109  N  N     . SER A 1 14  ? 11.016  -0.205  4.801   1.00 6.42  ? 31  SER A N     1 
ATOM   110  C  CA    . SER A 1 14  ? 10.749  0.208   6.170   1.00 6.71  ? 31  SER A CA    1 
ATOM   111  C  C     . SER A 1 14  ? 10.763  1.733   6.236   1.00 6.04  ? 31  SER A C     1 
ATOM   112  O  O     . SER A 1 14  ? 11.553  2.372   5.541   1.00 7.90  ? 31  SER A O     1 
ATOM   113  C  CB    . SER A 1 14  ? 11.825  -0.354  7.103   1.00 6.08  ? 31  SER A CB    1 
ATOM   114  O  OG    . SER A 1 14  ? 11.628  0.092   8.435   1.00 5.57  ? 31  SER A OG    1 
ATOM   115  N  N     . SER A 1 15  ? 9.826   2.296   6.998   1.00 5.96  ? 32  SER A N     1 
ATOM   116  C  CA    . SER A 1 15  ? 9.697   3.744   7.220   1.00 7.66  ? 32  SER A CA    1 
ATOM   117  C  C     . SER A 1 15  ? 9.026   4.581   6.138   1.00 5.46  ? 32  SER A C     1 
ATOM   118  O  O     . SER A 1 15  ? 8.997   5.811   6.239   1.00 6.46  ? 32  SER A O     1 
ATOM   119  C  CB    . SER A 1 15  ? 11.053  4.377   7.546   1.00 9.82  ? 32  SER A CB    1 
ATOM   120  O  OG    . SER A 1 15  ? 11.732  4.733   6.354   1.00 14.89 ? 32  SER A OG    1 
ATOM   121  N  N     . VAL A 1 16  ? 8.484   3.943   5.108   1.00 6.26  ? 33  VAL A N     1 
ATOM   122  C  CA    . VAL A 1 16  ? 7.828   4.704   4.046   1.00 5.41  ? 33  VAL A CA    1 
ATOM   123  C  C     . VAL A 1 16  ? 6.449   5.227   4.456   1.00 3.79  ? 33  VAL A C     1 
ATOM   124  O  O     . VAL A 1 16  ? 5.919   6.148   3.835   1.00 2.65  ? 33  VAL A O     1 
ATOM   125  C  CB    . VAL A 1 16  ? 7.753   3.904   2.722   1.00 2.96  ? 33  VAL A CB    1 
ATOM   126  C  CG1   . VAL A 1 16  ? 9.164   3.635   2.205   1.00 2.90  ? 33  VAL A CG1   1 
ATOM   127  C  CG2   . VAL A 1 16  ? 7.005   2.600   2.925   1.00 2.28  ? 33  VAL A CG2   1 
ATOM   128  N  N     . GLY A 1 17  ? 5.907   4.666   5.536   1.00 4.03  ? 34  GLY A N     1 
ATOM   129  C  CA    . GLY A 1 17  ? 4.609   5.081   6.035   1.00 2.86  ? 34  GLY A CA    1 
ATOM   130  C  C     . GLY A 1 17  ? 3.458   4.121   5.792   1.00 4.80  ? 34  GLY A C     1 
ATOM   131  O  O     . GLY A 1 17  ? 2.311   4.558   5.705   1.00 5.90  ? 34  GLY A O     1 
ATOM   132  N  N     . LYS A 1 18  ? 3.740   2.819   5.727   1.00 5.45  ? 35  LYS A N     1 
ATOM   133  C  CA    . LYS A 1 18  ? 2.691   1.819   5.498   1.00 3.63  ? 35  LYS A CA    1 
ATOM   134  C  C     . LYS A 1 18  ? 1.749   1.694   6.692   1.00 5.25  ? 35  LYS A C     1 
ATOM   135  O  O     . LYS A 1 18  ? 0.537   1.546   6.522   1.00 5.13  ? 35  LYS A O     1 
ATOM   136  C  CB    . LYS A 1 18  ? 3.297   0.449   5.176   1.00 2.61  ? 35  LYS A CB    1 
ATOM   137  C  CG    . LYS A 1 18  ? 4.253   0.459   3.995   1.00 2.00  ? 35  LYS A CG    1 
ATOM   138  C  CD    . LYS A 1 18  ? 4.814   -0.927  3.706   1.00 2.83  ? 35  LYS A CD    1 
ATOM   139  C  CE    . LYS A 1 18  ? 5.644   -1.484  4.857   1.00 3.31  ? 35  LYS A CE    1 
ATOM   140  N  NZ    . LYS A 1 18  ? 6.825   -0.636  5.144   1.00 4.17  ? 35  LYS A NZ    1 
ATOM   141  N  N     . THR A 1 19  ? 2.301   1.671   7.901   1.00 3.91  ? 36  THR A N     1 
ATOM   142  C  CA    . THR A 1 19  ? 1.449   1.578   9.084   1.00 6.88  ? 36  THR A CA    1 
ATOM   143  C  C     . THR A 1 19  ? 0.630   2.851   9.256   1.00 7.22  ? 36  THR A C     1 
ATOM   144  O  O     . THR A 1 19  ? -0.548  2.793   9.599   1.00 7.45  ? 36  THR A O     1 
ATOM   145  C  CB    . THR A 1 19  ? 2.242   1.319   10.367  1.00 7.92  ? 36  THR A CB    1 
ATOM   146  O  OG1   . THR A 1 19  ? 2.803   0.009   10.307  1.00 7.05  ? 36  THR A OG1   1 
ATOM   147  C  CG2   . THR A 1 19  ? 1.317   1.386   11.585  1.00 6.86  ? 36  THR A CG2   1 
ATOM   148  N  N     . SER A 1 20  ? 1.265   3.998   9.026   1.00 5.84  ? 37  SER A N     1 
ATOM   149  C  CA    . SER A 1 20  ? 0.584   5.275   9.142   1.00 6.37  ? 37  SER A CA    1 
ATOM   150  C  C     . SER A 1 20  ? -0.546  5.349   8.122   1.00 7.91  ? 37  SER A C     1 
ATOM   151  O  O     . SER A 1 20  ? -1.630  5.863   8.411   1.00 6.92  ? 37  SER A O     1 
ATOM   152  C  CB    . SER A 1 20  ? 1.564   6.423   8.913   1.00 5.34  ? 37  SER A CB    1 
ATOM   153  O  OG    . SER A 1 20  ? 2.612   6.368   9.858   1.00 7.37  ? 37  SER A OG    1 
ATOM   154  N  N     . PHE A 1 21  ? -0.279  4.840   6.920   1.00 9.84  ? 38  PHE A N     1 
ATOM   155  C  CA    . PHE A 1 21  ? -1.269  4.839   5.847   1.00 8.75  ? 38  PHE A CA    1 
ATOM   156  C  C     . PHE A 1 21  ? -2.527  4.089   6.302   1.00 8.04  ? 38  PHE A C     1 
ATOM   157  O  O     . PHE A 1 21  ? -3.641  4.590   6.160   1.00 10.10 ? 38  PHE A O     1 
ATOM   158  C  CB    . PHE A 1 21  ? -0.679  4.188   4.592   1.00 7.50  ? 38  PHE A CB    1 
ATOM   159  C  CG    . PHE A 1 21  ? -1.284  4.686   3.302   1.00 7.76  ? 38  PHE A CG    1 
ATOM   160  C  CD1   . PHE A 1 21  ? -0.951  5.943   2.803   1.00 6.44  ? 38  PHE A CD1   1 
ATOM   161  C  CD2   . PHE A 1 21  ? -2.154  3.884   2.569   1.00 3.95  ? 38  PHE A CD2   1 
ATOM   162  C  CE1   . PHE A 1 21  ? -1.473  6.389   1.588   1.00 6.08  ? 38  PHE A CE1   1 
ATOM   163  C  CE2   . PHE A 1 21  ? -2.677  4.319   1.360   1.00 3.85  ? 38  PHE A CE2   1 
ATOM   164  C  CZ    . PHE A 1 21  ? -2.335  5.574   0.868   1.00 3.50  ? 38  PHE A CZ    1 
ATOM   165  N  N     . LEU A 1 22  ? -2.332  2.918   6.905   1.00 5.86  ? 39  LEU A N     1 
ATOM   166  C  CA    . LEU A 1 22  ? -3.440  2.100   7.399   1.00 7.81  ? 39  LEU A CA    1 
ATOM   167  C  C     . LEU A 1 22  ? -4.136  2.734   8.611   1.00 7.18  ? 39  LEU A C     1 
ATOM   168  O  O     . LEU A 1 22  ? -5.357  2.659   8.749   1.00 8.33  ? 39  LEU A O     1 
ATOM   169  C  CB    . LEU A 1 22  ? -2.935  0.693   7.755   1.00 5.55  ? 39  LEU A CB    1 
ATOM   170  C  CG    . LEU A 1 22  ? -3.913  -0.316  8.370   1.00 7.13  ? 39  LEU A CG    1 
ATOM   171  C  CD1   . LEU A 1 22  ? -5.190  -0.399  7.554   1.00 8.86  ? 39  LEU A CD1   1 
ATOM   172  C  CD2   . LEU A 1 22  ? -3.251  -1.676  8.453   1.00 6.84  ? 39  LEU A CD2   1 
ATOM   173  N  N     . PHE A 1 23  ? -3.339  3.305   9.506   1.00 7.52  ? 40  PHE A N     1 
ATOM   174  C  CA    . PHE A 1 23  ? -3.823  3.960   10.720  1.00 6.26  ? 40  PHE A CA    1 
ATOM   175  C  C     . PHE A 1 23  ? -4.744  5.138   10.354  1.00 4.91  ? 40  PHE A C     1 
ATOM   176  O  O     . PHE A 1 23  ? -5.782  5.355   10.985  1.00 5.83  ? 40  PHE A O     1 
ATOM   177  C  CB    . PHE A 1 23  ? -2.609  4.435   11.526  1.00 8.32  ? 40  PHE A CB    1 
ATOM   178  C  CG    . PHE A 1 23  ? -2.904  4.762   12.960  1.00 12.63 ? 40  PHE A CG    1 
ATOM   179  C  CD1   . PHE A 1 23  ? -3.938  4.125   13.648  1.00 14.66 ? 40  PHE A CD1   1 
ATOM   180  C  CD2   . PHE A 1 23  ? -2.122  5.702   13.634  1.00 13.38 ? 40  PHE A CD2   1 
ATOM   181  C  CE1   . PHE A 1 23  ? -4.186  4.419   14.990  1.00 15.40 ? 40  PHE A CE1   1 
ATOM   182  C  CE2   . PHE A 1 23  ? -2.356  6.006   14.970  1.00 12.24 ? 40  PHE A CE2   1 
ATOM   183  C  CZ    . PHE A 1 23  ? -3.394  5.363   15.652  1.00 16.99 ? 40  PHE A CZ    1 
ATOM   184  N  N     . ARG A 1 24  ? -4.370  5.887   9.323   1.00 2.44  ? 41  ARG A N     1 
ATOM   185  C  CA    . ARG A 1 24  ? -5.184  7.007   8.876   1.00 4.81  ? 41  ARG A CA    1 
ATOM   186  C  C     . ARG A 1 24  ? -6.483  6.494   8.253   1.00 7.56  ? 41  ARG A C     1 
ATOM   187  O  O     . ARG A 1 24  ? -7.569  6.960   8.592   1.00 11.72 ? 41  ARG A O     1 
ATOM   188  C  CB    . ARG A 1 24  ? -4.431  7.864   7.853   1.00 3.78  ? 41  ARG A CB    1 
ATOM   189  C  CG    . ARG A 1 24  ? -5.306  8.906   7.152   1.00 6.47  ? 41  ARG A CG    1 
ATOM   190  C  CD    . ARG A 1 24  ? -5.809  9.974   8.128   1.00 3.11  ? 41  ARG A CD    1 
ATOM   191  N  NE    . ARG A 1 24  ? -4.723  10.851  8.563   1.00 4.24  ? 41  ARG A NE    1 
ATOM   192  C  CZ    . ARG A 1 24  ? -4.796  11.689  9.591   1.00 4.20  ? 41  ARG A CZ    1 
ATOM   193  N  NH1   . ARG A 1 24  ? -5.909  11.776  10.310  1.00 3.11  ? 41  ARG A NH1   1 
ATOM   194  N  NH2   . ARG A 1 24  ? -3.761  12.462  9.879   1.00 3.58  ? 41  ARG A NH2   1 
ATOM   195  N  N     . TYR A 1 25  ? -6.366  5.515   7.360   1.00 9.27  ? 42  TYR A N     1 
ATOM   196  C  CA    . TYR A 1 25  ? -7.525  4.951   6.676   1.00 7.95  ? 42  TYR A CA    1 
ATOM   197  C  C     . TYR A 1 25  ? -8.529  4.288   7.614   1.00 7.03  ? 42  TYR A C     1 
ATOM   198  O  O     . TYR A 1 25  ? -9.731  4.553   7.550   1.00 7.80  ? 42  TYR A O     1 
ATOM   199  C  CB    . TYR A 1 25  ? -7.067  3.942   5.615   1.00 7.33  ? 42  TYR A CB    1 
ATOM   200  C  CG    . TYR A 1 25  ? -8.180  3.418   4.737   1.00 7.28  ? 42  TYR A CG    1 
ATOM   201  C  CD1   . TYR A 1 25  ? -9.019  4.291   4.049   1.00 7.65  ? 42  TYR A CD1   1 
ATOM   202  C  CD2   . TYR A 1 25  ? -8.390  2.052   4.589   1.00 5.63  ? 42  TYR A CD2   1 
ATOM   203  C  CE1   . TYR A 1 25  ? -10.042 3.818   3.231   1.00 11.13 ? 42  TYR A CE1   1 
ATOM   204  C  CE2   . TYR A 1 25  ? -9.410  1.564   3.776   1.00 8.96  ? 42  TYR A CE2   1 
ATOM   205  C  CZ    . TYR A 1 25  ? -10.232 2.453   3.100   1.00 11.30 ? 42  TYR A CZ    1 
ATOM   206  O  OH    . TYR A 1 25  ? -11.237 1.978   2.292   1.00 13.74 ? 42  TYR A OH    1 
ATOM   207  N  N     . ALA A 1 26  ? -8.032  3.417   8.481   1.00 6.62  ? 43  ALA A N     1 
ATOM   208  C  CA    . ALA A 1 26  ? -8.894  2.697   9.410   1.00 8.55  ? 43  ALA A CA    1 
ATOM   209  C  C     . ALA A 1 26  ? -9.324  3.447   10.670  1.00 11.36 ? 43  ALA A C     1 
ATOM   210  O  O     . ALA A 1 26  ? -10.468 3.309   11.105  1.00 14.54 ? 43  ALA A O     1 
ATOM   211  C  CB    . ALA A 1 26  ? -8.248  1.366   9.792   1.00 7.09  ? 43  ALA A CB    1 
ATOM   212  N  N     . ASP A 1 27  ? -8.435  4.252   11.250  1.00 11.21 ? 44  ASP A N     1 
ATOM   213  C  CA    . ASP A 1 27  ? -8.769  4.950   12.490  1.00 12.03 ? 44  ASP A CA    1 
ATOM   214  C  C     . ASP A 1 27  ? -8.711  6.462   12.431  1.00 10.43 ? 44  ASP A C     1 
ATOM   215  O  O     . ASP A 1 27  ? -8.988  7.125   13.423  1.00 10.50 ? 44  ASP A O     1 
ATOM   216  C  CB    . ASP A 1 27  ? -7.850  4.472   13.618  1.00 12.64 ? 44  ASP A CB    1 
ATOM   217  C  CG    . ASP A 1 27  ? -7.883  2.966   13.803  1.00 14.43 ? 44  ASP A CG    1 
ATOM   218  O  OD1   . ASP A 1 27  ? -8.954  2.429   14.144  1.00 15.37 ? 44  ASP A OD1   1 
ATOM   219  O  OD2   . ASP A 1 27  ? -6.837  2.316   13.599  1.00 15.88 ? 44  ASP A OD2   1 
ATOM   220  N  N     . ASP A 1 28  ? -8.439  7.007   11.254  1.00 9.16  ? 45  ASP A N     1 
ATOM   221  C  CA    . ASP A 1 28  ? -8.306  8.448   11.085  1.00 9.20  ? 45  ASP A CA    1 
ATOM   222  C  C     . ASP A 1 28  ? -7.338  9.007   12.113  1.00 9.88  ? 45  ASP A C     1 
ATOM   223  O  O     . ASP A 1 28  ? -7.530  10.102  12.642  1.00 7.02  ? 45  ASP A O     1 
ATOM   224  C  CB    . ASP A 1 28  ? -9.645  9.186   11.177  1.00 8.06  ? 45  ASP A CB    1 
ATOM   225  C  CG    . ASP A 1 28  ? -9.523  10.650  10.774  1.00 7.80  ? 45  ASP A CG    1 
ATOM   226  O  OD1   . ASP A 1 28  ? -8.767  10.959  9.825   1.00 11.18 ? 45  ASP A OD1   1 
ATOM   227  O  OD2   . ASP A 1 28  ? -10.171 11.504  11.401  1.00 8.74  ? 45  ASP A OD2   1 
ATOM   228  N  N     . SER A 1 29  ? -6.271  8.259   12.363  1.00 11.86 ? 46  SER A N     1 
ATOM   229  C  CA    . SER A 1 29  ? -5.267  8.680   13.321  1.00 12.35 ? 46  SER A CA    1 
ATOM   230  C  C     . SER A 1 29  ? -3.891  8.697   12.680  1.00 12.96 ? 46  SER A C     1 
ATOM   231  O  O     . SER A 1 29  ? -3.665  8.057   11.649  1.00 12.60 ? 46  SER A O     1 
ATOM   232  C  CB    . SER A 1 29  ? -5.260  7.743   14.523  1.00 13.97 ? 46  SER A CB    1 
ATOM   233  O  OG    . SER A 1 29  ? -6.553  7.610   15.082  1.00 18.85 ? 46  SER A OG    1 
ATOM   234  N  N     . PHE A 1 30  ? -2.983  9.451   13.293  1.00 11.18 ? 47  PHE A N     1 
ATOM   235  C  CA    . PHE A 1 30  ? -1.611  9.560   12.818  1.00 10.94 ? 47  PHE A CA    1 
ATOM   236  C  C     . PHE A 1 30  ? -0.688  9.837   13.987  1.00 11.69 ? 47  PHE A C     1 
ATOM   237  O  O     . PHE A 1 30  ? -1.041  10.570  14.911  1.00 9.36  ? 47  PHE A O     1 
ATOM   238  C  CB    . PHE A 1 30  ? -1.468  10.670  11.758  1.00 8.77  ? 47  PHE A CB    1 
ATOM   239  C  CG    . PHE A 1 30  ? -0.035  10.966  11.368  1.00 8.75  ? 47  PHE A CG    1 
ATOM   240  C  CD1   . PHE A 1 30  ? 0.616   10.192  10.415  1.00 6.94  ? 47  PHE A CD1   1 
ATOM   241  C  CD2   . PHE A 1 30  ? 0.663   12.005  11.974  1.00 8.87  ? 47  PHE A CD2   1 
ATOM   242  C  CE1   . PHE A 1 30  ? 1.944   10.447  10.075  1.00 7.05  ? 47  PHE A CE1   1 
ATOM   243  C  CE2   . PHE A 1 30  ? 1.988   12.270  11.647  1.00 5.79  ? 47  PHE A CE2   1 
ATOM   244  C  CZ    . PHE A 1 30  ? 2.632   11.488  10.694  1.00 7.75  ? 47  PHE A CZ    1 
ATOM   245  N  N     . THR A 1 31  ? 0.477   9.199   13.957  1.00 12.60 ? 48  THR A N     1 
ATOM   246  C  CA    . THR A 1 31  ? 1.486   9.385   14.987  1.00 12.60 ? 48  THR A CA    1 
ATOM   247  C  C     . THR A 1 31  ? 2.835   9.686   14.344  1.00 12.63 ? 48  THR A C     1 
ATOM   248  O  O     . THR A 1 31  ? 3.228   9.030   13.372  1.00 10.18 ? 48  THR A O     1 
ATOM   249  C  CB    . THR A 1 31  ? 1.645   8.131   15.875  1.00 14.72 ? 48  THR A CB    1 
ATOM   250  O  OG1   . THR A 1 31  ? 2.666   8.365   16.849  1.00 17.05 ? 48  THR A OG1   1 
ATOM   251  C  CG2   . THR A 1 31  ? 2.042   6.922   15.042  1.00 14.23 ? 48  THR A CG2   1 
ATOM   252  N  N     . PRO A 1 32  ? 3.501   10.762  14.800  1.00 10.06 ? 49  PRO A N     1 
ATOM   253  C  CA    . PRO A 1 32  ? 4.811   11.166  14.285  1.00 7.49  ? 49  PRO A CA    1 
ATOM   254  C  C     . PRO A 1 32  ? 5.880   10.150  14.693  1.00 7.15  ? 49  PRO A C     1 
ATOM   255  O  O     . PRO A 1 32  ? 6.904   10.033  14.032  1.00 7.65  ? 49  PRO A O     1 
ATOM   256  C  CB    . PRO A 1 32  ? 5.046   12.508  14.979  1.00 8.09  ? 49  PRO A CB    1 
ATOM   257  C  CG    . PRO A 1 32  ? 3.668   13.026  15.198  1.00 6.62  ? 49  PRO A CG    1 
ATOM   258  C  CD    . PRO A 1 32  ? 2.955   11.804  15.688  1.00 9.95  ? 49  PRO A CD    1 
ATOM   259  N  N     . ALA A 1 33  ? 5.568   9.323   15.692  1.00 8.27  ? 50  ALA A N     1 
ATOM   260  C  CA    . ALA A 1 33  ? 6.506   8.316   16.189  1.00 8.81  ? 50  ALA A CA    1 
ATOM   261  C  C     . ALA A 1 33  ? 6.732   7.201   15.188  1.00 10.82 ? 50  ALA A C     1 
ATOM   262  O  O     . ALA A 1 33  ? 5.831   6.844   14.429  1.00 11.84 ? 50  ALA A O     1 
ATOM   263  C  CB    . ALA A 1 33  ? 6.008   7.733   17.490  1.00 8.61  ? 50  ALA A CB    1 
ATOM   264  N  N     . PHE A 1 34  ? 7.935   6.637   15.201  1.00 11.92 ? 51  PHE A N     1 
ATOM   265  C  CA    . PHE A 1 34  ? 8.279   5.543   14.308  1.00 11.65 ? 51  PHE A CA    1 
ATOM   266  C  C     . PHE A 1 34  ? 8.362   4.266   15.128  1.00 11.65 ? 51  PHE A C     1 
ATOM   267  O  O     . PHE A 1 34  ? 9.317   4.054   15.871  1.00 14.79 ? 51  PHE A O     1 
ATOM   268  C  CB    . PHE A 1 34  ? 9.619   5.816   13.607  1.00 15.14 ? 51  PHE A CB    1 
ATOM   269  C  CG    . PHE A 1 34  ? 10.008  4.767   12.595  1.00 17.10 ? 51  PHE A CG    1 
ATOM   270  C  CD1   . PHE A 1 34  ? 9.128   3.734   12.257  1.00 18.12 ? 51  PHE A CD1   1 
ATOM   271  C  CD2   . PHE A 1 34  ? 11.256  4.803   11.988  1.00 18.44 ? 51  PHE A CD2   1 
ATOM   272  C  CE1   . PHE A 1 34  ? 9.491   2.755   11.335  1.00 13.37 ? 51  PHE A CE1   1 
ATOM   273  C  CE2   . PHE A 1 34  ? 11.628  3.829   11.064  1.00 17.79 ? 51  PHE A CE2   1 
ATOM   274  C  CZ    . PHE A 1 34  ? 10.743  2.803   10.739  1.00 18.46 ? 51  PHE A CZ    1 
ATOM   275  N  N     . VAL A 1 35  ? 7.300   3.476   15.078  1.00 10.99 ? 52  VAL A N     1 
ATOM   276  C  CA    . VAL A 1 35  ? 7.255   2.216   15.799  1.00 8.73  ? 52  VAL A CA    1 
ATOM   277  C  C     . VAL A 1 35  ? 7.224   1.130   14.728  1.00 7.99  ? 52  VAL A C     1 
ATOM   278  O  O     . VAL A 1 35  ? 6.164   0.789   14.204  1.00 6.20  ? 52  VAL A O     1 
ATOM   279  C  CB    . VAL A 1 35  ? 6.002   2.119   16.698  1.00 6.74  ? 52  VAL A CB    1 
ATOM   280  C  CG1   . VAL A 1 35  ? 6.136   0.963   17.655  1.00 8.76  ? 52  VAL A CG1   1 
ATOM   281  C  CG2   . VAL A 1 35  ? 5.807   3.400   17.475  1.00 10.18 ? 52  VAL A CG2   1 
ATOM   282  N  N     . SER A 1 36  ? 8.408   0.639   14.375  1.00 8.32  ? 53  SER A N     1 
ATOM   283  C  CA    . SER A 1 36  ? 8.573   -0.384  13.349  1.00 9.97  ? 53  SER A CA    1 
ATOM   284  C  C     . SER A 1 36  ? 7.712   -1.639  13.570  1.00 10.87 ? 53  SER A C     1 
ATOM   285  O  O     . SER A 1 36  ? 7.579   -2.133  14.697  1.00 10.85 ? 53  SER A O     1 
ATOM   286  C  CB    . SER A 1 36  ? 10.059  -0.750  13.230  1.00 8.93  ? 53  SER A CB    1 
ATOM   287  O  OG    . SER A 1 36  ? 10.322  -1.521  12.073  1.00 14.94 ? 53  SER A OG    1 
ATOM   288  N  N     . THR A 1 37  ? 7.094   -2.113  12.490  1.00 7.64  ? 54  THR A N     1 
ATOM   289  C  CA    . THR A 1 37  ? 6.243   -3.301  12.533  1.00 8.33  ? 54  THR A CA    1 
ATOM   290  C  C     . THR A 1 37  ? 7.071   -4.586  12.615  1.00 8.45  ? 54  THR A C     1 
ATOM   291  O  O     . THR A 1 37  ? 8.040   -4.772  11.876  1.00 8.57  ? 54  THR A O     1 
ATOM   292  C  CB    . THR A 1 37  ? 5.300   -3.371  11.301  1.00 6.72  ? 54  THR A CB    1 
ATOM   293  O  OG1   . THR A 1 37  ? 4.485   -2.199  11.276  1.00 7.96  ? 54  THR A OG1   1 
ATOM   294  C  CG2   . THR A 1 37  ? 4.384   -4.587  11.364  1.00 2.53  ? 54  THR A CG2   1 
ATOM   295  N  N     . VAL A 1 38  ? 6.707   -5.435  13.569  1.00 9.09  ? 55  VAL A N     1 
ATOM   296  C  CA    . VAL A 1 38  ? 7.375   -6.708  13.793  1.00 8.72  ? 55  VAL A CA    1 
ATOM   297  C  C     . VAL A 1 38  ? 6.712   -7.789  12.947  1.00 8.04  ? 55  VAL A C     1 
ATOM   298  O  O     . VAL A 1 38  ? 5.658   -8.323  13.305  1.00 6.84  ? 55  VAL A O     1 
ATOM   299  C  CB    . VAL A 1 38  ? 7.293   -7.120  15.286  1.00 11.21 ? 55  VAL A CB    1 
ATOM   300  C  CG1   . VAL A 1 38  ? 8.038   -8.435  15.523  1.00 11.72 ? 55  VAL A CG1   1 
ATOM   301  C  CG2   . VAL A 1 38  ? 7.853   -6.006  16.173  1.00 13.04 ? 55  VAL A CG2   1 
ATOM   302  N  N     . GLY A 1 39  ? 7.294   -8.050  11.781  1.00 9.02  ? 56  GLY A N     1 
ATOM   303  C  CA    . GLY A 1 39  ? 6.762   -9.076  10.902  1.00 7.31  ? 56  GLY A CA    1 
ATOM   304  C  C     . GLY A 1 39  ? 5.561   -8.644  10.092  1.00 7.80  ? 56  GLY A C     1 
ATOM   305  O  O     . GLY A 1 39  ? 5.708   -8.187  8.964   1.00 6.24  ? 56  GLY A O     1 
ATOM   306  N  N     . ILE A 1 40  ? 4.373   -8.778  10.672  1.00 8.45  ? 57  ILE A N     1 
ATOM   307  C  CA    . ILE A 1 40  ? 3.149   -8.404  9.981   1.00 10.04 ? 57  ILE A CA    1 
ATOM   308  C  C     . ILE A 1 40  ? 2.013   -8.133  10.967  1.00 10.50 ? 57  ILE A C     1 
ATOM   309  O  O     . ILE A 1 40  ? 1.988   -8.686  12.060  1.00 12.58 ? 57  ILE A O     1 
ATOM   310  C  CB    . ILE A 1 40  ? 2.737   -9.500  8.957   1.00 9.25  ? 57  ILE A CB    1 
ATOM   311  C  CG1   . ILE A 1 40  ? 1.665   -8.964  8.005   1.00 7.80  ? 57  ILE A CG1   1 
ATOM   312  C  CG2   . ILE A 1 40  ? 2.253   -10.745 9.679   1.00 9.33  ? 57  ILE A CG2   1 
ATOM   313  C  CD1   . ILE A 1 40  ? 1.444   -9.825  6.784   1.00 5.93  ? 57  ILE A CD1   1 
ATOM   314  N  N     . ASP A 1 41  ? 1.119   -7.227  10.589  1.00 10.47 ? 58  ASP A N     1 
ATOM   315  C  CA    . ASP A 1 41  ? -0.026  -6.852  11.407  1.00 10.65 ? 58  ASP A CA    1 
ATOM   316  C  C     . ASP A 1 41  ? -1.198  -6.704  10.447  1.00 10.00 ? 58  ASP A C     1 
ATOM   317  O  O     . ASP A 1 41  ? -1.016  -6.779  9.226   1.00 8.46  ? 58  ASP A O     1 
ATOM   318  C  CB    . ASP A 1 41  ? 0.261   -5.512  12.110  1.00 14.10 ? 58  ASP A CB    1 
ATOM   319  C  CG    . ASP A 1 41  ? -0.726  -5.200  13.232  1.00 16.33 ? 58  ASP A CG    1 
ATOM   320  O  OD1   . ASP A 1 41  ? -1.437  -6.116  13.694  1.00 13.87 ? 58  ASP A OD1   1 
ATOM   321  O  OD2   . ASP A 1 41  ? -0.779  -4.028  13.662  1.00 19.55 ? 58  ASP A OD2   1 
ATOM   322  N  N     . PHE A 1 42  ? -2.393  -6.484  10.986  1.00 9.43  ? 59  PHE A N     1 
ATOM   323  C  CA    . PHE A 1 42  ? -3.570  -6.321  10.147  1.00 7.63  ? 59  PHE A CA    1 
ATOM   324  C  C     . PHE A 1 42  ? -4.669  -5.527  10.808  1.00 9.13  ? 59  PHE A C     1 
ATOM   325  O  O     . PHE A 1 42  ? -4.692  -5.371  12.025  1.00 9.57  ? 59  PHE A O     1 
ATOM   326  C  CB    . PHE A 1 42  ? -4.131  -7.679  9.719   1.00 5.94  ? 59  PHE A CB    1 
ATOM   327  C  CG    . PHE A 1 42  ? -4.913  -8.388  10.791  1.00 8.05  ? 59  PHE A CG    1 
ATOM   328  C  CD1   . PHE A 1 42  ? -6.262  -8.107  10.984  1.00 6.50  ? 59  PHE A CD1   1 
ATOM   329  C  CD2   . PHE A 1 42  ? -4.301  -9.328  11.611  1.00 8.95  ? 59  PHE A CD2   1 
ATOM   330  C  CE1   . PHE A 1 42  ? -6.989  -8.747  11.979  1.00 9.85  ? 59  PHE A CE1   1 
ATOM   331  C  CE2   . PHE A 1 42  ? -5.022  -9.977  12.610  1.00 9.64  ? 59  PHE A CE2   1 
ATOM   332  C  CZ    . PHE A 1 42  ? -6.367  -9.684  12.795  1.00 10.52 ? 59  PHE A CZ    1 
ATOM   333  N  N     . LYS A 1 43  ? -5.541  -4.971  9.975   1.00 9.50  ? 60  LYS A N     1 
ATOM   334  C  CA    . LYS A 1 43  ? -6.697  -4.219  10.434  1.00 9.74  ? 60  LYS A CA    1 
ATOM   335  C  C     . LYS A 1 43  ? -7.848  -4.530  9.498   1.00 10.13 ? 60  LYS A C     1 
ATOM   336  O  O     . LYS A 1 43  ? -7.670  -4.638  8.285   1.00 12.53 ? 60  LYS A O     1 
ATOM   337  C  CB    . LYS A 1 43  ? -6.441  -2.706  10.460  1.00 10.04 ? 60  LYS A CB    1 
ATOM   338  C  CG    . LYS A 1 43  ? -5.595  -2.224  11.635  1.00 11.88 ? 60  LYS A CG    1 
ATOM   339  C  CD    . LYS A 1 43  ? -5.834  -0.749  11.920  1.00 16.69 ? 60  LYS A CD    1 
ATOM   340  C  CE    . LYS A 1 43  ? -4.698  -0.125  12.722  1.00 18.95 ? 60  LYS A CE    1 
ATOM   341  N  NZ    . LYS A 1 43  ? -3.461  0.038   11.894  1.00 27.49 ? 60  LYS A NZ    1 
ATOM   342  N  N     . VAL A 1 44  ? -9.007  -4.784  10.082  1.00 10.28 ? 61  VAL A N     1 
ATOM   343  C  CA    . VAL A 1 44  ? -10.196 -5.080  9.306   1.00 11.31 ? 61  VAL A CA    1 
ATOM   344  C  C     . VAL A 1 44  ? -11.021 -3.806  9.204   1.00 9.29  ? 61  VAL A C     1 
ATOM   345  O  O     . VAL A 1 44  ? -11.138 -3.060  10.171  1.00 10.21 ? 61  VAL A O     1 
ATOM   346  C  CB    . VAL A 1 44  ? -11.039 -6.183  9.974   1.00 12.97 ? 61  VAL A CB    1 
ATOM   347  C  CG1   . VAL A 1 44  ? -12.357 -6.359  9.233   1.00 14.76 ? 61  VAL A CG1   1 
ATOM   348  C  CG2   . VAL A 1 44  ? -10.262 -7.492  9.988   1.00 11.54 ? 61  VAL A CG2   1 
ATOM   349  N  N     . LYS A 1 45  ? -11.481 -3.496  8.001   1.00 7.64  ? 62  LYS A N     1 
ATOM   350  C  CA    . LYS A 1 45  ? -12.302 -2.318  7.793   1.00 9.33  ? 62  LYS A CA    1 
ATOM   351  C  C     . LYS A 1 45  ? -13.416 -2.665  6.823   1.00 10.81 ? 62  LYS A C     1 
ATOM   352  O  O     . LYS A 1 45  ? -13.166 -3.195  5.747   1.00 10.84 ? 62  LYS A O     1 
ATOM   353  C  CB    . LYS A 1 45  ? -11.478 -1.156  7.235   1.00 8.66  ? 62  LYS A CB    1 
ATOM   354  C  CG    . LYS A 1 45  ? -12.279 0.139   7.092   1.00 8.93  ? 62  LYS A CG    1 
ATOM   355  C  CD    . LYS A 1 45  ? -11.490 1.190   6.345   1.00 5.62  ? 62  LYS A CD    1 
ATOM   356  C  CE    . LYS A 1 45  ? -12.309 2.444   6.090   1.00 5.97  ? 62  LYS A CE    1 
ATOM   357  N  NZ    . LYS A 1 45  ? -12.566 3.191   7.342   1.00 5.62  ? 62  LYS A NZ    1 
ATOM   358  N  N     . THR A 1 46  ? -14.651 -2.442  7.252   1.00 11.94 ? 63  THR A N     1 
ATOM   359  C  CA    . THR A 1 46  ? -15.806 -2.708  6.417   1.00 12.09 ? 63  THR A CA    1 
ATOM   360  C  C     . THR A 1 46  ? -16.193 -1.431  5.689   1.00 14.35 ? 63  THR A C     1 
ATOM   361  O  O     . THR A 1 46  ? -16.310 -0.378  6.303   1.00 13.83 ? 63  THR A O     1 
ATOM   362  C  CB    . THR A 1 46  ? -17.010 -3.172  7.252   1.00 13.31 ? 63  THR A CB    1 
ATOM   363  O  OG1   . THR A 1 46  ? -16.664 -4.375  7.951   1.00 15.61 ? 63  THR A OG1   1 
ATOM   364  C  CG2   . THR A 1 46  ? -18.206 -3.453  6.352   1.00 13.61 ? 63  THR A CG2   1 
ATOM   365  N  N     . ILE A 1 47  ? -16.288 -1.506  4.367   1.00 13.90 ? 64  ILE A N     1 
ATOM   366  C  CA    . ILE A 1 47  ? -16.690 -0.346  3.594   1.00 12.47 ? 64  ILE A CA    1 
ATOM   367  C  C     . ILE A 1 47  ? -18.021 -0.678  2.942   1.00 12.12 ? 64  ILE A C     1 
ATOM   368  O  O     . ILE A 1 47  ? -18.421 -1.843  2.871   1.00 10.90 ? 64  ILE A O     1 
ATOM   369  C  CB    . ILE A 1 47  ? -15.635 0.081   2.541   1.00 12.83 ? 64  ILE A CB    1 
ATOM   370  C  CG1   . ILE A 1 47  ? -15.447 -1.006  1.485   1.00 12.25 ? 64  ILE A CG1   1 
ATOM   371  C  CG2   . ILE A 1 47  ? -14.324 0.436   3.239   1.00 11.30 ? 64  ILE A CG2   1 
ATOM   372  C  CD1   . ILE A 1 47  ? -14.720 -0.523  0.255   1.00 16.05 ? 64  ILE A CD1   1 
ATOM   373  N  N     . TYR A 1 48  ? -18.705 0.354   2.467   1.00 10.89 ? 65  TYR A N     1 
ATOM   374  C  CA    . TYR A 1 48  ? -20.013 0.199   1.862   1.00 12.86 ? 65  TYR A CA    1 
ATOM   375  C  C     . TYR A 1 48  ? -19.938 0.802   0.474   1.00 15.25 ? 65  TYR A C     1 
ATOM   376  O  O     . TYR A 1 48  ? -19.737 2.004   0.313   1.00 16.34 ? 65  TYR A O     1 
ATOM   377  C  CB    . TYR A 1 48  ? -21.056 0.894   2.754   1.00 12.60 ? 65  TYR A CB    1 
ATOM   378  C  CG    . TYR A 1 48  ? -20.912 0.482   4.212   1.00 13.55 ? 65  TYR A CG    1 
ATOM   379  C  CD1   . TYR A 1 48  ? -19.901 1.030   5.019   1.00 12.08 ? 65  TYR A CD1   1 
ATOM   380  C  CD2   . TYR A 1 48  ? -21.700 -0.534  4.751   1.00 10.08 ? 65  TYR A CD2   1 
ATOM   381  C  CE1   . TYR A 1 48  ? -19.671 0.562   6.311   1.00 7.21  ? 65  TYR A CE1   1 
ATOM   382  C  CE2   . TYR A 1 48  ? -21.480 -1.001  6.041   1.00 8.14  ? 65  TYR A CE2   1 
ATOM   383  C  CZ    . TYR A 1 48  ? -20.461 -0.454  6.809   1.00 11.04 ? 65  TYR A CZ    1 
ATOM   384  O  OH    . TYR A 1 48  ? -20.209 -0.971  8.055   1.00 8.57  ? 65  TYR A OH    1 
ATOM   385  N  N     . ARG A 1 49  ? -20.024 -0.068  -0.526  1.00 18.13 ? 66  ARG A N     1 
ATOM   386  C  CA    . ARG A 1 49  ? -19.925 0.322   -1.928  1.00 19.13 ? 66  ARG A CA    1 
ATOM   387  C  C     . ARG A 1 49  ? -21.078 -0.280  -2.720  1.00 18.77 ? 66  ARG A C     1 
ATOM   388  O  O     . ARG A 1 49  ? -21.323 -1.482  -2.652  1.00 21.33 ? 66  ARG A O     1 
ATOM   389  C  CB    . ARG A 1 49  ? -18.596 -0.194  -2.472  1.00 20.91 ? 66  ARG A CB    1 
ATOM   390  C  CG    . ARG A 1 49  ? -18.321 0.082   -3.934  1.00 25.60 ? 66  ARG A CG    1 
ATOM   391  C  CD    . ARG A 1 49  ? -17.022 -0.606  -4.322  1.00 24.17 ? 66  ARG A CD    1 
ATOM   392  N  NE    . ARG A 1 49  ? -16.676 -0.456  -5.735  1.00 23.56 ? 66  ARG A NE    1 
ATOM   393  C  CZ    . ARG A 1 49  ? -17.178 -1.188  -6.724  1.00 20.24 ? 66  ARG A CZ    1 
ATOM   394  N  NH1   . ARG A 1 49  ? -18.073 -2.131  -6.472  1.00 22.72 ? 66  ARG A NH1   1 
ATOM   395  N  NH2   . ARG A 1 49  ? -16.734 -1.022  -7.964  1.00 21.93 ? 66  ARG A NH2   1 
ATOM   396  N  N     . ASN A 1 50  ? -21.793 0.562   -3.461  1.00 18.84 ? 67  ASN A N     1 
ATOM   397  C  CA    . ASN A 1 50  ? -22.933 0.112   -4.262  1.00 17.46 ? 67  ASN A CA    1 
ATOM   398  C  C     . ASN A 1 50  ? -23.906 -0.696  -3.408  1.00 16.03 ? 67  ASN A C     1 
ATOM   399  O  O     . ASN A 1 50  ? -24.339 -1.775  -3.801  1.00 12.99 ? 67  ASN A O     1 
ATOM   400  C  CB    . ASN A 1 50  ? -22.455 -0.716  -5.460  1.00 17.17 ? 67  ASN A CB    1 
ATOM   401  N  N     . ASP A 1 51  ? -24.221 -0.169  -2.225  1.00 14.80 ? 68  ASP A N     1 
ATOM   402  C  CA    . ASP A 1 51  ? -25.134 -0.814  -1.284  1.00 14.36 ? 68  ASP A CA    1 
ATOM   403  C  C     . ASP A 1 51  ? -24.657 -2.187  -0.830  1.00 12.27 ? 68  ASP A C     1 
ATOM   404  O  O     . ASP A 1 51  ? -25.458 -3.005  -0.379  1.00 14.91 ? 68  ASP A O     1 
ATOM   405  C  CB    . ASP A 1 51  ? -26.545 -0.931  -1.878  1.00 18.47 ? 68  ASP A CB    1 
ATOM   406  C  CG    . ASP A 1 51  ? -27.188 0.421   -2.168  1.00 20.02 ? 68  ASP A CG    1 
ATOM   407  O  OD1   . ASP A 1 51  ? -26.804 1.437   -1.547  1.00 23.01 ? 68  ASP A OD1   1 
ATOM   408  O  OD2   . ASP A 1 51  ? -28.096 0.459   -3.023  1.00 22.92 ? 68  ASP A OD2   1 
ATOM   409  N  N     . LYS A 1 52  ? -23.361 -2.446  -0.964  1.00 11.68 ? 69  LYS A N     1 
ATOM   410  C  CA    . LYS A 1 52  ? -22.782 -3.725  -0.559  1.00 10.99 ? 69  LYS A CA    1 
ATOM   411  C  C     . LYS A 1 52  ? -21.762 -3.512  0.549   1.00 11.95 ? 69  LYS A C     1 
ATOM   412  O  O     . LYS A 1 52  ? -21.099 -2.480  0.598   1.00 15.49 ? 69  LYS A O     1 
ATOM   413  C  CB    . LYS A 1 52  ? -22.095 -4.408  -1.743  1.00 12.81 ? 69  LYS A CB    1 
ATOM   414  C  CG    . LYS A 1 52  ? -23.018 -4.737  -2.903  1.00 11.15 ? 69  LYS A CG    1 
ATOM   415  C  CD    . LYS A 1 52  ? -24.085 -5.732  -2.479  1.00 18.61 ? 69  LYS A CD    1 
ATOM   416  C  CE    . LYS A 1 52  ? -25.062 -6.022  -3.603  1.00 17.34 ? 69  LYS A CE    1 
ATOM   417  N  NZ    . LYS A 1 52  ? -26.120 -6.976  -3.189  1.00 20.80 ? 69  LYS A NZ    1 
ATOM   418  N  N     . ARG A 1 53  ? -21.662 -4.478  1.455   1.00 11.88 ? 70  ARG A N     1 
ATOM   419  C  CA    . ARG A 1 53  ? -20.713 -4.393  2.557   1.00 11.06 ? 70  ARG A CA    1 
ATOM   420  C  C     . ARG A 1 53  ? -19.520 -5.251  2.215   1.00 11.18 ? 70  ARG A C     1 
ATOM   421  O  O     . ARG A 1 53  ? -19.630 -6.472  2.076   1.00 9.58  ? 70  ARG A O     1 
ATOM   422  C  CB    . ARG A 1 53  ? -21.336 -4.878  3.863   1.00 12.16 ? 70  ARG A CB    1 
ATOM   423  C  CG    . ARG A 1 53  ? -22.487 -4.023  4.349   1.00 16.57 ? 70  ARG A CG    1 
ATOM   424  C  CD    . ARG A 1 53  ? -23.391 -4.825  5.266   1.00 21.85 ? 70  ARG A CD    1 
ATOM   425  N  NE    . ARG A 1 53  ? -23.836 -6.040  4.594   1.00 30.61 ? 70  ARG A NE    1 
ATOM   426  C  CZ    . ARG A 1 53  ? -24.091 -7.190  5.208   1.00 34.19 ? 70  ARG A CZ    1 
ATOM   427  N  NH1   . ARG A 1 53  ? -23.955 -7.286  6.526   1.00 31.70 ? 70  ARG A NH1   1 
ATOM   428  N  NH2   . ARG A 1 53  ? -24.439 -8.256  4.492   1.00 33.77 ? 70  ARG A NH2   1 
ATOM   429  N  N     . ILE A 1 54  ? -18.390 -4.590  2.007   1.00 10.90 ? 71  ILE A N     1 
ATOM   430  C  CA    . ILE A 1 54  ? -17.166 -5.284  1.668   1.00 10.28 ? 71  ILE A CA    1 
ATOM   431  C  C     . ILE A 1 54  ? -16.193 -5.221  2.840   1.00 10.32 ? 71  ILE A C     1 
ATOM   432  O  O     . ILE A 1 54  ? -15.852 -4.136  3.317   1.00 6.80  ? 71  ILE A O     1 
ATOM   433  C  CB    . ILE A 1 54  ? -16.506 -4.662  0.416   1.00 10.41 ? 71  ILE A CB    1 
ATOM   434  C  CG1   . ILE A 1 54  ? -17.483 -4.702  -0.764  1.00 12.59 ? 71  ILE A CG1   1 
ATOM   435  C  CG2   . ILE A 1 54  ? -15.206 -5.387  0.089   1.00 8.79  ? 71  ILE A CG2   1 
ATOM   436  C  CD1   . ILE A 1 54  ? -16.976 -4.004  -2.012  1.00 13.49 ? 71  ILE A CD1   1 
ATOM   437  N  N     . LYS A 1 55  ? -15.844 -6.387  3.375   1.00 7.57  ? 72  LYS A N     1 
ATOM   438  C  CA    . LYS A 1 55  ? -14.891 -6.438  4.467   1.00 8.88  ? 72  LYS A CA    1 
ATOM   439  C  C     . LYS A 1 55  ? -13.480 -6.396  3.888   1.00 8.99  ? 72  LYS A C     1 
ATOM   440  O  O     . LYS A 1 55  ? -13.120 -7.203  3.029   1.00 8.21  ? 72  LYS A O     1 
ATOM   441  C  CB    . LYS A 1 55  ? -15.067 -7.708  5.296   1.00 8.66  ? 72  LYS A CB    1 
ATOM   442  C  CG    . LYS A 1 55  ? -13.938 -7.921  6.304   1.00 9.15  ? 72  LYS A CG    1 
ATOM   443  C  CD    . LYS A 1 55  ? -14.051 -9.252  7.015   1.00 8.25  ? 72  LYS A CD    1 
ATOM   444  C  CE    . LYS A 1 55  ? -12.828 -9.496  7.883   1.00 8.76  ? 72  LYS A CE    1 
ATOM   445  N  NZ    . LYS A 1 55  ? -12.895 -10.803 8.587   1.00 12.91 ? 72  LYS A NZ    1 
ATOM   446  N  N     . LEU A 1 56  ? -12.705 -5.408  4.315   1.00 9.21  ? 73  LEU A N     1 
ATOM   447  C  CA    . LEU A 1 56  ? -11.339 -5.277  3.855   1.00 7.55  ? 73  LEU A CA    1 
ATOM   448  C  C     . LEU A 1 56  ? -10.401 -5.842  4.907   1.00 8.08  ? 73  LEU A C     1 
ATOM   449  O  O     . LEU A 1 56  ? -10.373 -5.362  6.043   1.00 7.21  ? 73  LEU A O     1 
ATOM   450  C  CB    . LEU A 1 56  ? -10.994 -3.808  3.589   1.00 6.51  ? 73  LEU A CB    1 
ATOM   451  C  CG    . LEU A 1 56  ? -11.839 -3.068  2.546   1.00 9.74  ? 73  LEU A CG    1 
ATOM   452  C  CD1   . LEU A 1 56  ? -11.299 -1.647  2.370   1.00 8.58  ? 73  LEU A CD1   1 
ATOM   453  C  CD2   . LEU A 1 56  ? -11.822 -3.814  1.215   1.00 4.40  ? 73  LEU A CD2   1 
ATOM   454  N  N     . GLN A 1 57  ? -9.753  -6.954  4.576   1.00 7.50  ? 74  GLN A N     1 
ATOM   455  C  CA    . GLN A 1 57  ? -8.793  -7.561  5.488   1.00 7.54  ? 74  GLN A CA    1 
ATOM   456  C  C     . GLN A 1 57  ? -7.447  -7.001  5.046   1.00 6.81  ? 74  GLN A C     1 
ATOM   457  O  O     . GLN A 1 57  ? -6.864  -7.455  4.059   1.00 10.20 ? 74  GLN A O     1 
ATOM   458  C  CB    . GLN A 1 57  ? -8.808  -9.083  5.365   1.00 6.33  ? 74  GLN A CB    1 
ATOM   459  C  CG    . GLN A 1 57  ? -7.920  -9.777  6.388   1.00 7.08  ? 74  GLN A CG    1 
ATOM   460  C  CD    . GLN A 1 57  ? -7.816  -11.265 6.142   1.00 7.44  ? 74  GLN A CD    1 
ATOM   461  O  OE1   . GLN A 1 57  ? -7.050  -11.717 5.291   1.00 8.80  ? 74  GLN A OE1   1 
ATOM   462  N  NE2   . GLN A 1 57  ? -8.602  -12.033 6.870   1.00 4.58  ? 74  GLN A NE2   1 
ATOM   463  N  N     . ILE A 1 58  ? -6.997  -5.960  5.739   1.00 6.74  ? 75  ILE A N     1 
ATOM   464  C  CA    . ILE A 1 58  ? -5.750  -5.293  5.390   1.00 6.93  ? 75  ILE A CA    1 
ATOM   465  C  C     . ILE A 1 58  ? -4.552  -5.707  6.228   1.00 5.58  ? 75  ILE A C     1 
ATOM   466  O  O     . ILE A 1 58  ? -4.502  -5.468  7.429   1.00 7.15  ? 75  ILE A O     1 
ATOM   467  C  CB    . ILE A 1 58  ? -5.902  -3.753  5.464   1.00 6.81  ? 75  ILE A CB    1 
ATOM   468  C  CG1   . ILE A 1 58  ? -7.200  -3.309  4.775   1.00 5.06  ? 75  ILE A CG1   1 
ATOM   469  C  CG2   . ILE A 1 58  ? -4.714  -3.087  4.791   1.00 8.30  ? 75  ILE A CG2   1 
ATOM   470  C  CD1   . ILE A 1 58  ? -7.607  -1.873  5.081   1.00 3.16  ? 75  ILE A CD1   1 
ATOM   471  N  N     . TRP A 1 59  ? -3.571  -6.292  5.558   1.00 6.37  ? 76  TRP A N     1 
ATOM   472  C  CA    . TRP A 1 59  ? -2.340  -6.740  6.187   1.00 7.48  ? 76  TRP A CA    1 
ATOM   473  C  C     . TRP A 1 59  ? -1.254  -5.695  6.010   1.00 8.78  ? 76  TRP A C     1 
ATOM   474  O  O     . TRP A 1 59  ? -0.928  -5.284  4.891   1.00 8.55  ? 76  TRP A O     1 
ATOM   475  C  CB    . TRP A 1 59  ? -1.883  -8.063  5.580   1.00 5.82  ? 76  TRP A CB    1 
ATOM   476  C  CG    . TRP A 1 59  ? -2.806  -9.168  5.912   1.00 8.68  ? 76  TRP A CG    1 
ATOM   477  C  CD1   . TRP A 1 59  ? -3.863  -9.605  5.168   1.00 8.18  ? 76  TRP A CD1   1 
ATOM   478  C  CD2   . TRP A 1 59  ? -2.802  -9.951  7.110   1.00 9.40  ? 76  TRP A CD2   1 
ATOM   479  N  NE1   . TRP A 1 59  ? -4.522  -10.606 5.832   1.00 10.77 ? 76  TRP A NE1   1 
ATOM   480  C  CE2   . TRP A 1 59  ? -3.894  -10.840 7.025   1.00 10.77 ? 76  TRP A CE2   1 
ATOM   481  C  CE3   . TRP A 1 59  ? -1.985  -9.986  8.247   1.00 8.02  ? 76  TRP A CE3   1 
ATOM   482  C  CZ2   . TRP A 1 59  ? -4.190  -11.759 8.042   1.00 7.51  ? 76  TRP A CZ2   1 
ATOM   483  C  CZ3   . TRP A 1 59  ? -2.280  -10.896 9.253   1.00 6.87  ? 76  TRP A CZ3   1 
ATOM   484  C  CH2   . TRP A 1 59  ? -3.373  -11.770 9.142   1.00 6.01  ? 76  TRP A CH2   1 
ATOM   485  N  N     . ASP A 1 60  ? -0.710  -5.266  7.138   1.00 8.42  ? 77  ASP A N     1 
ATOM   486  C  CA    . ASP A 1 60  ? 0.343   -4.272  7.176   1.00 7.58  ? 77  ASP A CA    1 
ATOM   487  C  C     . ASP A 1 60  ? 1.673   -5.003  7.381   1.00 7.57  ? 77  ASP A C     1 
ATOM   488  O  O     . ASP A 1 60  ? 1.983   -5.454  8.485   1.00 5.76  ? 77  ASP A O     1 
ATOM   489  C  CB    . ASP A 1 60  ? 0.038   -3.320  8.332   1.00 5.64  ? 77  ASP A CB    1 
ATOM   490  C  CG    . ASP A 1 60  ? 1.107   -2.289  8.547   1.00 6.19  ? 77  ASP A CG    1 
ATOM   491  O  OD1   . ASP A 1 60  ? 1.837   -1.945  7.592   1.00 4.20  ? 77  ASP A OD1   1 
ATOM   492  O  OD2   . ASP A 1 60  ? 1.209   -1.823  9.696   1.00 6.66  ? 77  ASP A OD2   1 
ATOM   493  N  N     . THR A 1 61  ? 2.435   -5.157  6.302   1.00 6.70  ? 78  THR A N     1 
ATOM   494  C  CA    . THR A 1 61  ? 3.713   -5.863  6.367   1.00 6.51  ? 78  THR A CA    1 
ATOM   495  C  C     . THR A 1 61  ? 4.883   -5.005  6.839   1.00 6.96  ? 78  THR A C     1 
ATOM   496  O  O     . THR A 1 61  ? 4.883   -3.791  6.675   1.00 4.33  ? 78  THR A O     1 
ATOM   497  C  CB    . THR A 1 61  ? 4.108   -6.455  4.996   1.00 3.78  ? 78  THR A CB    1 
ATOM   498  O  OG1   . THR A 1 61  ? 4.448   -5.392  4.099   1.00 6.65  ? 78  THR A OG1   1 
ATOM   499  C  CG2   . THR A 1 61  ? 2.973   -7.280  4.406   1.00 3.45  ? 78  THR A CG2   1 
ATOM   500  N  N     . ALA A 1 62  ? 5.874   -5.660  7.436   1.00 8.04  ? 79  ALA A N     1 
ATOM   501  C  CA    . ALA A 1 62  ? 7.085   -4.995  7.888   1.00 8.33  ? 79  ALA A CA    1 
ATOM   502  C  C     . ALA A 1 62  ? 7.943   -4.768  6.639   1.00 11.00 ? 79  ALA A C     1 
ATOM   503  O  O     . ALA A 1 62  ? 7.943   -5.600  5.722   1.00 11.00 ? 79  ALA A O     1 
ATOM   504  C  CB    . ALA A 1 62  ? 7.823   -5.877  8.873   1.00 5.95  ? 79  ALA A CB    1 
ATOM   505  N  N     . GLY A 1 63  ? 8.635   -3.631  6.588   1.00 9.32  ? 80  GLY A N     1 
ATOM   506  C  CA    . GLY A 1 63  ? 9.481   -3.317  5.451   1.00 6.81  ? 80  GLY A CA    1 
ATOM   507  C  C     . GLY A 1 63  ? 10.880  -3.905  5.509   1.00 9.67  ? 80  GLY A C     1 
ATOM   508  O  O     . GLY A 1 63  ? 11.483  -4.168  4.471   1.00 9.93  ? 80  GLY A O     1 
ATOM   509  N  N     . GLN A 1 64  ? 11.398  -4.109  6.719   1.00 10.33 ? 81  GLN A N     1 
ATOM   510  C  CA    . GLN A 1 64  ? 12.742  -4.656  6.921   1.00 13.18 ? 81  GLN A CA    1 
ATOM   511  C  C     . GLN A 1 64  ? 12.947  -6.033  6.285   1.00 14.24 ? 81  GLN A C     1 
ATOM   512  O  O     . GLN A 1 64  ? 12.098  -6.923  6.399   1.00 14.49 ? 81  GLN A O     1 
ATOM   513  C  CB    . GLN A 1 64  ? 13.089  -4.675  8.412   1.00 12.46 ? 81  GLN A CB    1 
ATOM   514  C  CG    . GLN A 1 64  ? 13.169  -3.277  9.012   1.00 21.42 ? 81  GLN A CG    1 
ATOM   515  C  CD    . GLN A 1 64  ? 13.538  -3.273  10.484  1.00 26.73 ? 81  GLN A CD    1 
ATOM   516  O  OE1   . GLN A 1 64  ? 14.524  -2.656  10.885  1.00 33.06 ? 81  GLN A OE1   1 
ATOM   517  N  NE2   . GLN A 1 64  ? 12.730  -3.937  11.302  1.00 28.99 ? 81  GLN A NE2   1 
ATOM   518  N  N     . GLU A 1 65  ? 14.093  -6.200  5.629   1.00 14.95 ? 82  GLU A N     1 
ATOM   519  C  CA    . GLU A 1 65  ? 14.424  -7.437  4.924   1.00 18.68 ? 82  GLU A CA    1 
ATOM   520  C  C     . GLU A 1 65  ? 14.292  -8.713  5.737   1.00 17.07 ? 82  GLU A C     1 
ATOM   521  O  O     . GLU A 1 65  ? 13.902  -9.745  5.200   1.00 16.97 ? 82  GLU A O     1 
ATOM   522  C  CB    . GLU A 1 65  ? 15.827  -7.350  4.319   1.00 18.29 ? 82  GLU A CB    1 
ATOM   523  N  N     . ARG A 1 66  ? 14.617  -8.640  7.021   1.00 18.83 ? 83  ARG A N     1 
ATOM   524  C  CA    . ARG A 1 66  ? 14.558  -9.813  7.889   1.00 20.87 ? 83  ARG A CA    1 
ATOM   525  C  C     . ARG A 1 66  ? 13.175  -10.428 8.029   1.00 19.10 ? 83  ARG A C     1 
ATOM   526  O  O     . ARG A 1 66  ? 13.056  -11.567 8.459   1.00 17.14 ? 83  ARG A O     1 
ATOM   527  C  CB    . ARG A 1 66  ? 15.149  -9.499  9.268   1.00 23.64 ? 83  ARG A CB    1 
ATOM   528  C  CG    . ARG A 1 66  ? 14.386  -8.484  10.101  1.00 27.83 ? 83  ARG A CG    1 
ATOM   529  C  CD    . ARG A 1 66  ? 15.147  -8.207  11.389  1.00 35.32 ? 83  ARG A CD    1 
ATOM   530  N  NE    . ARG A 1 66  ? 14.356  -7.488  12.381  1.00 43.05 ? 83  ARG A NE    1 
ATOM   531  C  CZ    . ARG A 1 66  ? 14.685  -7.390  13.667  1.00 47.45 ? 83  ARG A CZ    1 
ATOM   532  N  NH1   . ARG A 1 66  ? 15.794  -7.965  14.115  1.00 48.92 ? 83  ARG A NH1   1 
ATOM   533  N  NH2   . ARG A 1 66  ? 13.903  -6.725  14.508  1.00 49.73 ? 83  ARG A NH2   1 
ATOM   534  N  N     . TYR A 1 67  ? 12.148  -9.672  7.644   1.00 18.05 ? 84  TYR A N     1 
ATOM   535  C  CA    . TYR A 1 67  ? 10.762  -10.134 7.727   1.00 16.39 ? 84  TYR A CA    1 
ATOM   536  C  C     . TYR A 1 67  ? 10.200  -10.536 6.361   1.00 17.26 ? 84  TYR A C     1 
ATOM   537  O  O     . TYR A 1 67  ? 8.984   -10.680 6.201   1.00 18.05 ? 84  TYR A O     1 
ATOM   538  C  CB    . TYR A 1 67  ? 9.883   -9.037  8.335   1.00 14.80 ? 84  TYR A CB    1 
ATOM   539  C  CG    . TYR A 1 67  ? 10.245  -8.673  9.757   1.00 13.43 ? 84  TYR A CG    1 
ATOM   540  C  CD1   . TYR A 1 67  ? 10.183  -9.622  10.780  1.00 13.57 ? 84  TYR A CD1   1 
ATOM   541  C  CD2   . TYR A 1 67  ? 10.651  -7.383  10.081  1.00 13.74 ? 84  TYR A CD2   1 
ATOM   542  C  CE1   . TYR A 1 67  ? 10.520  -9.289  12.091  1.00 15.21 ? 84  TYR A CE1   1 
ATOM   543  C  CE2   . TYR A 1 67  ? 10.987  -7.038  11.387  1.00 14.57 ? 84  TYR A CE2   1 
ATOM   544  C  CZ    . TYR A 1 67  ? 10.922  -7.991  12.384  1.00 16.18 ? 84  TYR A CZ    1 
ATOM   545  O  OH    . TYR A 1 67  ? 11.268  -7.640  13.669  1.00 17.24 ? 84  TYR A OH    1 
ATOM   546  N  N     . ARG A 1 68  ? 11.074  -10.639 5.362   1.00 17.48 ? 85  ARG A N     1 
ATOM   547  C  CA    . ARG A 1 68  ? 10.668  -11.003 4.008   1.00 18.51 ? 85  ARG A CA    1 
ATOM   548  C  C     . ARG A 1 68  ? 9.870   -12.308 3.949   1.00 15.90 ? 85  ARG A C     1 
ATOM   549  O  O     . ARG A 1 68  ? 8.799   -12.358 3.349   1.00 15.55 ? 85  ARG A O     1 
ATOM   550  C  CB    . ARG A 1 68  ? 11.901  -11.102 3.107   1.00 23.56 ? 85  ARG A CB    1 
ATOM   551  C  CG    . ARG A 1 68  ? 11.602  -11.331 1.636   1.00 31.93 ? 85  ARG A CG    1 
ATOM   552  C  CD    . ARG A 1 68  ? 12.892  -11.496 0.856   1.00 40.67 ? 85  ARG A CD    1 
ATOM   553  N  NE    . ARG A 1 68  ? 12.796  -11.005 -0.516  1.00 48.29 ? 85  ARG A NE    1 
ATOM   554  C  CZ    . ARG A 1 68  ? 13.814  -10.482 -1.197  1.00 52.90 ? 85  ARG A CZ    1 
ATOM   555  N  NH1   . ARG A 1 68  ? 15.011  -10.379 -0.631  1.00 54.24 ? 85  ARG A NH1   1 
ATOM   556  N  NH2   . ARG A 1 68  ? 13.635  -10.054 -2.443  1.00 54.58 ? 85  ARG A NH2   1 
ATOM   557  N  N     . THR A 1 69  ? 10.423  -13.362 4.539   1.00 14.37 ? 86  THR A N     1 
ATOM   558  C  CA    . THR A 1 69  ? 9.795   -14.685 4.570   1.00 11.14 ? 86  THR A CA    1 
ATOM   559  C  C     . THR A 1 69  ? 8.457   -14.689 5.297   1.00 11.46 ? 86  THR A C     1 
ATOM   560  O  O     . THR A 1 69  ? 7.505   -15.335 4.861   1.00 13.48 ? 86  THR A O     1 
ATOM   561  C  CB    . THR A 1 69  ? 10.744  -15.716 5.210   1.00 10.54 ? 86  THR A CB    1 
ATOM   562  O  OG1   . THR A 1 69  ? 11.878  -15.879 4.357   1.00 12.83 ? 86  THR A OG1   1 
ATOM   563  C  CG2   . THR A 1 69  ? 10.065  -17.062 5.395   1.00 9.09  ? 86  THR A CG2   1 
ATOM   564  N  N     . ILE A 1 70  ? 8.372   -13.951 6.393   1.00 10.58 ? 87  ILE A N     1 
ATOM   565  C  CA    . ILE A 1 70  ? 7.138   -13.877 7.160   1.00 11.41 ? 87  ILE A CA    1 
ATOM   566  C  C     . ILE A 1 70  ? 6.053   -13.181 6.330   1.00 10.02 ? 87  ILE A C     1 
ATOM   567  O  O     . ILE A 1 70  ? 4.958   -13.711 6.150   1.00 13.71 ? 87  ILE A O     1 
ATOM   568  C  CB    . ILE A 1 70  ? 7.359   -13.106 8.487   1.00 12.91 ? 87  ILE A CB    1 
ATOM   569  C  CG1   . ILE A 1 70  ? 8.300   -13.901 9.399   1.00 15.13 ? 87  ILE A CG1   1 
ATOM   570  C  CG2   . ILE A 1 70  ? 6.020   -12.867 9.194   1.00 14.89 ? 87  ILE A CG2   1 
ATOM   571  C  CD1   . ILE A 1 70  ? 8.909   -13.088 10.537  1.00 14.74 ? 87  ILE A CD1   1 
ATOM   572  N  N     . THR A 1 71  ? 6.403   -12.043 5.741   1.00 9.06  ? 88  THR A N     1 
ATOM   573  C  CA    . THR A 1 71  ? 5.462   -11.264 4.947   1.00 7.98  ? 88  THR A CA    1 
ATOM   574  C  C     . THR A 1 71  ? 5.067   -11.855 3.594   1.00 9.45  ? 88  THR A C     1 
ATOM   575  O  O     . THR A 1 71  ? 3.891   -11.813 3.238   1.00 6.99  ? 88  THR A O     1 
ATOM   576  C  CB    . THR A 1 71  ? 5.965   -9.821  4.747   1.00 8.18  ? 88  THR A CB    1 
ATOM   577  O  OG1   . THR A 1 71  ? 7.181   -9.831  3.985   1.00 8.01  ? 88  THR A OG1   1 
ATOM   578  C  CG2   . THR A 1 71  ? 6.213   -9.154  6.098   1.00 3.92  ? 88  THR A CG2   1 
ATOM   579  N  N     . THR A 1 72  ? 6.035   -12.370 2.831   1.00 10.22 ? 89  THR A N     1 
ATOM   580  C  CA    . THR A 1 72  ? 5.729   -12.943 1.517   1.00 11.23 ? 89  THR A CA    1 
ATOM   581  C  C     . THR A 1 72  ? 4.801   -14.154 1.616   1.00 12.04 ? 89  THR A C     1 
ATOM   582  O  O     . THR A 1 72  ? 4.061   -14.458 0.683   1.00 11.74 ? 89  THR A O     1 
ATOM   583  C  CB    . THR A 1 72  ? 7.004   -13.293 0.685   1.00 9.53  ? 89  THR A CB    1 
ATOM   584  O  OG1   . THR A 1 72  ? 7.831   -14.220 1.397   1.00 12.53 ? 89  THR A OG1   1 
ATOM   585  C  CG2   . THR A 1 72  ? 7.804   -12.048 0.379   1.00 10.37 ? 89  THR A CG2   1 
ATOM   586  N  N     . ALA A 1 73  ? 4.806   -14.809 2.773   1.00 11.45 ? 90  ALA A N     1 
ATOM   587  C  CA    . ALA A 1 73  ? 3.946   -15.960 2.999   1.00 11.82 ? 90  ALA A CA    1 
ATOM   588  C  C     . ALA A 1 73  ? 2.468   -15.555 2.923   1.00 12.25 ? 90  ALA A C     1 
ATOM   589  O  O     . ALA A 1 73  ? 1.597   -16.398 2.704   1.00 14.84 ? 90  ALA A O     1 
ATOM   590  C  CB    . ALA A 1 73  ? 4.260   -16.592 4.349   1.00 11.04 ? 90  ALA A CB    1 
ATOM   591  N  N     . TYR A 1 74  ? 2.196   -14.259 3.067   1.00 11.66 ? 91  TYR A N     1 
ATOM   592  C  CA    . TYR A 1 74  ? 0.831   -13.734 3.014   1.00 10.05 ? 91  TYR A CA    1 
ATOM   593  C  C     . TYR A 1 74  ? 0.426   -13.228 1.640   1.00 9.34  ? 91  TYR A C     1 
ATOM   594  O  O     . TYR A 1 74  ? -0.710  -12.788 1.469   1.00 8.55  ? 91  TYR A O     1 
ATOM   595  C  CB    . TYR A 1 74  ? 0.644   -12.588 4.014   1.00 11.30 ? 91  TYR A CB    1 
ATOM   596  C  CG    . TYR A 1 74  ? 0.607   -13.029 5.448   1.00 11.54 ? 91  TYR A CG    1 
ATOM   597  C  CD1   . TYR A 1 74  ? 1.781   -13.350 6.127   1.00 13.52 ? 91  TYR A CD1   1 
ATOM   598  C  CD2   . TYR A 1 74  ? -0.601  -13.125 6.131   1.00 11.72 ? 91  TYR A CD2   1 
ATOM   599  C  CE1   . TYR A 1 74  ? 1.754   -13.761 7.454   1.00 13.68 ? 91  TYR A CE1   1 
ATOM   600  C  CE2   . TYR A 1 74  ? -0.642  -13.537 7.465   1.00 13.89 ? 91  TYR A CE2   1 
ATOM   601  C  CZ    . TYR A 1 74  ? 0.538   -13.852 8.117   1.00 14.14 ? 91  TYR A CZ    1 
ATOM   602  O  OH    . TYR A 1 74  ? 0.509   -14.253 9.432   1.00 16.68 ? 91  TYR A OH    1 
ATOM   603  N  N     . TYR A 1 75  ? 1.366   -13.211 0.691   1.00 7.29  ? 92  TYR A N     1 
ATOM   604  C  CA    . TYR A 1 75  ? 1.075   -12.736 -0.665  1.00 7.29  ? 92  TYR A CA    1 
ATOM   605  C  C     . TYR A 1 75  ? -0.009  -13.566 -1.357  1.00 8.14  ? 92  TYR A C     1 
ATOM   606  O  O     . TYR A 1 75  ? -0.909  -13.008 -1.983  1.00 6.31  ? 92  TYR A O     1 
ATOM   607  C  CB    . TYR A 1 75  ? 2.336   -12.708 -1.540  1.00 4.68  ? 92  TYR A CB    1 
ATOM   608  C  CG    . TYR A 1 75  ? 3.252   -11.522 -1.309  1.00 4.27  ? 92  TYR A CG    1 
ATOM   609  C  CD1   . TYR A 1 75  ? 3.421   -10.976 -0.035  1.00 8.68  ? 92  TYR A CD1   1 
ATOM   610  C  CD2   . TYR A 1 75  ? 3.987   -10.974 -2.359  1.00 6.35  ? 92  TYR A CD2   1 
ATOM   611  C  CE1   . TYR A 1 75  ? 4.312   -9.911  0.186   1.00 6.43  ? 92  TYR A CE1   1 
ATOM   612  C  CE2   . TYR A 1 75  ? 4.879   -9.913  -2.153  1.00 5.96  ? 92  TYR A CE2   1 
ATOM   613  C  CZ    . TYR A 1 75  ? 5.035   -9.388  -0.881  1.00 9.54  ? 92  TYR A CZ    1 
ATOM   614  O  OH    . TYR A 1 75  ? 5.912   -8.351  -0.676  1.00 7.23  ? 92  TYR A OH    1 
ATOM   615  N  N     . ARG A 1 76  ? 0.093   -14.891 -1.289  1.00 8.60  ? 93  ARG A N     1 
ATOM   616  C  CA    . ARG A 1 76  ? -0.917  -15.734 -1.918  1.00 13.75 ? 93  ARG A CA    1 
ATOM   617  C  C     . ARG A 1 76  ? -2.251  -15.464 -1.234  1.00 16.91 ? 93  ARG A C     1 
ATOM   618  O  O     . ARG A 1 76  ? -2.334  -15.426 -0.003  1.00 19.64 ? 93  ARG A O     1 
ATOM   619  C  CB    . ARG A 1 76  ? -0.569  -17.217 -1.796  1.00 18.17 ? 93  ARG A CB    1 
ATOM   620  C  CG    . ARG A 1 76  ? -1.669  -18.097 -2.355  1.00 23.71 ? 93  ARG A CG    1 
ATOM   621  C  CD    . ARG A 1 76  ? -1.313  -19.559 -2.444  1.00 29.32 ? 93  ARG A CD    1 
ATOM   622  N  NE    . ARG A 1 76  ? -2.313  -20.247 -3.258  1.00 34.97 ? 93  ARG A NE    1 
ATOM   623  C  CZ    . ARG A 1 76  ? -2.116  -21.403 -3.883  1.00 38.76 ? 93  ARG A CZ    1 
ATOM   624  N  NH1   . ARG A 1 76  ? -0.950  -22.028 -3.790  1.00 38.65 ? 93  ARG A NH1   1 
ATOM   625  N  NH2   . ARG A 1 76  ? -3.082  -21.913 -4.635  1.00 42.94 ? 93  ARG A NH2   1 
ATOM   626  N  N     . GLY A 1 77  ? -3.298  -15.276 -2.021  1.00 14.70 ? 94  GLY A N     1 
ATOM   627  C  CA    . GLY A 1 77  ? -4.588  -14.998 -1.418  1.00 15.07 ? 94  GLY A CA    1 
ATOM   628  C  C     . GLY A 1 77  ? -4.880  -13.512 -1.419  1.00 12.44 ? 94  GLY A C     1 
ATOM   629  O  O     . GLY A 1 77  ? -6.020  -13.102 -1.211  1.00 12.92 ? 94  GLY A O     1 
ATOM   630  N  N     . ALA A 1 78  ? -3.838  -12.703 -1.602  1.00 13.24 ? 95  ALA A N     1 
ATOM   631  C  CA    . ALA A 1 78  ? -4.001  -11.253 -1.657  1.00 12.59 ? 95  ALA A CA    1 
ATOM   632  C  C     . ALA A 1 78  ? -4.644  -10.913 -2.998  1.00 12.21 ? 95  ALA A C     1 
ATOM   633  O  O     . ALA A 1 78  ? -4.276  -11.464 -4.041  1.00 8.77  ? 95  ALA A O     1 
ATOM   634  C  CB    . ALA A 1 78  ? -2.652  -10.546 -1.522  1.00 10.61 ? 95  ALA A CB    1 
ATOM   635  N  N     . MET A 1 79  ? -5.662  -10.063 -2.950  1.00 11.85 ? 96  MET A N     1 
ATOM   636  C  CA    . MET A 1 79  ? -6.374  -9.646  -4.151  1.00 10.24 ? 96  MET A CA    1 
ATOM   637  C  C     . MET A 1 79  ? -5.907  -8.275  -4.614  1.00 9.91  ? 96  MET A C     1 
ATOM   638  O  O     . MET A 1 79  ? -6.076  -7.915  -5.776  1.00 8.91  ? 96  MET A O     1 
ATOM   639  C  CB    . MET A 1 79  ? -7.876  -9.643  -3.877  1.00 11.60 ? 96  MET A CB    1 
ATOM   640  C  CG    . MET A 1 79  ? -8.409  -11.036 -3.623  1.00 17.37 ? 96  MET A CG    1 
ATOM   641  S  SD    . MET A 1 79  ? -9.674  -11.116 -2.377  1.00 24.00 ? 96  MET A SD    1 
ATOM   642  C  CE    . MET A 1 79  ? -11.087 -10.756 -3.365  1.00 24.34 ? 96  MET A CE    1 
ATOM   643  N  N     . GLY A 1 80  ? -5.263  -7.542  -3.709  1.00 9.43  ? 97  GLY A N     1 
ATOM   644  C  CA    . GLY A 1 80  ? -4.781  -6.213  -4.034  1.00 8.08  ? 97  GLY A CA    1 
ATOM   645  C  C     . GLY A 1 80  ? -3.545  -5.857  -3.240  1.00 8.05  ? 97  GLY A C     1 
ATOM   646  O  O     . GLY A 1 80  ? -3.368  -6.316  -2.109  1.00 7.71  ? 97  GLY A O     1 
ATOM   647  N  N     . PHE A 1 81  ? -2.685  -5.044  -3.842  1.00 8.32  ? 98  PHE A N     1 
ATOM   648  C  CA    . PHE A 1 81  ? -1.446  -4.622  -3.203  1.00 7.14  ? 98  PHE A CA    1 
ATOM   649  C  C     . PHE A 1 81  ? -1.254  -3.124  -3.308  1.00 5.44  ? 98  PHE A C     1 
ATOM   650  O  O     . PHE A 1 81  ? -1.603  -2.513  -4.315  1.00 3.94  ? 98  PHE A O     1 
ATOM   651  C  CB    . PHE A 1 81  ? -0.222  -5.260  -3.890  1.00 5.34  ? 98  PHE A CB    1 
ATOM   652  C  CG    . PHE A 1 81  ? 0.016   -6.701  -3.542  1.00 7.22  ? 98  PHE A CG    1 
ATOM   653  C  CD1   . PHE A 1 81  ? -0.547  -7.718  -4.307  1.00 3.64  ? 98  PHE A CD1   1 
ATOM   654  C  CD2   . PHE A 1 81  ? 0.849   -7.043  -2.481  1.00 7.78  ? 98  PHE A CD2   1 
ATOM   655  C  CE1   . PHE A 1 81  ? -0.285  -9.055  -4.020  1.00 4.50  ? 98  PHE A CE1   1 
ATOM   656  C  CE2   . PHE A 1 81  ? 1.120   -8.385  -2.186  1.00 6.84  ? 98  PHE A CE2   1 
ATOM   657  C  CZ    . PHE A 1 81  ? 0.554   -9.389  -2.958  1.00 3.22  ? 98  PHE A CZ    1 
ATOM   658  N  N     . ILE A 1 82  ? -0.733  -2.535  -2.241  1.00 5.21  ? 99  ILE A N     1 
ATOM   659  C  CA    . ILE A 1 82  ? -0.377  -1.126  -2.244  1.00 5.26  ? 99  ILE A CA    1 
ATOM   660  C  C     . ILE A 1 82  ? 1.140   -1.191  -2.127  1.00 5.82  ? 99  ILE A C     1 
ATOM   661  O  O     . ILE A 1 82  ? 1.663   -1.705  -1.133  1.00 6.29  ? 99  ILE A O     1 
ATOM   662  C  CB    . ILE A 1 82  ? -0.934  -0.349  -1.036  1.00 7.72  ? 99  ILE A CB    1 
ATOM   663  C  CG1   . ILE A 1 82  ? -2.451  -0.211  -1.143  1.00 7.62  ? 99  ILE A CG1   1 
ATOM   664  C  CG2   . ILE A 1 82  ? -0.277  1.029   -0.961  1.00 4.26  ? 99  ILE A CG2   1 
ATOM   665  C  CD1   . ILE A 1 82  ? -3.070  0.511   0.029   1.00 9.19  ? 99  ILE A CD1   1 
ATOM   666  N  N     . LEU A 1 83  ? 1.829   -0.896  -3.224  1.00 5.78  ? 100 LEU A N     1 
ATOM   667  C  CA    . LEU A 1 83  ? 3.286   -0.908  -3.213  1.00 6.49  ? 100 LEU A CA    1 
ATOM   668  C  C     . LEU A 1 83  ? 3.675   0.536   -2.928  1.00 6.24  ? 100 LEU A C     1 
ATOM   669  O  O     . LEU A 1 83  ? 3.508   1.417   -3.772  1.00 3.88  ? 100 LEU A O     1 
ATOM   670  C  CB    . LEU A 1 83  ? 3.832   -1.391  -4.554  1.00 6.14  ? 100 LEU A CB    1 
ATOM   671  C  CG    . LEU A 1 83  ? 5.285   -1.869  -4.579  1.00 6.65  ? 100 LEU A CG    1 
ATOM   672  C  CD1   . LEU A 1 83  ? 5.590   -2.480  -5.949  1.00 7.73  ? 100 LEU A CD1   1 
ATOM   673  C  CD2   . LEU A 1 83  ? 6.249   -0.729  -4.255  1.00 4.39  ? 100 LEU A CD2   1 
ATOM   674  N  N     . MET A 1 84  ? 4.227   0.756   -1.742  1.00 5.65  ? 101 MET A N     1 
ATOM   675  C  CA    . MET A 1 84  ? 4.567   2.095   -1.290  1.00 3.86  ? 101 MET A CA    1 
ATOM   676  C  C     . MET A 1 84  ? 6.036   2.470   -1.190  1.00 5.04  ? 101 MET A C     1 
ATOM   677  O  O     . MET A 1 84  ? 6.891   1.628   -0.933  1.00 6.87  ? 101 MET A O     1 
ATOM   678  C  CB    . MET A 1 84  ? 3.896   2.316   0.075   1.00 6.06  ? 101 MET A CB    1 
ATOM   679  C  CG    . MET A 1 84  ? 3.990   3.723   0.645   1.00 4.35  ? 101 MET A CG    1 
ATOM   680  S  SD    . MET A 1 84  ? 3.096   3.850   2.214   1.00 6.97  ? 101 MET A SD    1 
ATOM   681  C  CE    . MET A 1 84  ? 1.461   3.418   1.709   1.00 3.82  ? 101 MET A CE    1 
ATOM   682  N  N     . TYR A 1 85  ? 6.316   3.741   -1.461  1.00 5.82  ? 102 TYR A N     1 
ATOM   683  C  CA    . TYR A 1 85  ? 7.655   4.298   -1.334  1.00 3.71  ? 102 TYR A CA    1 
ATOM   684  C  C     . TYR A 1 85  ? 7.486   5.694   -0.725  1.00 6.26  ? 102 TYR A C     1 
ATOM   685  O  O     . TYR A 1 85  ? 6.358   6.151   -0.518  1.00 5.95  ? 102 TYR A O     1 
ATOM   686  C  CB    . TYR A 1 85  ? 8.411   4.331   -2.668  1.00 4.08  ? 102 TYR A CB    1 
ATOM   687  C  CG    . TYR A 1 85  ? 7.869   5.290   -3.696  1.00 7.70  ? 102 TYR A CG    1 
ATOM   688  C  CD1   . TYR A 1 85  ? 8.243   6.636   -3.687  1.00 7.55  ? 102 TYR A CD1   1 
ATOM   689  C  CD2   . TYR A 1 85  ? 6.996   4.848   -4.691  1.00 7.44  ? 102 TYR A CD2   1 
ATOM   690  C  CE1   . TYR A 1 85  ? 7.761   7.521   -4.642  1.00 9.89  ? 102 TYR A CE1   1 
ATOM   691  C  CE2   . TYR A 1 85  ? 6.508   5.723   -5.652  1.00 9.49  ? 102 TYR A CE2   1 
ATOM   692  C  CZ    . TYR A 1 85  ? 6.892   7.056   -5.624  1.00 10.35 ? 102 TYR A CZ    1 
ATOM   693  O  OH    . TYR A 1 85  ? 6.403   7.916   -6.577  1.00 10.14 ? 102 TYR A OH    1 
ATOM   694  N  N     . ASP A 1 86  ? 8.602   6.312   -0.350  1.00 6.51  ? 103 ASP A N     1 
ATOM   695  C  CA    . ASP A 1 86  ? 8.632   7.632   0.283   1.00 6.17  ? 103 ASP A CA    1 
ATOM   696  C  C     . ASP A 1 86  ? 9.242   8.640   -0.708  1.00 5.86  ? 103 ASP A C     1 
ATOM   697  O  O     . ASP A 1 86  ? 10.384  8.474   -1.143  1.00 6.52  ? 103 ASP A O     1 
ATOM   698  C  CB    . ASP A 1 86  ? 9.483   7.506   1.561   1.00 6.21  ? 103 ASP A CB    1 
ATOM   699  C  CG    . ASP A 1 86  ? 9.617   8.801   2.346   1.00 6.74  ? 103 ASP A CG    1 
ATOM   700  O  OD1   . ASP A 1 86  ? 9.186   9.877   1.890   1.00 7.23  ? 103 ASP A OD1   1 
ATOM   701  O  OD2   . ASP A 1 86  ? 10.190  8.731   3.451   1.00 8.51  ? 103 ASP A OD2   1 
ATOM   702  N  N     . ILE A 1 87  ? 8.480   9.676   -1.060  1.00 5.17  ? 104 ILE A N     1 
ATOM   703  C  CA    . ILE A 1 87  ? 8.955   10.673  -2.019  1.00 8.10  ? 104 ILE A CA    1 
ATOM   704  C  C     . ILE A 1 87  ? 10.219  11.404  -1.584  1.00 8.12  ? 104 ILE A C     1 
ATOM   705  O  O     . ILE A 1 87  ? 10.899  12.020  -2.404  1.00 8.68  ? 104 ILE A O     1 
ATOM   706  C  CB    . ILE A 1 87  ? 7.869   11.725  -2.391  1.00 8.71  ? 104 ILE A CB    1 
ATOM   707  C  CG1   . ILE A 1 87  ? 7.612   12.679  -1.223  1.00 8.03  ? 104 ILE A CG1   1 
ATOM   708  C  CG2   . ILE A 1 87  ? 6.582   11.031  -2.853  1.00 6.76  ? 104 ILE A CG2   1 
ATOM   709  C  CD1   . ILE A 1 87  ? 6.935   13.982  -1.647  1.00 2.00  ? 104 ILE A CD1   1 
ATOM   710  N  N     . THR A 1 88  ? 10.516  11.350  -0.292  1.00 5.83  ? 105 THR A N     1 
ATOM   711  C  CA    . THR A 1 88  ? 11.700  12.000  0.250   1.00 8.19  ? 105 THR A CA    1 
ATOM   712  C  C     . THR A 1 88  ? 12.853  11.001  0.395   1.00 10.79 ? 105 THR A C     1 
ATOM   713  O  O     . THR A 1 88  ? 13.941  11.371  0.834   1.00 14.50 ? 105 THR A O     1 
ATOM   714  C  CB    . THR A 1 88  ? 11.412  12.639  1.635   1.00 7.68  ? 105 THR A CB    1 
ATOM   715  O  OG1   . THR A 1 88  ? 11.270  11.612  2.628   1.00 5.97  ? 105 THR A OG1   1 
ATOM   716  C  CG2   . THR A 1 88  ? 10.132  13.445  1.588   1.00 4.69  ? 105 THR A CG2   1 
ATOM   717  N  N     . ASN A 1 89  ? 12.606  9.735   0.052   1.00 11.32 ? 106 ASN A N     1 
ATOM   718  C  CA    . ASN A 1 89  ? 13.634  8.702   0.161   1.00 10.47 ? 106 ASN A CA    1 
ATOM   719  C  C     . ASN A 1 89  ? 13.849  7.981   -1.170  1.00 11.34 ? 106 ASN A C     1 
ATOM   720  O  O     . ASN A 1 89  ? 13.050  7.135   -1.569  1.00 10.08 ? 106 ASN A O     1 
ATOM   721  C  CB    . ASN A 1 89  ? 13.262  7.696   1.252   1.00 10.21 ? 106 ASN A CB    1 
ATOM   722  C  CG    . ASN A 1 89  ? 14.380  6.718   1.543   1.00 11.32 ? 106 ASN A CG    1 
ATOM   723  O  OD1   . ASN A 1 89  ? 14.382  5.590   1.063   1.00 9.65  ? 106 ASN A OD1   1 
ATOM   724  N  ND2   . ASN A 1 89  ? 15.351  7.157   2.332   1.00 18.95 ? 106 ASN A ND2   1 
ATOM   725  N  N     . GLU A 1 90  ? 14.975  8.282   -1.810  1.00 8.84  ? 107 GLU A N     1 
ATOM   726  C  CA    . GLU A 1 90  ? 15.338  7.710   -3.105  1.00 9.16  ? 107 GLU A CA    1 
ATOM   727  C  C     . GLU A 1 90  ? 15.504  6.192   -3.064  1.00 8.23  ? 107 GLU A C     1 
ATOM   728  O  O     . GLU A 1 90  ? 15.084  5.484   -3.985  1.00 8.36  ? 107 GLU A O     1 
ATOM   729  C  CB    . GLU A 1 90  ? 16.630  8.373   -3.607  1.00 9.69  ? 107 GLU A CB    1 
ATOM   730  C  CG    . GLU A 1 90  ? 17.151  7.875   -4.959  1.00 14.90 ? 107 GLU A CG    1 
ATOM   731  C  CD    . GLU A 1 90  ? 16.276  8.283   -6.131  1.00 19.04 ? 107 GLU A CD    1 
ATOM   732  O  OE1   . GLU A 1 90  ? 15.540  9.290   -6.022  1.00 20.46 ? 107 GLU A OE1   1 
ATOM   733  O  OE2   . GLU A 1 90  ? 16.336  7.599   -7.173  1.00 24.28 ? 107 GLU A OE2   1 
ATOM   734  N  N     . GLU A 1 91  ? 16.129  5.698   -2.001  1.00 7.97  ? 108 GLU A N     1 
ATOM   735  C  CA    . GLU A 1 91  ? 16.359  4.269   -1.841  1.00 7.36  ? 108 GLU A CA    1 
ATOM   736  C  C     . GLU A 1 91  ? 15.057  3.475   -1.862  1.00 8.60  ? 108 GLU A C     1 
ATOM   737  O  O     . GLU A 1 91  ? 15.003  2.380   -2.430  1.00 7.32  ? 108 GLU A O     1 
ATOM   738  C  CB    . GLU A 1 91  ? 17.112  3.998   -0.536  1.00 11.44 ? 108 GLU A CB    1 
ATOM   739  C  CG    . GLU A 1 91  ? 17.301  2.518   -0.219  1.00 16.21 ? 108 GLU A CG    1 
ATOM   740  C  CD    . GLU A 1 91  ? 18.030  2.262   1.098   1.00 18.29 ? 108 GLU A CD    1 
ATOM   741  O  OE1   . GLU A 1 91  ? 17.914  3.082   2.034   1.00 21.24 ? 108 GLU A OE1   1 
ATOM   742  O  OE2   . GLU A 1 91  ? 18.709  1.221   1.199   1.00 21.69 ? 108 GLU A OE2   1 
ATOM   743  N  N     . SER A 1 92  ? 14.021  4.012   -1.218  1.00 7.47  ? 109 SER A N     1 
ATOM   744  C  CA    . SER A 1 92  ? 12.719  3.346   -1.170  1.00 7.36  ? 109 SER A CA    1 
ATOM   745  C  C     . SER A 1 92  ? 12.084  3.286   -2.554  1.00 7.25  ? 109 SER A C     1 
ATOM   746  O  O     . SER A 1 92  ? 11.316  2.373   -2.854  1.00 7.42  ? 109 SER A O     1 
ATOM   747  C  CB    . SER A 1 92  ? 11.777  4.054   -0.196  1.00 3.35  ? 109 SER A CB    1 
ATOM   748  O  OG    . SER A 1 92  ? 11.375  5.318   -0.689  1.00 7.44  ? 109 SER A OG    1 
ATOM   749  N  N     . PHE A 1 93  ? 12.381  4.290   -3.376  1.00 7.89  ? 110 PHE A N     1 
ATOM   750  C  CA    . PHE A 1 93  ? 11.872  4.357   -4.738  1.00 7.98  ? 110 PHE A CA    1 
ATOM   751  C  C     . PHE A 1 93  ? 12.627  3.352   -5.604  1.00 7.43  ? 110 PHE A C     1 
ATOM   752  O  O     . PHE A 1 93  ? 12.033  2.635   -6.405  1.00 7.95  ? 110 PHE A O     1 
ATOM   753  C  CB    . PHE A 1 93  ? 12.052  5.767   -5.299  1.00 6.70  ? 110 PHE A CB    1 
ATOM   754  C  CG    . PHE A 1 93  ? 11.499  5.941   -6.684  1.00 10.46 ? 110 PHE A CG    1 
ATOM   755  C  CD1   . PHE A 1 93  ? 10.144  5.743   -6.934  1.00 10.33 ? 110 PHE A CD1   1 
ATOM   756  C  CD2   . PHE A 1 93  ? 12.329  6.308   -7.739  1.00 11.13 ? 110 PHE A CD2   1 
ATOM   757  C  CE1   . PHE A 1 93  ? 9.623   5.910   -8.210  1.00 8.49  ? 110 PHE A CE1   1 
ATOM   758  C  CE2   . PHE A 1 93  ? 11.814  6.478   -9.025  1.00 11.49 ? 110 PHE A CE2   1 
ATOM   759  C  CZ    . PHE A 1 93  ? 10.458  6.278   -9.257  1.00 10.23 ? 110 PHE A CZ    1 
ATOM   760  N  N     . ASN A 1 94  ? 13.943  3.304   -5.437  1.00 9.28  ? 111 ASN A N     1 
ATOM   761  C  CA    . ASN A 1 94  ? 14.774  2.379   -6.202  1.00 10.98 ? 111 ASN A CA    1 
ATOM   762  C  C     . ASN A 1 94  ? 14.470  0.915   -5.884  1.00 10.44 ? 111 ASN A C     1 
ATOM   763  O  O     . ASN A 1 94  ? 14.835  0.022   -6.648  1.00 9.05  ? 111 ASN A O     1 
ATOM   764  C  CB    . ASN A 1 94  ? 16.257  2.659   -5.950  1.00 15.53 ? 111 ASN A CB    1 
ATOM   765  C  CG    . ASN A 1 94  ? 16.682  4.034   -6.425  1.00 20.06 ? 111 ASN A CG    1 
ATOM   766  O  OD1   . ASN A 1 94  ? 17.603  4.631   -5.865  1.00 25.80 ? 111 ASN A OD1   1 
ATOM   767  N  ND2   . ASN A 1 94  ? 16.022  4.540   -7.466  1.00 22.10 ? 111 ASN A ND2   1 
ATOM   768  N  N     . ALA A 1 95  ? 13.835  0.676   -4.738  1.00 7.80  ? 112 ALA A N     1 
ATOM   769  C  CA    . ALA A 1 95  ? 13.488  -0.676  -4.313  1.00 8.39  ? 112 ALA A CA    1 
ATOM   770  C  C     . ALA A 1 95  ? 12.186  -1.186  -4.948  1.00 8.59  ? 112 ALA A C     1 
ATOM   771  O  O     . ALA A 1 95  ? 11.904  -2.387  -4.916  1.00 8.10  ? 112 ALA A O     1 
ATOM   772  C  CB    . ALA A 1 95  ? 13.385  -0.728  -2.798  1.00 6.15  ? 112 ALA A CB    1 
ATOM   773  N  N     . VAL A 1 96  ? 11.430  -0.277  -5.565  1.00 6.81  ? 113 VAL A N     1 
ATOM   774  C  CA    . VAL A 1 96  ? 10.148  -0.599  -6.204  1.00 7.08  ? 113 VAL A CA    1 
ATOM   775  C  C     . VAL A 1 96  ? 10.182  -1.756  -7.207  1.00 7.43  ? 113 VAL A C     1 
ATOM   776  O  O     . VAL A 1 96  ? 9.281   -2.590  -7.230  1.00 8.55  ? 113 VAL A O     1 
ATOM   777  C  CB    . VAL A 1 96  ? 9.530   0.649   -6.890  1.00 6.48  ? 113 VAL A CB    1 
ATOM   778  C  CG1   . VAL A 1 96  ? 8.288   0.254   -7.688  1.00 2.14  ? 113 VAL A CG1   1 
ATOM   779  C  CG2   . VAL A 1 96  ? 9.161   1.697   -5.846  1.00 7.71  ? 113 VAL A CG2   1 
ATOM   780  N  N     . GLN A 1 97  ? 11.190  -1.776  -8.065  1.00 8.81  ? 114 GLN A N     1 
ATOM   781  C  CA    . GLN A 1 97  ? 11.321  -2.840  -9.053  1.00 11.14 ? 114 GLN A CA    1 
ATOM   782  C  C     . GLN A 1 97  ? 11.349  -4.208  -8.368  1.00 10.31 ? 114 GLN A C     1 
ATOM   783  O  O     . GLN A 1 97  ? 10.592  -5.111  -8.736  1.00 11.14 ? 114 GLN A O     1 
ATOM   784  C  CB    . GLN A 1 97  ? 12.587  -2.630  -9.888  1.00 12.53 ? 114 GLN A CB    1 
ATOM   785  C  CG    . GLN A 1 97  ? 12.934  -3.779  -10.810 1.00 23.15 ? 114 GLN A CG    1 
ATOM   786  C  CD    . GLN A 1 97  ? 11.792  -4.146  -11.736 1.00 29.01 ? 114 GLN A CD    1 
ATOM   787  O  OE1   . GLN A 1 97  ? 11.153  -5.190  -11.572 1.00 36.32 ? 114 GLN A OE1   1 
ATOM   788  N  NE2   . GLN A 1 97  ? 11.520  -3.287  -12.712 1.00 27.23 ? 114 GLN A NE2   1 
ATOM   789  N  N     . ASP A 1 98  ? 12.194  -4.344  -7.349  1.00 10.13 ? 115 ASP A N     1 
ATOM   790  C  CA    . ASP A 1 98  ? 12.306  -5.601  -6.614  1.00 11.07 ? 115 ASP A CA    1 
ATOM   791  C  C     . ASP A 1 98  ? 11.031  -5.948  -5.857  1.00 11.46 ? 115 ASP A C     1 
ATOM   792  O  O     . ASP A 1 98  ? 10.682  -7.119  -5.742  1.00 13.01 ? 115 ASP A O     1 
ATOM   793  C  CB    . ASP A 1 98  ? 13.510  -5.582  -5.671  1.00 16.58 ? 115 ASP A CB    1 
ATOM   794  C  CG    . ASP A 1 98  ? 14.843  -5.663  -6.413  1.00 23.34 ? 115 ASP A CG    1 
ATOM   795  O  OD1   . ASP A 1 98  ? 14.853  -5.727  -7.664  1.00 24.61 ? 115 ASP A OD1   1 
ATOM   796  O  OD2   . ASP A 1 98  ? 15.894  -5.663  -5.742  1.00 29.75 ? 115 ASP A OD2   1 
ATOM   797  N  N     . TRP A 1 99  ? 10.338  -4.940  -5.333  1.00 11.31 ? 116 TRP A N     1 
ATOM   798  C  CA    . TRP A 1 99  ? 9.077   -5.180  -4.626  1.00 10.60 ? 116 TRP A CA    1 
ATOM   799  C  C     . TRP A 1 99  ? 8.073   -5.721  -5.636  1.00 11.11 ? 116 TRP A C     1 
ATOM   800  O  O     . TRP A 1 99  ? 7.263   -6.592  -5.319  1.00 13.22 ? 116 TRP A O     1 
ATOM   801  C  CB    . TRP A 1 99  ? 8.540   -3.889  -3.994  1.00 9.71  ? 116 TRP A CB    1 
ATOM   802  C  CG    . TRP A 1 99  ? 9.158   -3.570  -2.663  1.00 10.87 ? 116 TRP A CG    1 
ATOM   803  C  CD1   . TRP A 1 99  ? 9.919   -2.481  -2.352  1.00 10.89 ? 116 TRP A CD1   1 
ATOM   804  C  CD2   . TRP A 1 99  ? 9.100   -4.375  -1.476  1.00 10.96 ? 116 TRP A CD2   1 
ATOM   805  N  NE1   . TRP A 1 99  ? 10.349  -2.563  -1.047  1.00 9.57  ? 116 TRP A NE1   1 
ATOM   806  C  CE2   . TRP A 1 99  ? 9.862   -3.716  -0.487  1.00 9.58  ? 116 TRP A CE2   1 
ATOM   807  C  CE3   . TRP A 1 99  ? 8.481   -5.593  -1.151  1.00 9.30  ? 116 TRP A CE3   1 
ATOM   808  C  CZ2   . TRP A 1 99  ? 10.025  -4.233  0.799   1.00 7.94  ? 116 TRP A CZ2   1 
ATOM   809  C  CZ3   . TRP A 1 99  ? 8.644   -6.104  0.128   1.00 7.00  ? 116 TRP A CZ3   1 
ATOM   810  C  CH2   . TRP A 1 99  ? 9.410   -5.424  1.086   1.00 6.38  ? 116 TRP A CH2   1 
ATOM   811  N  N     . SER A 1 100 ? 8.138   -5.181  -6.852  1.00 12.16 ? 117 SER A N     1 
ATOM   812  C  CA    . SER A 1 100 ? 7.275   -5.580  -7.964  1.00 11.66 ? 117 SER A CA    1 
ATOM   813  C  C     . SER A 1 100 ? 7.511   -7.048  -8.332  1.00 10.55 ? 117 SER A C     1 
ATOM   814  O  O     . SER A 1 100 ? 6.567   -7.790  -8.606  1.00 11.52 ? 117 SER A O     1 
ATOM   815  C  CB    . SER A 1 100 ? 7.564   -4.700  -9.178  1.00 10.74 ? 117 SER A CB    1 
ATOM   816  O  OG    . SER A 1 100 ? 6.789   -5.110  -10.284 1.00 18.94 ? 117 SER A OG    1 
ATOM   817  N  N     . THR A 1 101 ? 8.781   -7.446  -8.376  1.00 8.99  ? 118 THR A N     1 
ATOM   818  C  CA    . THR A 1 101 ? 9.154   -8.824  -8.697  1.00 9.93  ? 118 THR A CA    1 
ATOM   819  C  C     . THR A 1 101 ? 8.689   -9.744  -7.560  1.00 9.04  ? 118 THR A C     1 
ATOM   820  O  O     . THR A 1 101 ? 8.205   -10.846 -7.788  1.00 10.10 ? 118 THR A O     1 
ATOM   821  C  CB    . THR A 1 101 ? 10.683  -8.936  -8.878  1.00 10.77 ? 118 THR A CB    1 
ATOM   822  O  OG1   . THR A 1 101 ? 11.101  -8.018  -9.897  1.00 12.72 ? 118 THR A OG1   1 
ATOM   823  C  CG2   . THR A 1 101 ? 11.091  -10.348 -9.269  1.00 10.63 ? 118 THR A CG2   1 
ATOM   824  N  N     . GLN A 1 102 ? 8.798   -9.253  -6.332  1.00 6.45  ? 119 GLN A N     1 
ATOM   825  C  CA    . GLN A 1 102 ? 8.379   -10.005 -5.159  1.00 8.69  ? 119 GLN A CA    1 
ATOM   826  C  C     . GLN A 1 102 ? 6.889   -10.330 -5.278  1.00 7.60  ? 119 GLN A C     1 
ATOM   827  O  O     . GLN A 1 102 ? 6.444   -11.416 -4.908  1.00 8.08  ? 119 GLN A O     1 
ATOM   828  C  CB    . GLN A 1 102 ? 8.624   -9.167  -3.907  1.00 14.10 ? 119 GLN A CB    1 
ATOM   829  C  CG    . GLN A 1 102 ? 8.584   -9.934  -2.609  1.00 24.10 ? 119 GLN A CG    1 
ATOM   830  C  CD    . GLN A 1 102 ? 9.916   -9.912  -1.893  1.00 28.67 ? 119 GLN A CD    1 
ATOM   831  O  OE1   . GLN A 1 102 ? 10.188  -10.761 -1.052  1.00 35.12 ? 119 GLN A OE1   1 
ATOM   832  N  NE2   . GLN A 1 102 ? 10.758  -8.938  -2.225  1.00 31.68 ? 119 GLN A NE2   1 
ATOM   833  N  N     . ILE A 1 103 ? 6.113   -9.367  -5.767  1.00 6.90  ? 120 ILE A N     1 
ATOM   834  C  CA    . ILE A 1 103 ? 4.684   -9.571  -5.931  1.00 6.10  ? 120 ILE A CA    1 
ATOM   835  C  C     . ILE A 1 103 ? 4.465   -10.682 -6.956  1.00 7.74  ? 120 ILE A C     1 
ATOM   836  O  O     . ILE A 1 103 ? 3.704   -11.610 -6.706  1.00 8.42  ? 120 ILE A O     1 
ATOM   837  C  CB    . ILE A 1 103 ? 3.974   -8.263  -6.353  1.00 6.15  ? 120 ILE A CB    1 
ATOM   838  C  CG1   . ILE A 1 103 ? 4.021   -7.257  -5.200  1.00 10.53 ? 120 ILE A CG1   1 
ATOM   839  C  CG2   . ILE A 1 103 ? 2.528   -8.534  -6.753  1.00 7.04  ? 120 ILE A CG2   1 
ATOM   840  C  CD1   . ILE A 1 103 ? 3.406   -5.909  -5.523  1.00 9.67  ? 120 ILE A CD1   1 
ATOM   841  N  N     . LYS A 1 104 ? 5.231   -10.650 -8.045  1.00 9.12  ? 121 LYS A N     1 
ATOM   842  C  CA    . LYS A 1 104 ? 5.124   -11.659 -9.100  1.00 9.39  ? 121 LYS A CA    1 
ATOM   843  C  C     . LYS A 1 104 ? 5.492   -13.062 -8.631  1.00 8.81  ? 121 LYS A C     1 
ATOM   844  O  O     . LYS A 1 104 ? 4.797   -14.028 -8.954  1.00 8.83  ? 121 LYS A O     1 
ATOM   845  C  CB    . LYS A 1 104 ? 5.998   -11.282 -10.289 1.00 10.39 ? 121 LYS A CB    1 
ATOM   846  C  CG    . LYS A 1 104 ? 5.445   -10.163 -11.125 1.00 14.38 ? 121 LYS A CG    1 
ATOM   847  C  CD    . LYS A 1 104 ? 6.387   -9.851  -12.264 1.00 21.77 ? 121 LYS A CD    1 
ATOM   848  C  CE    . LYS A 1 104 ? 5.849   -8.715  -13.117 1.00 26.96 ? 121 LYS A CE    1 
ATOM   849  N  NZ    . LYS A 1 104 ? 6.829   -8.311  -14.168 1.00 34.32 ? 121 LYS A NZ    1 
ATOM   850  N  N     . THR A 1 105 ? 6.504   -13.155 -7.772  1.00 10.50 ? 122 THR A N     1 
ATOM   851  C  CA    . THR A 1 105 ? 6.958   -14.446 -7.259  1.00 8.35  ? 122 THR A CA    1 
ATOM   852  C  C     . THR A 1 105 ? 5.961   -15.109 -6.311  1.00 9.34  ? 122 THR A C     1 
ATOM   853  O  O     . THR A 1 105 ? 5.677   -16.302 -6.446  1.00 6.79  ? 122 THR A O     1 
ATOM   854  C  CB    . THR A 1 105 ? 8.300   -14.320 -6.493  1.00 7.66  ? 122 THR A CB    1 
ATOM   855  O  OG1   . THR A 1 105 ? 9.267   -13.629 -7.294  1.00 9.89  ? 122 THR A OG1   1 
ATOM   856  C  CG2   . THR A 1 105 ? 8.843   -15.702 -6.133  1.00 6.63  ? 122 THR A CG2   1 
ATOM   857  N  N     . TYR A 1 106 ? 5.381   -14.328 -5.397  1.00 9.65  ? 123 TYR A N     1 
ATOM   858  C  CA    . TYR A 1 106 ? 4.471   -14.885 -4.394  1.00 9.91  ? 123 TYR A CA    1 
ATOM   859  C  C     . TYR A 1 106 ? 2.972   -14.627 -4.499  1.00 11.92 ? 123 TYR A C     1 
ATOM   860  O  O     . TYR A 1 106 ? 2.200   -15.282 -3.797  1.00 11.15 ? 123 TYR A O     1 
ATOM   861  C  CB    . TYR A 1 106 ? 4.952   -14.506 -2.993  1.00 9.66  ? 123 TYR A CB    1 
ATOM   862  C  CG    . TYR A 1 106 ? 6.407   -14.822 -2.748  1.00 9.49  ? 123 TYR A CG    1 
ATOM   863  C  CD1   . TYR A 1 106 ? 6.808   -16.109 -2.398  1.00 8.06  ? 123 TYR A CD1   1 
ATOM   864  C  CD2   . TYR A 1 106 ? 7.389   -13.841 -2.909  1.00 10.69 ? 123 TYR A CD2   1 
ATOM   865  C  CE1   . TYR A 1 106 ? 8.152   -16.415 -2.219  1.00 10.77 ? 123 TYR A CE1   1 
ATOM   866  C  CE2   . TYR A 1 106 ? 8.736   -14.133 -2.733  1.00 9.75  ? 123 TYR A CE2   1 
ATOM   867  C  CZ    . TYR A 1 106 ? 9.111   -15.426 -2.390  1.00 14.12 ? 123 TYR A CZ    1 
ATOM   868  O  OH    . TYR A 1 106 ? 10.442  -15.737 -2.234  1.00 14.72 ? 123 TYR A OH    1 
ATOM   869  N  N     . SER A 1 107 ? 2.549   -13.677 -5.332  1.00 14.11 ? 124 SER A N     1 
ATOM   870  C  CA    . SER A 1 107 ? 1.114   -13.405 -5.463  1.00 18.34 ? 124 SER A CA    1 
ATOM   871  C  C     . SER A 1 107 ? 0.441   -14.395 -6.410  1.00 19.76 ? 124 SER A C     1 
ATOM   872  O  O     . SER A 1 107 ? 1.109   -15.086 -7.178  1.00 21.92 ? 124 SER A O     1 
ATOM   873  C  CB    . SER A 1 107 ? 0.850   -11.968 -5.924  1.00 17.75 ? 124 SER A CB    1 
ATOM   874  O  OG    . SER A 1 107 ? 1.128   -11.811 -7.304  1.00 21.38 ? 124 SER A OG    1 
ATOM   875  N  N     . TRP A 1 108 ? -0.885  -14.452 -6.346  1.00 23.04 ? 125 TRP A N     1 
ATOM   876  C  CA    . TRP A 1 108 ? -1.663  -15.365 -7.177  1.00 25.55 ? 125 TRP A CA    1 
ATOM   877  C  C     . TRP A 1 108 ? -2.932  -14.730 -7.737  1.00 27.17 ? 125 TRP A C     1 
ATOM   878  O  O     . TRP A 1 108 ? -3.401  -13.699 -7.246  1.00 28.40 ? 125 TRP A O     1 
ATOM   879  C  CB    . TRP A 1 108 ? -2.070  -16.597 -6.364  1.00 27.14 ? 125 TRP A CB    1 
ATOM   880  C  CG    . TRP A 1 108 ? -0.964  -17.564 -6.075  1.00 32.15 ? 125 TRP A CG    1 
ATOM   881  C  CD1   . TRP A 1 108 ? 0.108   -17.372 -5.247  1.00 33.06 ? 125 TRP A CD1   1 
ATOM   882  C  CD2   . TRP A 1 108 ? -0.840  -18.892 -6.594  1.00 34.51 ? 125 TRP A CD2   1 
ATOM   883  N  NE1   . TRP A 1 108 ? 0.892   -18.503 -5.215  1.00 33.16 ? 125 TRP A NE1   1 
ATOM   884  C  CE2   . TRP A 1 108 ? 0.333   -19.453 -6.032  1.00 35.26 ? 125 TRP A CE2   1 
ATOM   885  C  CE3   . TRP A 1 108 ? -1.605  -19.669 -7.478  1.00 34.39 ? 125 TRP A CE3   1 
ATOM   886  C  CZ2   . TRP A 1 108 ? 0.758   -20.753 -6.326  1.00 35.20 ? 125 TRP A CZ2   1 
ATOM   887  C  CZ3   . TRP A 1 108 ? -1.182  -20.964 -7.771  1.00 36.00 ? 125 TRP A CZ3   1 
ATOM   888  C  CH2   . TRP A 1 108 ? -0.009  -21.492 -7.195  1.00 35.42 ? 125 TRP A CH2   1 
ATOM   889  N  N     . ASP A 1 109 ? -3.491  -15.392 -8.746  1.00 28.63 ? 126 ASP A N     1 
ATOM   890  C  CA    . ASP A 1 109 ? -4.729  -14.986 -9.411  1.00 26.89 ? 126 ASP A CA    1 
ATOM   891  C  C     . ASP A 1 109 ? -4.862  -13.509 -9.784  1.00 23.85 ? 126 ASP A C     1 
ATOM   892  O  O     . ASP A 1 109 ? -5.842  -12.863 -9.420  1.00 22.50 ? 126 ASP A O     1 
ATOM   893  C  CB    . ASP A 1 109 ? -5.931  -15.433 -8.580  1.00 27.15 ? 126 ASP A CB    1 
ATOM   894  N  N     . ASN A 1 110 ? -3.882  -12.984 -10.517 1.00 21.48 ? 127 ASN A N     1 
ATOM   895  C  CA    . ASN A 1 110 ? -3.894  -11.593 -10.966 1.00 19.88 ? 127 ASN A CA    1 
ATOM   896  C  C     . ASN A 1 110 ? -4.297  -10.570 -9.897  1.00 18.65 ? 127 ASN A C     1 
ATOM   897  O  O     . ASN A 1 110 ? -5.356  -9.946  -9.986  1.00 16.13 ? 127 ASN A O     1 
ATOM   898  C  CB    . ASN A 1 110 ? -4.797  -11.449 -12.202 1.00 23.17 ? 127 ASN A CB    1 
ATOM   899  N  N     . ALA A 1 111 ? -3.459  -10.414 -8.878  1.00 15.27 ? 128 ALA A N     1 
ATOM   900  C  CA    . ALA A 1 111 ? -3.729  -9.447  -7.827  1.00 11.53 ? 128 ALA A CA    1 
ATOM   901  C  C     . ALA A 1 111 ? -3.536  -8.062  -8.439  1.00 9.29  ? 128 ALA A C     1 
ATOM   902  O  O     . ALA A 1 111 ? -2.697  -7.886  -9.319  1.00 9.18  ? 128 ALA A O     1 
ATOM   903  C  CB    . ALA A 1 111 ? -2.765  -9.652  -6.666  1.00 9.67  ? 128 ALA A CB    1 
ATOM   904  N  N     . GLN A 1 112 ? -4.365  -7.107  -8.028  1.00 9.76  ? 129 GLN A N     1 
ATOM   905  C  CA    . GLN A 1 112 ? -4.268  -5.736  -8.524  1.00 9.64  ? 129 GLN A CA    1 
ATOM   906  C  C     . GLN A 1 112 ? -3.229  -4.974  -7.697  1.00 9.71  ? 129 GLN A C     1 
ATOM   907  O  O     . GLN A 1 112 ? -3.102  -5.192  -6.492  1.00 10.18 ? 129 GLN A O     1 
ATOM   908  C  CB    . GLN A 1 112 ? -5.632  -5.038  -8.452  1.00 11.12 ? 129 GLN A CB    1 
ATOM   909  C  CG    . GLN A 1 112 ? -6.745  -5.737  -9.237  1.00 12.12 ? 129 GLN A CG    1 
ATOM   910  C  CD    . GLN A 1 112 ? -6.391  -5.962  -10.701 1.00 12.07 ? 129 GLN A CD    1 
ATOM   911  O  OE1   . GLN A 1 112 ? -6.248  -5.013  -11.469 1.00 13.62 ? 129 GLN A OE1   1 
ATOM   912  N  NE2   . GLN A 1 112 ? -6.246  -7.227  -11.090 1.00 11.48 ? 129 GLN A NE2   1 
ATOM   913  N  N     . VAL A 1 113 ? -2.510  -4.060  -8.339  1.00 9.35  ? 130 VAL A N     1 
ATOM   914  C  CA    . VAL A 1 113 ? -1.467  -3.303  -7.659  1.00 9.21  ? 130 VAL A CA    1 
ATOM   915  C  C     . VAL A 1 113 ? -1.474  -1.804  -7.974  1.00 10.14 ? 130 VAL A C     1 
ATOM   916  O  O     . VAL A 1 113 ? -1.681  -1.389  -9.121  1.00 9.68  ? 130 VAL A O     1 
ATOM   917  C  CB    . VAL A 1 113 ? -0.058  -3.871  -8.008  1.00 10.03 ? 130 VAL A CB    1 
ATOM   918  C  CG1   . VAL A 1 113 ? 1.025   -3.158  -7.206  1.00 9.00  ? 130 VAL A CG1   1 
ATOM   919  C  CG2   . VAL A 1 113 ? -0.008  -5.381  -7.762  1.00 10.76 ? 130 VAL A CG2   1 
ATOM   920  N  N     . LEU A 1 114 ? -1.289  -1.002  -6.927  1.00 6.31  ? 131 LEU A N     1 
ATOM   921  C  CA    . LEU A 1 114 ? -1.219  0.444   -7.047  1.00 6.65  ? 131 LEU A CA    1 
ATOM   922  C  C     . LEU A 1 114 ? 0.125   0.871   -6.487  1.00 5.61  ? 131 LEU A C     1 
ATOM   923  O  O     . LEU A 1 114 ? 0.583   0.338   -5.476  1.00 5.17  ? 131 LEU A O     1 
ATOM   924  C  CB    . LEU A 1 114 ? -2.334  1.134   -6.249  1.00 7.42  ? 131 LEU A CB    1 
ATOM   925  C  CG    . LEU A 1 114 ? -3.813  0.903   -6.581  1.00 4.92  ? 131 LEU A CG    1 
ATOM   926  C  CD1   . LEU A 1 114 ? -4.676  1.755   -5.660  1.00 4.52  ? 131 LEU A CD1   1 
ATOM   927  C  CD2   . LEU A 1 114 ? -4.095  1.255   -8.025  1.00 7.08  ? 131 LEU A CD2   1 
ATOM   928  N  N     . LEU A 1 115 ? 0.808   1.749   -7.209  1.00 9.54  ? 132 LEU A N     1 
ATOM   929  C  CA    . LEU A 1 115 ? 2.096   2.264   -6.757  1.00 9.02  ? 132 LEU A CA    1 
ATOM   930  C  C     . LEU A 1 115 ? 1.770   3.556   -6.024  1.00 9.73  ? 132 LEU A C     1 
ATOM   931  O  O     . LEU A 1 115 ? 1.060   4.411   -6.558  1.00 7.65  ? 132 LEU A O     1 
ATOM   932  C  CB    . LEU A 1 115 ? 3.044   2.541   -7.942  1.00 7.28  ? 132 LEU A CB    1 
ATOM   933  C  CG    . LEU A 1 115 ? 4.411   3.136   -7.568  1.00 6.26  ? 132 LEU A CG    1 
ATOM   934  C  CD1   . LEU A 1 115 ? 5.107   2.231   -6.549  1.00 5.10  ? 132 LEU A CD1   1 
ATOM   935  C  CD2   . LEU A 1 115 ? 5.287   3.306   -8.807  1.00 2.60  ? 132 LEU A CD2   1 
ATOM   936  N  N     . VAL A 1 116 ? 2.264   3.688   -4.795  1.00 10.66 ? 133 VAL A N     1 
ATOM   937  C  CA    . VAL A 1 116 ? 1.986   4.880   -4.002  1.00 9.58  ? 133 VAL A CA    1 
ATOM   938  C  C     . VAL A 1 116 ? 3.221   5.567   -3.440  1.00 9.27  ? 133 VAL A C     1 
ATOM   939  O  O     . VAL A 1 116 ? 4.065   4.939   -2.792  1.00 9.17  ? 133 VAL A O     1 
ATOM   940  C  CB    . VAL A 1 116 ? 1.015   4.568   -2.827  1.00 8.63  ? 133 VAL A CB    1 
ATOM   941  C  CG1   . VAL A 1 116 ? 0.716   5.837   -2.031  1.00 8.61  ? 133 VAL A CG1   1 
ATOM   942  C  CG2   . VAL A 1 116 ? -0.277  3.955   -3.352  1.00 7.64  ? 133 VAL A CG2   1 
ATOM   943  N  N     . GLY A 1 117 ? 3.364   6.842   -3.787  1.00 9.21  ? 134 GLY A N     1 
ATOM   944  C  CA    . GLY A 1 117 ? 4.461   7.643   -3.281  1.00 7.91  ? 134 GLY A CA    1 
ATOM   945  C  C     . GLY A 1 117 ? 3.892   8.405   -2.096  1.00 8.46  ? 134 GLY A C     1 
ATOM   946  O  O     . GLY A 1 117 ? 3.199   9.405   -2.282  1.00 8.87  ? 134 GLY A O     1 
ATOM   947  N  N     . ASN A 1 118 ? 4.090   7.876   -0.891  1.00 6.34  ? 135 ASN A N     1 
ATOM   948  C  CA    . ASN A 1 118 ? 3.582   8.499   0.338   1.00 7.42  ? 135 ASN A CA    1 
ATOM   949  C  C     . ASN A 1 118 ? 4.433   9.690   0.822   1.00 6.74  ? 135 ASN A C     1 
ATOM   950  O  O     . ASN A 1 118 ? 5.538   9.927   0.314   1.00 5.63  ? 135 ASN A O     1 
ATOM   951  C  CB    . ASN A 1 118 ? 3.454   7.441   1.439   1.00 4.17  ? 135 ASN A CB    1 
ATOM   952  C  CG    . ASN A 1 118 ? 2.797   7.971   2.694   1.00 6.06  ? 135 ASN A CG    1 
ATOM   953  O  OD1   . ASN A 1 118 ? 1.811   8.697   2.630   1.00 5.10  ? 135 ASN A OD1   1 
ATOM   954  N  ND2   . ASN A 1 118 ? 3.344   7.605   3.848   1.00 5.09  ? 135 ASN A ND2   1 
ATOM   955  N  N     . LYS A 1 119 ? 3.907   10.412  1.815   1.00 7.20  ? 136 LYS A N     1 
ATOM   956  C  CA    . LYS A 1 119 ? 4.551   11.597  2.403   1.00 8.19  ? 136 LYS A CA    1 
ATOM   957  C  C     . LYS A 1 119 ? 4.650   12.769  1.421   1.00 9.21  ? 136 LYS A C     1 
ATOM   958  O  O     . LYS A 1 119 ? 5.607   13.549  1.472   1.00 7.88  ? 136 LYS A O     1 
ATOM   959  C  CB    . LYS A 1 119 ? 5.950   11.270  2.951   1.00 6.25  ? 136 LYS A CB    1 
ATOM   960  C  CG    . LYS A 1 119 ? 5.987   10.086  3.911   1.00 6.50  ? 136 LYS A CG    1 
ATOM   961  C  CD    . LYS A 1 119 ? 7.332   9.980   4.598   1.00 5.59  ? 136 LYS A CD    1 
ATOM   962  C  CE    . LYS A 1 119 ? 7.415   8.726   5.445   1.00 3.32  ? 136 LYS A CE    1 
ATOM   963  N  NZ    . LYS A 1 119 ? 8.755   8.594   6.055   1.00 4.09  ? 136 LYS A NZ    1 
ATOM   964  N  N     . CYS A 1 120 ? 3.648   12.915  0.554   1.00 8.91  ? 137 CYS A N     1 
ATOM   965  C  CA    . CYS A 1 120 ? 3.657   13.991  -0.438  1.00 11.72 ? 137 CYS A CA    1 
ATOM   966  C  C     . CYS A 1 120 ? 3.504   15.367  0.202   1.00 12.85 ? 137 CYS A C     1 
ATOM   967  O  O     . CYS A 1 120 ? 3.599   16.391  -0.476  1.00 16.23 ? 137 CYS A O     1 
ATOM   968  C  CB    . CYS A 1 120 ? 2.590   13.770  -1.520  1.00 9.25  ? 137 CYS A CB    1 
ATOM   969  S  SG    . CYS A 1 120 ? 0.876   13.942  -0.982  1.00 10.93 ? 137 CYS A SG    1 
ATOM   970  N  N     . ASP A 1 121 ? 3.252   15.382  1.508   1.00 14.35 ? 138 ASP A N     1 
ATOM   971  C  CA    . ASP A 1 121 ? 3.117   16.626  2.258   1.00 11.99 ? 138 ASP A CA    1 
ATOM   972  C  C     . ASP A 1 121 ? 4.511   17.230  2.437   1.00 11.23 ? 138 ASP A C     1 
ATOM   973  O  O     . ASP A 1 121 ? 4.656   18.433  2.660   1.00 13.91 ? 138 ASP A O     1 
ATOM   974  C  CB    . ASP A 1 121 ? 2.484   16.351  3.627   1.00 9.18  ? 138 ASP A CB    1 
ATOM   975  C  CG    . ASP A 1 121 ? 3.231   15.292  4.409   1.00 9.82  ? 138 ASP A CG    1 
ATOM   976  O  OD1   . ASP A 1 121 ? 2.952   14.095  4.204   1.00 9.03  ? 138 ASP A OD1   1 
ATOM   977  O  OD2   . ASP A 1 121 ? 4.110   15.647  5.218   1.00 7.37  ? 138 ASP A OD2   1 
ATOM   978  N  N     . MET A 1 122 ? 5.527   16.373  2.346   1.00 11.35 ? 139 MET A N     1 
ATOM   979  C  CA    . MET A 1 122 ? 6.932   16.764  2.481   1.00 11.48 ? 139 MET A CA    1 
ATOM   980  C  C     . MET A 1 122 ? 7.459   17.302  1.148   1.00 11.31 ? 139 MET A C     1 
ATOM   981  O  O     . MET A 1 122 ? 8.481   16.841  0.646   1.00 9.36  ? 139 MET A O     1 
ATOM   982  C  CB    . MET A 1 122 ? 7.770   15.544  2.869   1.00 15.03 ? 139 MET A CB    1 
ATOM   983  C  CG    . MET A 1 122 ? 7.353   14.836  4.135   1.00 20.99 ? 139 MET A CG    1 
ATOM   984  S  SD    . MET A 1 122 ? 8.225   15.486  5.553   1.00 27.35 ? 139 MET A SD    1 
ATOM   985  C  CE    . MET A 1 122 ? 7.015   16.492  6.183   1.00 23.60 ? 139 MET A CE    1 
ATOM   986  N  N     . GLU A 1 123 ? 6.789   18.311  0.607   1.00 11.29 ? 140 GLU A N     1 
ATOM   987  C  CA    . GLU A 1 123 ? 7.182   18.886  -0.675  1.00 13.35 ? 140 GLU A CA    1 
ATOM   988  C  C     . GLU A 1 123 ? 8.584   19.506  -0.686  1.00 14.11 ? 140 GLU A C     1 
ATOM   989  O  O     . GLU A 1 123 ? 9.330   19.352  -1.644  1.00 11.16 ? 140 GLU A O     1 
ATOM   990  C  CB    . GLU A 1 123 ? 6.133   19.901  -1.128  1.00 15.94 ? 140 GLU A CB    1 
ATOM   991  C  CG    . GLU A 1 123 ? 6.183   20.211  -2.612  1.00 22.04 ? 140 GLU A CG    1 
ATOM   992  C  CD    . GLU A 1 123 ? 6.173   18.957  -3.482  1.00 21.43 ? 140 GLU A CD    1 
ATOM   993  O  OE1   . GLU A 1 123 ? 5.154   18.226  -3.494  1.00 21.75 ? 140 GLU A OE1   1 
ATOM   994  O  OE2   . GLU A 1 123 ? 7.192   18.714  -4.162  1.00 24.03 ? 140 GLU A OE2   1 
ATOM   995  N  N     . ASP A 1 124 ? 8.951   20.187  0.392   1.00 14.17 ? 141 ASP A N     1 
ATOM   996  C  CA    . ASP A 1 124 ? 10.266  20.805  0.482   1.00 13.60 ? 141 ASP A CA    1 
ATOM   997  C  C     . ASP A 1 124 ? 11.386  19.772  0.600   1.00 12.91 ? 141 ASP A C     1 
ATOM   998  O  O     . ASP A 1 124 ? 12.520  20.039  0.213   1.00 14.16 ? 141 ASP A O     1 
ATOM   999  C  CB    . ASP A 1 124 ? 10.315  21.771  1.672   1.00 16.50 ? 141 ASP A CB    1 
ATOM   1000 C  CG    . ASP A 1 124 ? 9.482   23.021  1.447   1.00 18.28 ? 141 ASP A CG    1 
ATOM   1001 O  OD1   . ASP A 1 124 ? 9.112   23.304  0.288   1.00 23.46 ? 141 ASP A OD1   1 
ATOM   1002 O  OD2   . ASP A 1 124 ? 9.206   23.730  2.435   1.00 20.48 ? 141 ASP A OD2   1 
ATOM   1003 N  N     . GLU A 1 125 ? 11.058  18.587  1.108   1.00 13.15 ? 142 GLU A N     1 
ATOM   1004 C  CA    . GLU A 1 125 ? 12.043  17.514  1.275   1.00 13.78 ? 142 GLU A CA    1 
ATOM   1005 C  C     . GLU A 1 125 ? 11.956  16.437  0.188   1.00 12.85 ? 142 GLU A C     1 
ATOM   1006 O  O     . GLU A 1 125 ? 12.631  15.415  0.270   1.00 13.62 ? 142 GLU A O     1 
ATOM   1007 C  CB    . GLU A 1 125 ? 11.893  16.856  2.655   1.00 14.55 ? 142 GLU A CB    1 
ATOM   1008 C  CG    . GLU A 1 125 ? 12.059  17.797  3.849   1.00 17.06 ? 142 GLU A CG    1 
ATOM   1009 C  CD    . GLU A 1 125 ? 10.859  18.704  4.088   1.00 18.79 ? 142 GLU A CD    1 
ATOM   1010 O  OE1   . GLU A 1 125 ? 9.731   18.345  3.699   1.00 20.71 ? 142 GLU A OE1   1 
ATOM   1011 O  OE2   . GLU A 1 125 ? 11.035  19.782  4.691   1.00 24.64 ? 142 GLU A OE2   1 
ATOM   1012 N  N     . ARG A 1 126 ? 11.138  16.675  -0.835  1.00 13.22 ? 143 ARG A N     1 
ATOM   1013 C  CA    . ARG A 1 126 ? 10.965  15.718  -1.929  1.00 13.14 ? 143 ARG A CA    1 
ATOM   1014 C  C     . ARG A 1 126 ? 12.257  15.422  -2.680  1.00 13.05 ? 143 ARG A C     1 
ATOM   1015 O  O     . ARG A 1 126 ? 13.016  16.339  -2.983  1.00 14.42 ? 143 ARG A O     1 
ATOM   1016 C  CB    . ARG A 1 126 ? 9.929   16.245  -2.929  1.00 12.27 ? 143 ARG A CB    1 
ATOM   1017 C  CG    . ARG A 1 126 ? 9.797   15.390  -4.185  1.00 12.08 ? 143 ARG A CG    1 
ATOM   1018 C  CD    . ARG A 1 126 ? 8.999   16.078  -5.282  1.00 9.69  ? 143 ARG A CD    1 
ATOM   1019 N  NE    . ARG A 1 126 ? 7.587   16.212  -4.954  1.00 5.38  ? 143 ARG A NE    1 
ATOM   1020 C  CZ    . ARG A 1 126 ? 6.669   15.274  -5.166  1.00 10.19 ? 143 ARG A CZ    1 
ATOM   1021 N  NH1   . ARG A 1 126 ? 7.012   14.110  -5.705  1.00 9.46  ? 143 ARG A NH1   1 
ATOM   1022 N  NH2   . ARG A 1 126 ? 5.394   15.513  -4.880  1.00 6.28  ? 143 ARG A NH2   1 
ATOM   1023 N  N     . VAL A 1 127 ? 12.517  14.143  -2.957  1.00 13.30 ? 144 VAL A N     1 
ATOM   1024 C  CA    . VAL A 1 127 ? 13.700  13.755  -3.733  1.00 12.78 ? 144 VAL A CA    1 
ATOM   1025 C  C     . VAL A 1 127 ? 13.284  12.994  -4.997  1.00 13.05 ? 144 VAL A C     1 
ATOM   1026 O  O     . VAL A 1 127 ? 14.055  12.894  -5.950  1.00 15.69 ? 144 VAL A O     1 
ATOM   1027 C  CB    . VAL A 1 127 ? 14.728  12.918  -2.922  1.00 13.82 ? 144 VAL A CB    1 
ATOM   1028 C  CG1   . VAL A 1 127 ? 15.021  13.585  -1.594  1.00 16.61 ? 144 VAL A CG1   1 
ATOM   1029 C  CG2   . VAL A 1 127 ? 14.253  11.501  -2.726  1.00 13.89 ? 144 VAL A CG2   1 
ATOM   1030 N  N     . VAL A 1 128 ? 12.067  12.456  -5.000  1.00 11.22 ? 145 VAL A N     1 
ATOM   1031 C  CA    . VAL A 1 128 ? 11.555  11.722  -6.157  1.00 9.98  ? 145 VAL A CA    1 
ATOM   1032 C  C     . VAL A 1 128 ? 10.398  12.496  -6.786  1.00 9.72  ? 145 VAL A C     1 
ATOM   1033 O  O     . VAL A 1 128 ? 9.361   12.703  -6.161  1.00 7.60  ? 145 VAL A O     1 
ATOM   1034 C  CB    . VAL A 1 128 ? 11.072  10.313  -5.771  1.00 9.71  ? 145 VAL A CB    1 
ATOM   1035 C  CG1   . VAL A 1 128 ? 10.537  9.588   -6.995  1.00 7.68  ? 145 VAL A CG1   1 
ATOM   1036 C  CG2   . VAL A 1 128 ? 12.209  9.518   -5.145  1.00 11.52 ? 145 VAL A CG2   1 
ATOM   1037 N  N     . SER A 1 129 ? 10.595  12.956  -8.014  1.00 8.43  ? 146 SER A N     1 
ATOM   1038 C  CA    . SER A 1 129 ? 9.566   13.711  -8.710  1.00 9.42  ? 146 SER A CA    1 
ATOM   1039 C  C     . SER A 1 129 ? 8.336   12.854  -8.992  1.00 11.57 ? 146 SER A C     1 
ATOM   1040 O  O     . SER A 1 129 ? 8.422   11.622  -9.066  1.00 11.47 ? 146 SER A O     1 
ATOM   1041 C  CB    . SER A 1 129 ? 10.112  14.261  -10.026 1.00 9.92  ? 146 SER A CB    1 
ATOM   1042 O  OG    . SER A 1 129 ? 10.361  13.210  -10.944 1.00 13.79 ? 146 SER A OG    1 
ATOM   1043 N  N     . SER A 1 130 ? 7.189   13.517  -9.117  1.00 12.71 ? 147 SER A N     1 
ATOM   1044 C  CA    . SER A 1 130 ? 5.932   12.836  -9.413  1.00 14.18 ? 147 SER A CA    1 
ATOM   1045 C  C     . SER A 1 130 ? 6.049   12.231  -10.808 1.00 12.94 ? 147 SER A C     1 
ATOM   1046 O  O     . SER A 1 130 ? 5.494   11.165  -11.090 1.00 14.53 ? 147 SER A O     1 
ATOM   1047 C  CB    . SER A 1 130 ? 4.760   13.826  -9.374  1.00 12.67 ? 147 SER A CB    1 
ATOM   1048 O  OG    . SER A 1 130 ? 4.640   14.439  -8.103  1.00 18.30 ? 147 SER A OG    1 
ATOM   1049 N  N     . GLU A 1 131 ? 6.773   12.930  -11.676 1.00 13.22 ? 148 GLU A N     1 
ATOM   1050 C  CA    . GLU A 1 131 ? 6.983   12.482  -13.045 1.00 16.98 ? 148 GLU A CA    1 
ATOM   1051 C  C     . GLU A 1 131 ? 7.671   11.127  -13.052 1.00 13.34 ? 148 GLU A C     1 
ATOM   1052 O  O     . GLU A 1 131 ? 7.284   10.242  -13.805 1.00 14.05 ? 148 GLU A O     1 
ATOM   1053 C  CB    . GLU A 1 131 ? 7.821   13.493  -13.827 1.00 19.82 ? 148 GLU A CB    1 
ATOM   1054 C  CG    . GLU A 1 131 ? 8.044   13.091  -15.275 1.00 30.69 ? 148 GLU A CG    1 
ATOM   1055 C  CD    . GLU A 1 131 ? 9.012   14.002  -16.014 1.00 37.70 ? 148 GLU A CD    1 
ATOM   1056 O  OE1   . GLU A 1 131 ? 9.633   14.887  -15.383 1.00 42.52 ? 148 GLU A OE1   1 
ATOM   1057 O  OE2   . GLU A 1 131 ? 9.158   13.827  -17.240 1.00 44.32 ? 148 GLU A OE2   1 
ATOM   1058 N  N     . ARG A 1 132 ? 8.711   10.976  -12.236 1.00 11.86 ? 149 ARG A N     1 
ATOM   1059 C  CA    . ARG A 1 132 ? 9.419   9.701   -12.163 1.00 10.01 ? 149 ARG A CA    1 
ATOM   1060 C  C     . ARG A 1 132 ? 8.543   8.603   -11.574 1.00 8.47  ? 149 ARG A C     1 
ATOM   1061 O  O     . ARG A 1 132 ? 8.609   7.458   -12.013 1.00 8.18  ? 149 ARG A O     1 
ATOM   1062 C  CB    . ARG A 1 132 ? 10.709  9.826   -11.357 1.00 9.51  ? 149 ARG A CB    1 
ATOM   1063 C  CG    . ARG A 1 132 ? 11.810  10.562  -12.091 1.00 12.89 ? 149 ARG A CG    1 
ATOM   1064 C  CD    . ARG A 1 132 ? 13.172  10.026  -11.701 1.00 14.50 ? 149 ARG A CD    1 
ATOM   1065 N  NE    . ARG A 1 132 ? 13.467  10.292  -10.304 1.00 18.83 ? 149 ARG A NE    1 
ATOM   1066 C  CZ    . ARG A 1 132 ? 14.196  9.511   -9.516  1.00 17.14 ? 149 ARG A CZ    1 
ATOM   1067 N  NH1   . ARG A 1 132 ? 14.723  8.380   -9.969  1.00 13.02 ? 149 ARG A NH1   1 
ATOM   1068 N  NH2   . ARG A 1 132 ? 14.409  9.882   -8.267  1.00 18.09 ? 149 ARG A NH2   1 
ATOM   1069 N  N     . GLY A 1 133 ? 7.748   8.948   -10.560 1.00 8.43  ? 150 GLY A N     1 
ATOM   1070 C  CA    . GLY A 1 133 ? 6.864   7.971   -9.944  1.00 7.40  ? 150 GLY A CA    1 
ATOM   1071 C  C     . GLY A 1 133 ? 5.841   7.460   -10.944 1.00 8.10  ? 150 GLY A C     1 
ATOM   1072 O  O     . GLY A 1 133 ? 5.645   6.255   -11.095 1.00 5.97  ? 150 GLY A O     1 
ATOM   1073 N  N     . ARG A 1 134 ? 5.204   8.396   -11.639 1.00 8.73  ? 151 ARG A N     1 
ATOM   1074 C  CA    . ARG A 1 134 ? 4.204   8.086   -12.650 1.00 11.03 ? 151 ARG A CA    1 
ATOM   1075 C  C     . ARG A 1 134 ? 4.797   7.241   -13.787 1.00 10.87 ? 151 ARG A C     1 
ATOM   1076 O  O     . ARG A 1 134 ? 4.193   6.257   -14.212 1.00 10.62 ? 151 ARG A O     1 
ATOM   1077 C  CB    . ARG A 1 134 ? 3.599   9.396   -13.169 1.00 14.19 ? 151 ARG A CB    1 
ATOM   1078 C  CG    . ARG A 1 134 ? 2.952   9.338   -14.545 1.00 25.94 ? 151 ARG A CG    1 
ATOM   1079 C  CD    . ARG A 1 134 ? 1.937   8.216   -14.666 1.00 32.56 ? 151 ARG A CD    1 
ATOM   1080 N  NE    . ARG A 1 134 ? 0.835   8.334   -13.718 1.00 38.51 ? 151 ARG A NE    1 
ATOM   1081 C  CZ    . ARG A 1 134 ? -0.390  7.868   -13.939 1.00 40.97 ? 151 ARG A CZ    1 
ATOM   1082 N  NH1   . ARG A 1 134 ? -0.675  7.254   -15.082 1.00 43.12 ? 151 ARG A NH1   1 
ATOM   1083 N  NH2   . ARG A 1 134 ? -1.331  8.002   -13.013 1.00 43.03 ? 151 ARG A NH2   1 
ATOM   1084 N  N     . GLN A 1 135 ? 5.999   7.604   -14.234 1.00 11.90 ? 152 GLN A N     1 
ATOM   1085 C  CA    . GLN A 1 135 ? 6.701   6.890   -15.304 1.00 10.61 ? 152 GLN A CA    1 
ATOM   1086 C  C     . GLN A 1 135 ? 7.043   5.450   -14.906 1.00 9.78  ? 152 GLN A C     1 
ATOM   1087 O  O     . GLN A 1 135 ? 6.981   4.546   -15.735 1.00 7.89  ? 152 GLN A O     1 
ATOM   1088 C  CB    . GLN A 1 135 ? 7.965   7.664   -15.703 1.00 12.74 ? 152 GLN A CB    1 
ATOM   1089 C  CG    . GLN A 1 135 ? 9.012   6.887   -16.503 1.00 21.89 ? 152 GLN A CG    1 
ATOM   1090 C  CD    . GLN A 1 135 ? 8.601   6.584   -17.938 1.00 26.94 ? 152 GLN A CD    1 
ATOM   1091 O  OE1   . GLN A 1 135 ? 9.317   6.930   -18.883 1.00 25.44 ? 152 GLN A OE1   1 
ATOM   1092 N  NE2   . GLN A 1 135 ? 7.490   5.870   -18.096 1.00 25.48 ? 152 GLN A NE2   1 
ATOM   1093 N  N     . LEU A 1 136 ? 7.434   5.241   -13.650 1.00 6.83  ? 153 LEU A N     1 
ATOM   1094 C  CA    . LEU A 1 136 ? 7.752   3.893   -13.187 1.00 5.92  ? 153 LEU A CA    1 
ATOM   1095 C  C     . LEU A 1 136 ? 6.470   3.073   -13.068 1.00 4.56  ? 153 LEU A C     1 
ATOM   1096 O  O     . LEU A 1 136 ? 6.433   1.909   -13.448 1.00 5.99  ? 153 LEU A O     1 
ATOM   1097 C  CB    . LEU A 1 136 ? 8.478   3.920   -11.842 1.00 7.97  ? 153 LEU A CB    1 
ATOM   1098 C  CG    . LEU A 1 136 ? 8.843   2.545   -11.263 1.00 6.84  ? 153 LEU A CG    1 
ATOM   1099 C  CD1   . LEU A 1 136 ? 9.769   1.801   -12.205 1.00 5.20  ? 153 LEU A CD1   1 
ATOM   1100 C  CD2   . LEU A 1 136 ? 9.501   2.715   -9.900  1.00 7.96  ? 153 LEU A CD2   1 
ATOM   1101 N  N     . ALA A 1 137 ? 5.410   3.692   -12.558 1.00 5.39  ? 154 ALA A N     1 
ATOM   1102 C  CA    . ALA A 1 137 ? 4.131   3.008   -12.414 1.00 4.84  ? 154 ALA A CA    1 
ATOM   1103 C  C     . ALA A 1 137 ? 3.674   2.492   -13.777 1.00 8.19  ? 154 ALA A C     1 
ATOM   1104 O  O     . ALA A 1 137 ? 3.254   1.338   -13.908 1.00 8.06  ? 154 ALA A O     1 
ATOM   1105 C  CB    . ALA A 1 137 ? 3.102   3.951   -11.837 1.00 5.44  ? 154 ALA A CB    1 
ATOM   1106 N  N     . ASP A 1 138 ? 3.778   3.355   -14.787 1.00 9.63  ? 155 ASP A N     1 
ATOM   1107 C  CA    . ASP A 1 138 ? 3.399   3.010   -16.155 1.00 8.11  ? 155 ASP A CA    1 
ATOM   1108 C  C     . ASP A 1 138 ? 4.167   1.800   -16.669 1.00 8.79  ? 155 ASP A C     1 
ATOM   1109 O  O     . ASP A 1 138 ? 3.568   0.848   -17.167 1.00 8.70  ? 155 ASP A O     1 
ATOM   1110 C  CB    . ASP A 1 138 ? 3.633   4.193   -17.096 1.00 8.03  ? 155 ASP A CB    1 
ATOM   1111 C  CG    . ASP A 1 138 ? 2.598   5.286   -16.942 1.00 8.73  ? 155 ASP A CG    1 
ATOM   1112 O  OD1   . ASP A 1 138 ? 1.559   5.060   -16.288 1.00 9.87  ? 155 ASP A OD1   1 
ATOM   1113 O  OD2   . ASP A 1 138 ? 2.828   6.378   -17.492 1.00 8.41  ? 155 ASP A OD2   1 
ATOM   1114 N  N     . HIS A 1 139 ? 5.488   1.824   -16.522 1.00 9.01  ? 156 HIS A N     1 
ATOM   1115 C  CA    . HIS A 1 139 ? 6.315   0.713   -16.978 1.00 10.04 ? 156 HIS A CA    1 
ATOM   1116 C  C     . HIS A 1 139 ? 6.013   -0.591  -16.245 1.00 10.87 ? 156 HIS A C     1 
ATOM   1117 O  O     . HIS A 1 139 ? 6.104   -1.667  -16.827 1.00 12.14 ? 156 HIS A O     1 
ATOM   1118 C  CB    . HIS A 1 139 ? 7.798   1.052   -16.851 1.00 10.96 ? 156 HIS A CB    1 
ATOM   1119 C  CG    . HIS A 1 139 ? 8.266   2.085   -17.824 1.00 11.84 ? 156 HIS A CG    1 
ATOM   1120 N  ND1   . HIS A 1 139 ? 9.454   2.766   -17.666 1.00 9.53  ? 156 HIS A ND1   1 
ATOM   1121 C  CD2   . HIS A 1 139 ? 7.719   2.542   -18.976 1.00 10.80 ? 156 HIS A CD2   1 
ATOM   1122 C  CE1   . HIS A 1 139 ? 9.618   3.598   -18.680 1.00 10.99 ? 156 HIS A CE1   1 
ATOM   1123 N  NE2   . HIS A 1 139 ? 8.579   3.479   -19.488 1.00 11.83 ? 156 HIS A NE2   1 
ATOM   1124 N  N     . LEU A 1 140 ? 5.649   -0.491  -14.967 1.00 8.21  ? 157 LEU A N     1 
ATOM   1125 C  CA    . LEU A 1 140 ? 5.330   -1.673  -14.168 1.00 9.76  ? 157 LEU A CA    1 
ATOM   1126 C  C     . LEU A 1 140 ? 3.898   -2.164  -14.384 1.00 8.77  ? 157 LEU A C     1 
ATOM   1127 O  O     . LEU A 1 140 ? 3.544   -3.263  -13.964 1.00 9.90  ? 157 LEU A O     1 
ATOM   1128 C  CB    . LEU A 1 140 ? 5.566   -1.405  -12.673 1.00 6.61  ? 157 LEU A CB    1 
ATOM   1129 C  CG    . LEU A 1 140 ? 7.018   -1.252  -12.202 1.00 6.20  ? 157 LEU A CG    1 
ATOM   1130 C  CD1   . LEU A 1 140 ? 7.045   -1.003  -10.706 1.00 4.82  ? 157 LEU A CD1   1 
ATOM   1131 C  CD2   . LEU A 1 140 ? 7.818   -2.500  -12.540 1.00 7.67  ? 157 LEU A CD2   1 
ATOM   1132 N  N     . GLY A 1 141 ? 3.090   -1.357  -15.070 1.00 10.56 ? 158 GLY A N     1 
ATOM   1133 C  CA    . GLY A 1 141 ? 1.708   -1.722  -15.331 1.00 8.54  ? 158 GLY A CA    1 
ATOM   1134 C  C     . GLY A 1 141 ? 0.794   -1.413  -14.159 1.00 10.74 ? 158 GLY A C     1 
ATOM   1135 O  O     . GLY A 1 141 ? -0.279  -2.009  -14.033 1.00 11.34 ? 158 GLY A O     1 
ATOM   1136 N  N     . PHE A 1 142 ? 1.218   -0.490  -13.295 1.00 9.25  ? 159 PHE A N     1 
ATOM   1137 C  CA    . PHE A 1 142 ? 0.421   -0.116  -12.128 1.00 10.69 ? 159 PHE A CA    1 
ATOM   1138 C  C     . PHE A 1 142 ? -0.112  1.305   -12.245 1.00 8.11  ? 159 PHE A C     1 
ATOM   1139 O  O     . PHE A 1 142 ? 0.499   2.154   -12.890 1.00 6.05  ? 159 PHE A O     1 
ATOM   1140 C  CB    . PHE A 1 142 ? 1.254   -0.162  -10.839 1.00 8.63  ? 159 PHE A CB    1 
ATOM   1141 C  CG    . PHE A 1 142 ? 1.958   -1.466  -10.592 1.00 10.09 ? 159 PHE A CG    1 
ATOM   1142 C  CD1   . PHE A 1 142 ? 1.427   -2.671  -11.041 1.00 7.53  ? 159 PHE A CD1   1 
ATOM   1143 C  CD2   . PHE A 1 142 ? 3.161   -1.481  -9.893  1.00 8.32  ? 159 PHE A CD2   1 
ATOM   1144 C  CE1   . PHE A 1 142 ? 2.083   -3.866  -10.797 1.00 7.66  ? 159 PHE A CE1   1 
ATOM   1145 C  CE2   . PHE A 1 142 ? 3.824   -2.674  -9.644  1.00 11.68 ? 159 PHE A CE2   1 
ATOM   1146 C  CZ    . PHE A 1 142 ? 3.284   -3.866  -10.098 1.00 8.45  ? 159 PHE A CZ    1 
ATOM   1147 N  N     . GLU A 1 143 ? -1.253  1.549   -11.607 1.00 10.34 ? 160 GLU A N     1 
ATOM   1148 C  CA    . GLU A 1 143 ? -1.839  2.885   -11.562 1.00 11.99 ? 160 GLU A CA    1 
ATOM   1149 C  C     . GLU A 1 143 ? -1.040  3.592   -10.472 1.00 11.10 ? 160 GLU A C     1 
ATOM   1150 O  O     . GLU A 1 143 ? -0.572  2.955   -9.519  1.00 8.13  ? 160 GLU A O     1 
ATOM   1151 C  CB    . GLU A 1 143 ? -3.330  2.826   -11.222 1.00 13.58 ? 160 GLU A CB    1 
ATOM   1152 C  CG    . GLU A 1 143 ? -4.156  2.137   -12.302 1.00 14.57 ? 160 GLU A CG    1 
ATOM   1153 C  CD    . GLU A 1 143 ? -5.655  2.313   -12.136 1.00 16.02 ? 160 GLU A CD    1 
ATOM   1154 O  OE1   . GLU A 1 143 ? -6.091  2.972   -11.163 1.00 16.58 ? 160 GLU A OE1   1 
ATOM   1155 O  OE2   . GLU A 1 143 ? -6.396  1.792   -12.999 1.00 12.79 ? 160 GLU A OE2   1 
ATOM   1156 N  N     . PHE A 1 144 ? -0.897  4.904   -10.603 1.00 10.36 ? 161 PHE A N     1 
ATOM   1157 C  CA    . PHE A 1 144 ? -0.084  5.680   -9.675  1.00 9.76  ? 161 PHE A CA    1 
ATOM   1158 C  C     . PHE A 1 144 ? -0.837  6.659   -8.786  1.00 10.90 ? 161 PHE A C     1 
ATOM   1159 O  O     . PHE A 1 144 ? -1.829  7.253   -9.195  1.00 10.22 ? 161 PHE A O     1 
ATOM   1160 C  CB    . PHE A 1 144 ? 0.975   6.426   -10.490 1.00 7.76  ? 161 PHE A CB    1 
ATOM   1161 C  CG    . PHE A 1 144 ? 1.877   7.295   -9.675  1.00 11.03 ? 161 PHE A CG    1 
ATOM   1162 C  CD1   . PHE A 1 144 ? 2.820   6.732   -8.813  1.00 12.48 ? 161 PHE A CD1   1 
ATOM   1163 C  CD2   . PHE A 1 144 ? 1.814   8.680   -9.792  1.00 11.66 ? 161 PHE A CD2   1 
ATOM   1164 C  CE1   . PHE A 1 144 ? 3.691   7.542   -8.084  1.00 10.62 ? 161 PHE A CE1   1 
ATOM   1165 C  CE2   . PHE A 1 144 ? 2.681   9.500   -9.066  1.00 10.55 ? 161 PHE A CE2   1 
ATOM   1166 C  CZ    . PHE A 1 144 ? 3.620   8.927   -8.213  1.00 10.74 ? 161 PHE A CZ    1 
ATOM   1167 N  N     . PHE A 1 145 ? -0.358  6.793   -7.556  1.00 9.88  ? 162 PHE A N     1 
ATOM   1168 C  CA    . PHE A 1 145 ? -0.923  7.722   -6.586  1.00 8.52  ? 162 PHE A CA    1 
ATOM   1169 C  C     . PHE A 1 145 ? 0.177   8.247   -5.678  1.00 9.19  ? 162 PHE A C     1 
ATOM   1170 O  O     . PHE A 1 145 ? 1.140   7.546   -5.383  1.00 5.29  ? 162 PHE A O     1 
ATOM   1171 C  CB    . PHE A 1 145 ? -1.945  7.039   -5.679  1.00 10.58 ? 162 PHE A CB    1 
ATOM   1172 C  CG    . PHE A 1 145 ? -3.275  6.795   -6.313  1.00 11.99 ? 162 PHE A CG    1 
ATOM   1173 C  CD1   . PHE A 1 145 ? -3.524  5.613   -7.008  1.00 13.23 ? 162 PHE A CD1   1 
ATOM   1174 C  CD2   . PHE A 1 145 ? -4.305  7.712   -6.153  1.00 7.89  ? 162 PHE A CD2   1 
ATOM   1175 C  CE1   . PHE A 1 145 ? -4.791  5.343   -7.529  1.00 13.37 ? 162 PHE A CE1   1 
ATOM   1176 C  CE2   . PHE A 1 145 ? -5.574  7.454   -6.667  1.00 11.15 ? 162 PHE A CE2   1 
ATOM   1177 C  CZ    . PHE A 1 145 ? -5.819  6.266   -7.354  1.00 8.11  ? 162 PHE A CZ    1 
ATOM   1178 N  N     . GLU A 1 146 ? 0.089   9.527   -5.349  1.00 9.93  ? 163 GLU A N     1 
ATOM   1179 C  CA    . GLU A 1 146 ? 1.002   10.130  -4.391  1.00 9.63  ? 163 GLU A CA    1 
ATOM   1180 C  C     . GLU A 1 146 ? 0.044   10.467  -3.262  1.00 8.36  ? 163 GLU A C     1 
ATOM   1181 O  O     . GLU A 1 146 ? -1.093  10.858  -3.516  1.00 7.59  ? 163 GLU A O     1 
ATOM   1182 C  CB    . GLU A 1 146 ? 1.676   11.383  -4.933  1.00 8.76  ? 163 GLU A CB    1 
ATOM   1183 C  CG    . GLU A 1 146 ? 3.019   11.093  -5.579  1.00 8.12  ? 163 GLU A CG    1 
ATOM   1184 C  CD    . GLU A 1 146 ? 3.856   12.336  -5.800  1.00 7.91  ? 163 GLU A CD    1 
ATOM   1185 O  OE1   . GLU A 1 146 ? 3.405   13.453  -5.462  1.00 12.63 ? 163 GLU A OE1   1 
ATOM   1186 O  OE2   . GLU A 1 146 ? 4.988   12.195  -6.293  1.00 9.11  ? 163 GLU A OE2   1 
ATOM   1187 N  N     . ALA A 1 147 ? 0.468   10.270  -2.021  1.00 6.47  ? 164 ALA A N     1 
ATOM   1188 C  CA    . ALA A 1 147 ? -0.431  10.520  -0.908  1.00 5.20  ? 164 ALA A CA    1 
ATOM   1189 C  C     . ALA A 1 147 ? 0.274   10.970  0.352   1.00 5.93  ? 164 ALA A C     1 
ATOM   1190 O  O     . ALA A 1 147 ? 1.498   11.086  0.391   1.00 7.27  ? 164 ALA A O     1 
ATOM   1191 C  CB    . ALA A 1 147 ? -1.255  9.261   -0.621  1.00 2.39  ? 164 ALA A CB    1 
ATOM   1192 N  N     . SER A 1 148 ? -0.525  11.210  1.386   1.00 7.15  ? 165 SER A N     1 
ATOM   1193 C  CA    . SER A 1 148 ? -0.020  11.643  2.680   1.00 6.21  ? 165 SER A CA    1 
ATOM   1194 C  C     . SER A 1 148 ? -0.869  11.077  3.812   1.00 4.70  ? 165 SER A C     1 
ATOM   1195 O  O     . SER A 1 148 ? -2.034  11.445  3.982   1.00 5.80  ? 165 SER A O     1 
ATOM   1196 C  CB    . SER A 1 148 ? -0.003  13.172  2.766   1.00 8.12  ? 165 SER A CB    1 
ATOM   1197 O  OG    . SER A 1 148 ? 0.472   13.599  4.029   1.00 6.59  ? 165 SER A OG    1 
ATOM   1198 N  N     . ALA A 1 149 ? -0.297  10.130  4.545   1.00 6.76  ? 166 ALA A N     1 
ATOM   1199 C  CA    . ALA A 1 149 ? -0.980  9.537   5.682   1.00 6.04  ? 166 ALA A CA    1 
ATOM   1200 C  C     . ALA A 1 149 ? -1.128  10.636  6.733   1.00 7.31  ? 166 ALA A C     1 
ATOM   1201 O  O     . ALA A 1 149 ? -2.125  10.703  7.444   1.00 6.69  ? 166 ALA A O     1 
ATOM   1202 C  CB    . ALA A 1 149 ? -0.164  8.386   6.237   1.00 6.29  ? 166 ALA A CB    1 
ATOM   1203 N  N     . LYS A 1 150 ? -0.132  11.515  6.799   1.00 9.89  ? 167 LYS A N     1 
ATOM   1204 C  CA    . LYS A 1 150 ? -0.136  12.623  7.751   1.00 11.07 ? 167 LYS A CA    1 
ATOM   1205 C  C     . LYS A 1 150 ? -1.244  13.639  7.484   1.00 9.78  ? 167 LYS A C     1 
ATOM   1206 O  O     . LYS A 1 150 ? -2.046  13.927  8.365   1.00 9.91  ? 167 LYS A O     1 
ATOM   1207 C  CB    . LYS A 1 150 ? 1.214   13.340  7.743   1.00 11.46 ? 167 LYS A CB    1 
ATOM   1208 C  CG    . LYS A 1 150 ? 1.267   14.553  8.667   1.00 13.88 ? 167 LYS A CG    1 
ATOM   1209 C  CD    . LYS A 1 150 ? 2.543   15.338  8.470   1.00 16.18 ? 167 LYS A CD    1 
ATOM   1210 C  CE    . LYS A 1 150 ? 2.483   16.672  9.181   1.00 17.41 ? 167 LYS A CE    1 
ATOM   1211 N  NZ    . LYS A 1 150 ? 1.427   17.579  8.661   1.00 17.12 ? 167 LYS A NZ    1 
ATOM   1212 N  N     . ASP A 1 151 ? -1.276  14.187  6.274   1.00 10.55 ? 168 ASP A N     1 
ATOM   1213 C  CA    . ASP A 1 151 ? -2.281  15.191  5.919   1.00 9.76  ? 168 ASP A CA    1 
ATOM   1214 C  C     . ASP A 1 151 ? -3.584  14.615  5.385   1.00 9.07  ? 168 ASP A C     1 
ATOM   1215 O  O     . ASP A 1 151 ? -4.444  15.351  4.901   1.00 9.75  ? 168 ASP A O     1 
ATOM   1216 C  CB    . ASP A 1 151 ? -1.708  16.193  4.910   1.00 10.45 ? 168 ASP A CB    1 
ATOM   1217 C  CG    . ASP A 1 151 ? -0.730  17.178  5.543   1.00 14.53 ? 168 ASP A CG    1 
ATOM   1218 O  OD1   . ASP A 1 151 ? -0.520  17.131  6.774   1.00 16.07 ? 168 ASP A OD1   1 
ATOM   1219 O  OD2   . ASP A 1 151 ? -0.182  18.020  4.804   1.00 15.91 ? 168 ASP A OD2   1 
ATOM   1220 N  N     . ASN A 1 152 ? -3.684  13.292  5.391   1.00 7.48  ? 169 ASN A N     1 
ATOM   1221 C  CA    . ASN A 1 152 ? -4.872  12.602  4.916   1.00 9.20  ? 169 ASN A CA    1 
ATOM   1222 C  C     . ASN A 1 152 ? -5.181  12.954  3.458   1.00 9.05  ? 169 ASN A C     1 
ATOM   1223 O  O     . ASN A 1 152 ? -6.320  13.272  3.097   1.00 8.37  ? 169 ASN A O     1 
ATOM   1224 C  CB    . ASN A 1 152 ? -6.071  12.926  5.816   1.00 10.74 ? 169 ASN A CB    1 
ATOM   1225 C  CG    . ASN A 1 152 ? -7.216  11.957  5.624   1.00 13.22 ? 169 ASN A CG    1 
ATOM   1226 O  OD1   . ASN A 1 152 ? -7.089  10.959  4.912   1.00 10.16 ? 169 ASN A OD1   1 
ATOM   1227 N  ND2   . ASN A 1 152 ? -8.339  12.233  6.280   1.00 15.37 ? 169 ASN A ND2   1 
ATOM   1228 N  N     . ILE A 1 153 ? -4.153  12.887  2.621   1.00 8.43  ? 170 ILE A N     1 
ATOM   1229 C  CA    . ILE A 1 153 ? -4.311  13.191  1.212   1.00 7.44  ? 170 ILE A CA    1 
ATOM   1230 C  C     . ILE A 1 153 ? -4.207  11.933  0.369   1.00 7.14  ? 170 ILE A C     1 
ATOM   1231 O  O     . ILE A 1 153 ? -3.186  11.257  0.380   1.00 7.07  ? 170 ILE A O     1 
ATOM   1232 C  CB    . ILE A 1 153 ? -3.273  14.225  0.742   1.00 10.85 ? 170 ILE A CB    1 
ATOM   1233 C  CG1   . ILE A 1 153 ? -3.576  15.584  1.381   1.00 11.37 ? 170 ILE A CG1   1 
ATOM   1234 C  CG2   . ILE A 1 153 ? -3.291  14.350  -0.784  1.00 12.83 ? 170 ILE A CG2   1 
ATOM   1235 C  CD1   . ILE A 1 153 ? -2.567  16.642  1.055   1.00 14.92 ? 170 ILE A CD1   1 
ATOM   1236 N  N     . ASN A 1 154 ? -5.307  11.593  -0.299  1.00 7.72  ? 171 ASN A N     1 
ATOM   1237 C  CA    . ASN A 1 154 ? -5.385  10.432  -1.183  1.00 9.20  ? 171 ASN A CA    1 
ATOM   1238 C  C     . ASN A 1 154 ? -5.330  9.051   -0.549  1.00 9.35  ? 171 ASN A C     1 
ATOM   1239 O  O     . ASN A 1 154 ? -5.144  8.065   -1.264  1.00 8.87  ? 171 ASN A O     1 
ATOM   1240 C  CB    . ASN A 1 154 ? -4.323  10.521  -2.273  1.00 7.95  ? 171 ASN A CB    1 
ATOM   1241 C  CG    . ASN A 1 154 ? -4.510  11.715  -3.154  1.00 7.69  ? 171 ASN A CG    1 
ATOM   1242 O  OD1   . ASN A 1 154 ? -5.604  12.272  -3.232  1.00 8.97  ? 171 ASN A OD1   1 
ATOM   1243 N  ND2   . ASN A 1 154 ? -3.444  12.129  -3.817  1.00 8.00  ? 171 ASN A ND2   1 
ATOM   1244 N  N     . VAL A 1 155 ? -5.490  8.962   0.769   1.00 5.20  ? 172 VAL A N     1 
ATOM   1245 C  CA    . VAL A 1 155 ? -5.467  7.656   1.418   1.00 5.91  ? 172 VAL A CA    1 
ATOM   1246 C  C     . VAL A 1 155 ? -6.766  6.932   1.064   1.00 7.39  ? 172 VAL A C     1 
ATOM   1247 O  O     . VAL A 1 155 ? -6.749  5.800   0.584   1.00 7.22  ? 172 VAL A O     1 
ATOM   1248 C  CB    . VAL A 1 155 ? -5.329  7.760   2.958   1.00 5.25  ? 172 VAL A CB    1 
ATOM   1249 C  CG1   . VAL A 1 155 ? -5.231  6.365   3.560   1.00 2.00  ? 172 VAL A CG1   1 
ATOM   1250 C  CG2   . VAL A 1 155 ? -4.098  8.603   3.338   1.00 3.70  ? 172 VAL A CG2   1 
ATOM   1251 N  N     . LYS A 1 156 ? -7.891  7.611   1.268   1.00 7.93  ? 173 LYS A N     1 
ATOM   1252 C  CA    . LYS A 1 156 ? -9.192  7.032   0.955   1.00 7.04  ? 173 LYS A CA    1 
ATOM   1253 C  C     . LYS A 1 156 ? -9.261  6.718   -0.537  1.00 7.56  ? 173 LYS A C     1 
ATOM   1254 O  O     . LYS A 1 156 ? -9.684  5.628   -0.923  1.00 8.75  ? 173 LYS A O     1 
ATOM   1255 C  CB    . LYS A 1 156 ? -10.309 7.990   1.346   1.00 7.10  ? 173 LYS A CB    1 
ATOM   1256 N  N     . GLN A 1 157 ? -8.843  7.680   -1.361  1.00 6.66  ? 174 GLN A N     1 
ATOM   1257 C  CA    . GLN A 1 157 ? -8.839  7.529   -2.818  1.00 9.95  ? 174 GLN A CA    1 
ATOM   1258 C  C     . GLN A 1 157 ? -8.058  6.291   -3.257  1.00 7.18  ? 174 GLN A C     1 
ATOM   1259 O  O     . GLN A 1 157 ? -8.512  5.533   -4.111  1.00 9.92  ? 174 GLN A O     1 
ATOM   1260 C  CB    . GLN A 1 157 ? -8.256  8.777   -3.496  1.00 11.21 ? 174 GLN A CB    1 
ATOM   1261 C  CG    . GLN A 1 157 ? -9.166  10.013  -3.474  1.00 12.17 ? 174 GLN A CG    1 
ATOM   1262 C  CD    . GLN A 1 157 ? -9.455  10.536  -2.070  1.00 16.31 ? 174 GLN A CD    1 
ATOM   1263 O  OE1   . GLN A 1 157 ? -10.549 11.016  -1.793  1.00 17.77 ? 174 GLN A OE1   1 
ATOM   1264 N  NE2   . GLN A 1 157 ? -8.464  10.461  -1.185  1.00 11.43 ? 174 GLN A NE2   1 
ATOM   1265 N  N     . THR A 1 158 ? -6.881  6.101   -2.677  1.00 7.91  ? 175 THR A N     1 
ATOM   1266 C  CA    . THR A 1 158 ? -6.046  4.947   -2.997  1.00 8.73  ? 175 THR A CA    1 
ATOM   1267 C  C     . THR A 1 158 ? -6.788  3.644   -2.723  1.00 9.81  ? 175 THR A C     1 
ATOM   1268 O  O     . THR A 1 158 ? -6.923  2.791   -3.602  1.00 11.20 ? 175 THR A O     1 
ATOM   1269 C  CB    . THR A 1 158 ? -4.757  4.954   -2.167  1.00 5.52  ? 175 THR A CB    1 
ATOM   1270 O  OG1   . THR A 1 158 ? -3.909  6.010   -2.629  1.00 8.84  ? 175 THR A OG1   1 
ATOM   1271 C  CG2   . THR A 1 158 ? -4.020  3.626   -2.296  1.00 10.14 ? 175 THR A CG2   1 
ATOM   1272 N  N     . PHE A 1 159 ? -7.279  3.501   -1.499  1.00 11.25 ? 176 PHE A N     1 
ATOM   1273 C  CA    . PHE A 1 159 ? -8.002  2.301   -1.112  1.00 9.52  ? 176 PHE A CA    1 
ATOM   1274 C  C     . PHE A 1 159 ? -9.273  2.080   -1.913  1.00 9.63  ? 176 PHE A C     1 
ATOM   1275 O  O     . PHE A 1 159 ? -9.573  0.953   -2.291  1.00 9.32  ? 176 PHE A O     1 
ATOM   1276 C  CB    . PHE A 1 159 ? -8.320  2.333   0.381   1.00 8.95  ? 176 PHE A CB    1 
ATOM   1277 C  CG    . PHE A 1 159 ? -7.168  1.918   1.258   1.00 8.31  ? 176 PHE A CG    1 
ATOM   1278 C  CD1   . PHE A 1 159 ? -6.868  0.572   1.440   1.00 7.11  ? 176 PHE A CD1   1 
ATOM   1279 C  CD2   . PHE A 1 159 ? -6.414  2.872   1.938   1.00 8.60  ? 176 PHE A CD2   1 
ATOM   1280 C  CE1   . PHE A 1 159 ? -5.839  0.180   2.294   1.00 8.69  ? 176 PHE A CE1   1 
ATOM   1281 C  CE2   . PHE A 1 159 ? -5.387  2.493   2.792   1.00 8.01  ? 176 PHE A CE2   1 
ATOM   1282 C  CZ    . PHE A 1 159 ? -5.099  1.143   2.973   1.00 8.20  ? 176 PHE A CZ    1 
ATOM   1283 N  N     . GLU A 1 160 ? -10.005 3.152   -2.198  1.00 7.61  ? 177 GLU A N     1 
ATOM   1284 C  CA    . GLU A 1 160 ? -11.237 3.020   -2.964  1.00 10.40 ? 177 GLU A CA    1 
ATOM   1285 C  C     . GLU A 1 160 ? -10.998 2.606   -4.410  1.00 7.39  ? 177 GLU A C     1 
ATOM   1286 O  O     . GLU A 1 160 ? -11.802 1.871   -4.986  1.00 9.35  ? 177 GLU A O     1 
ATOM   1287 C  CB    . GLU A 1 160 ? -12.066 4.296   -2.892  1.00 12.58 ? 177 GLU A CB    1 
ATOM   1288 C  CG    . GLU A 1 160 ? -12.601 4.551   -1.499  1.00 17.88 ? 177 GLU A CG    1 
ATOM   1289 C  CD    . GLU A 1 160 ? -13.516 5.755   -1.415  1.00 20.83 ? 177 GLU A CD    1 
ATOM   1290 O  OE1   . GLU A 1 160 ? -13.461 6.631   -2.309  1.00 25.47 ? 177 GLU A OE1   1 
ATOM   1291 O  OE2   . GLU A 1 160 ? -14.296 5.821   -0.442  1.00 24.51 ? 177 GLU A OE2   1 
ATOM   1292 N  N     . ARG A 1 161 ? -9.903  3.074   -4.998  1.00 5.42  ? 178 ARG A N     1 
ATOM   1293 C  CA    . ARG A 1 161 ? -9.576  2.702   -6.375  1.00 6.82  ? 178 ARG A CA    1 
ATOM   1294 C  C     . ARG A 1 161 ? -9.194  1.225   -6.400  1.00 8.44  ? 178 ARG A C     1 
ATOM   1295 O  O     . ARG A 1 161 ? -9.615  0.479   -7.287  1.00 8.20  ? 178 ARG A O     1 
ATOM   1296 C  CB    . ARG A 1 161 ? -8.418  3.541   -6.906  1.00 6.31  ? 178 ARG A CB    1 
ATOM   1297 C  CG    . ARG A 1 161 ? -7.983  3.159   -8.302  1.00 9.58  ? 178 ARG A CG    1 
ATOM   1298 C  CD    . ARG A 1 161 ? -9.140  3.245   -9.286  1.00 11.41 ? 178 ARG A CD    1 
ATOM   1299 N  NE    . ARG A 1 161 ? -8.764  2.755   -10.608 1.00 14.83 ? 178 ARG A NE    1 
ATOM   1300 C  CZ    . ARG A 1 161 ? -9.625  2.449   -11.574 1.00 15.36 ? 178 ARG A CZ    1 
ATOM   1301 N  NH1   . ARG A 1 161 ? -10.929 2.586   -11.377 1.00 14.38 ? 178 ARG A NH1   1 
ATOM   1302 N  NH2   . ARG A 1 161 ? -9.180  1.983   -12.735 1.00 12.78 ? 178 ARG A NH2   1 
ATOM   1303 N  N     . LEU A 1 162 ? -8.434  0.798   -5.392  1.00 8.14  ? 179 LEU A N     1 
ATOM   1304 C  CA    . LEU A 1 162 ? -8.013  -0.592  -5.301  1.00 6.71  ? 179 LEU A CA    1 
ATOM   1305 C  C     . LEU A 1 162 ? -9.233  -1.496  -5.190  1.00 7.70  ? 179 LEU A C     1 
ATOM   1306 O  O     . LEU A 1 162 ? -9.282  -2.548  -5.829  1.00 9.37  ? 179 LEU A O     1 
ATOM   1307 C  CB    . LEU A 1 162 ? -7.081  -0.806  -4.103  1.00 6.81  ? 179 LEU A CB    1 
ATOM   1308 C  CG    . LEU A 1 162 ? -6.433  -2.195  -4.007  1.00 7.30  ? 179 LEU A CG    1 
ATOM   1309 C  CD1   . LEU A 1 162 ? -5.759  -2.539  -5.331  1.00 4.60  ? 179 LEU A CD1   1 
ATOM   1310 C  CD2   . LEU A 1 162 ? -5.420  -2.245  -2.866  1.00 6.31  ? 179 LEU A CD2   1 
ATOM   1311 N  N     . VAL A 1 163 ? -10.219 -1.081  -4.391  1.00 9.13  ? 180 VAL A N     1 
ATOM   1312 C  CA    . VAL A 1 163 ? -11.450 -1.855  -4.207  1.00 9.17  ? 180 VAL A CA    1 
ATOM   1313 C  C     . VAL A 1 163 ? -12.217 -1.928  -5.530  1.00 10.43 ? 180 VAL A C     1 
ATOM   1314 O  O     . VAL A 1 163 ? -12.756 -2.973  -5.887  1.00 11.51 ? 180 VAL A O     1 
ATOM   1315 C  CB    . VAL A 1 163 ? -12.356 -1.251  -3.098  1.00 9.53  ? 180 VAL A CB    1 
ATOM   1316 C  CG1   . VAL A 1 163 ? -13.721 -1.923  -3.097  1.00 7.13  ? 180 VAL A CG1   1 
ATOM   1317 C  CG2   . VAL A 1 163 ? -11.704 -1.434  -1.731  1.00 9.29  ? 180 VAL A CG2   1 
ATOM   1318 N  N     . ASP A 1 164 ? -12.210 -0.830  -6.278  1.00 10.21 ? 181 ASP A N     1 
ATOM   1319 C  CA    . ASP A 1 164 ? -12.886 -0.780  -7.568  1.00 12.00 ? 181 ASP A CA    1 
ATOM   1320 C  C     . ASP A 1 164 ? -12.292 -1.769  -8.573  1.00 10.93 ? 181 ASP A C     1 
ATOM   1321 O  O     . ASP A 1 164 ? -13.010 -2.611  -9.110  1.00 11.15 ? 181 ASP A O     1 
ATOM   1322 C  CB    . ASP A 1 164 ? -12.852 0.640   -8.149  1.00 13.20 ? 181 ASP A CB    1 
ATOM   1323 C  CG    . ASP A 1 164 ? -13.937 1.539   -7.569  1.00 16.96 ? 181 ASP A CG    1 
ATOM   1324 O  OD1   . ASP A 1 164 ? -14.931 1.016   -7.033  1.00 18.69 ? 181 ASP A OD1   1 
ATOM   1325 O  OD2   . ASP A 1 164 ? -13.810 2.777   -7.666  1.00 20.81 ? 181 ASP A OD2   1 
ATOM   1326 N  N     . VAL A 1 165 ? -10.984 -1.681  -8.808  1.00 8.72  ? 182 VAL A N     1 
ATOM   1327 C  CA    . VAL A 1 165 ? -10.331 -2.578  -9.758  1.00 9.67  ? 182 VAL A CA    1 
ATOM   1328 C  C     . VAL A 1 165 ? -10.413 -4.043  -9.339  1.00 10.13 ? 182 VAL A C     1 
ATOM   1329 O  O     . VAL A 1 165 ? -10.408 -4.930  -10.185 1.00 11.99 ? 182 VAL A O     1 
ATOM   1330 C  CB    . VAL A 1 165 ? -8.864  -2.159  -10.060 1.00 7.90  ? 182 VAL A CB    1 
ATOM   1331 C  CG1   . VAL A 1 165 ? -8.834  -0.746  -10.642 1.00 8.63  ? 182 VAL A CG1   1 
ATOM   1332 C  CG2   . VAL A 1 165 ? -8.001  -2.241  -8.818  1.00 7.38  ? 182 VAL A CG2   1 
ATOM   1333 N  N     . ILE A 1 166 ? -10.486 -4.302  -8.037  1.00 10.45 ? 183 ILE A N     1 
ATOM   1334 C  CA    . ILE A 1 166 ? -10.610 -5.676  -7.562  1.00 11.77 ? 183 ILE A CA    1 
ATOM   1335 C  C     . ILE A 1 166 ? -12.035 -6.142  -7.878  1.00 14.09 ? 183 ILE A C     1 
ATOM   1336 O  O     . ILE A 1 166 ? -12.239 -7.221  -8.428  1.00 13.23 ? 183 ILE A O     1 
ATOM   1337 C  CB    . ILE A 1 166 ? -10.372 -5.801  -6.031  1.00 11.96 ? 183 ILE A CB    1 
ATOM   1338 C  CG1   . ILE A 1 166 ? -8.910  -5.522  -5.686  1.00 12.86 ? 183 ILE A CG1   1 
ATOM   1339 C  CG2   . ILE A 1 166 ? -10.730 -7.203  -5.549  1.00 10.58 ? 183 ILE A CG2   1 
ATOM   1340 C  CD1   . ILE A 1 166 ? -8.626  -5.560  -4.190  1.00 7.04  ? 183 ILE A CD1   1 
ATOM   1341 N  N     . CYS A 1 167 ? -13.008 -5.286  -7.582  1.00 12.88 ? 184 CYS A N     1 
ATOM   1342 C  CA    . CYS A 1 167 ? -14.406 -5.603  -7.807  1.00 15.16 ? 184 CYS A CA    1 
ATOM   1343 C  C     . CYS A 1 167 ? -14.773 -5.747  -9.276  1.00 18.02 ? 184 CYS A C     1 
ATOM   1344 O  O     . CYS A 1 167 ? -15.634 -6.554  -9.632  1.00 21.18 ? 184 CYS A O     1 
ATOM   1345 C  CB    . CYS A 1 167 ? -15.278 -4.557  -7.160  1.00 14.65 ? 184 CYS A CB    1 
ATOM   1346 N  N     . GLU A 1 168 ? -14.117 -4.969  -10.128 1.00 20.17 ? 185 GLU A N     1 
ATOM   1347 C  CA    . GLU A 1 168 ? -14.387 -4.981  -11.562 1.00 25.31 ? 185 GLU A CA    1 
ATOM   1348 C  C     . GLU A 1 168 ? -13.507 -5.958  -12.341 1.00 29.05 ? 185 GLU A C     1 
ATOM   1349 O  O     . GLU A 1 168 ? -13.535 -5.989  -13.571 1.00 32.21 ? 185 GLU A O     1 
ATOM   1350 C  CB    . GLU A 1 168 ? -14.206 -3.570  -12.114 1.00 26.33 ? 185 GLU A CB    1 
ATOM   1351 C  CG    . GLU A 1 168 ? -15.041 -2.525  -11.387 1.00 27.49 ? 185 GLU A CG    1 
ATOM   1352 C  CD    . GLU A 1 168 ? -14.562 -1.104  -11.617 1.00 28.11 ? 185 GLU A CD    1 
ATOM   1353 O  OE1   . GLU A 1 168 ? -13.555 -0.902  -12.336 1.00 28.43 ? 185 GLU A OE1   1 
ATOM   1354 O  OE2   . GLU A 1 168 ? -15.205 -0.185  -11.069 1.00 32.51 ? 185 GLU A OE2   1 
ATOM   1355 N  N     . LYS A 1 169 ? -12.735 -6.756  -11.612 1.00 31.68 ? 186 LYS A N     1 
ATOM   1356 C  CA    . LYS A 1 169 ? -11.831 -7.735  -12.203 1.00 33.66 ? 186 LYS A CA    1 
ATOM   1357 C  C     . LYS A 1 169 ? -12.610 -8.898  -12.841 1.00 36.74 ? 186 LYS A C     1 
ATOM   1358 O  O     . LYS A 1 169 ? -13.598 -9.368  -12.223 1.00 39.77 ? 186 LYS A O     1 
ATOM   1359 C  CB    . LYS A 1 169 ? -10.879 -8.230  -11.109 1.00 31.58 ? 186 LYS A CB    1 
ATOM   1360 C  CG    . LYS A 1 169 ? -9.855  -9.247  -11.517 1.00 29.92 ? 186 LYS A CG    1 
ATOM   1361 C  CD    . LYS A 1 169 ? -9.089  -9.622  -10.286 1.00 31.70 ? 186 LYS A CD    1 
ATOM   1362 C  CE    . LYS A 1 169 ? -8.296  -10.887 -10.461 1.00 34.47 ? 186 LYS A CE    1 
ATOM   1363 N  NZ    . LYS A 1 169 ? -7.743  -11.291 -9.135  1.00 36.32 ? 186 LYS A NZ    1 
ATOM   1364 O  OXT   . LYS A 1 169 ? -12.218 -9.322  -13.956 1.00 38.35 ? 186 LYS A OXT   1 
HETATM 1365 MG MG    . MG  B 2 .   ? 4.942   -0.496  9.843   1.00 12.88 ? 201 MG  A MG    1 
HETATM 1366 P  PG    . GNP C 3 .   ? 8.082   -0.505  8.922   1.00 8.87  ? 200 GNP A PG    1 
HETATM 1367 O  O1G   . GNP C 3 .   ? 9.442   -0.345  9.477   1.00 3.23  ? 200 GNP A O1G   1 
HETATM 1368 O  O2G   . GNP C 3 .   ? 7.118   -1.049  9.891   1.00 7.72  ? 200 GNP A O2G   1 
HETATM 1369 O  O3G   . GNP C 3 .   ? 8.028   -1.124  7.581   1.00 6.91  ? 200 GNP A O3G   1 
HETATM 1370 N  N3B   . GNP C 3 .   ? 7.605   1.067   8.689   1.00 9.62  ? 200 GNP A N3B   1 
HETATM 1371 P  PB    . GNP C 3 .   ? 6.347   1.812   7.934   1.00 6.20  ? 200 GNP A PB    1 
HETATM 1372 O  O1B   . GNP C 3 .   ? 6.613   1.809   6.478   1.00 8.50  ? 200 GNP A O1B   1 
HETATM 1373 O  O2B   . GNP C 3 .   ? 5.091   1.263   8.434   1.00 6.38  ? 200 GNP A O2B   1 
HETATM 1374 O  O3A   . GNP C 3 .   ? 6.364   3.360   8.412   1.00 5.48  ? 200 GNP A O3A   1 
HETATM 1375 P  PA    . GNP C 3 .   ? 5.545   4.072   9.601   1.00 6.21  ? 200 GNP A PA    1 
HETATM 1376 O  O1A   . GNP C 3 .   ? 4.096   4.159   9.267   1.00 3.11  ? 200 GNP A O1A   1 
HETATM 1377 O  O2A   . GNP C 3 .   ? 5.974   3.500   10.893  1.00 5.92  ? 200 GNP A O2A   1 
HETATM 1378 O  "O5'" . GNP C 3 .   ? 6.189   5.519   9.436   1.00 7.24  ? 200 GNP A "O5'" 1 
HETATM 1379 C  "C5'" . GNP C 3 .   ? 7.572   5.801   9.600   1.00 5.65  ? 200 GNP A "C5'" 1 
HETATM 1380 C  "C4'" . GNP C 3 .   ? 7.713   7.267   9.935   1.00 7.10  ? 200 GNP A "C4'" 1 
HETATM 1381 O  "O4'" . GNP C 3 .   ? 7.196   8.077   8.869   1.00 7.27  ? 200 GNP A "O4'" 1 
HETATM 1382 C  "C3'" . GNP C 3 .   ? 6.897   7.630   11.154  1.00 7.86  ? 200 GNP A "C3'" 1 
HETATM 1383 O  "O3'" . GNP C 3 .   ? 7.708   8.509   11.917  1.00 8.87  ? 200 GNP A "O3'" 1 
HETATM 1384 C  "C2'" . GNP C 3 .   ? 5.637   8.321   10.607  1.00 6.36  ? 200 GNP A "C2'" 1 
HETATM 1385 O  "O2'" . GNP C 3 .   ? 5.203   9.398   11.433  1.00 9.67  ? 200 GNP A "O2'" 1 
HETATM 1386 C  "C1'" . GNP C 3 .   ? 6.128   8.930   9.307   1.00 6.39  ? 200 GNP A "C1'" 1 
HETATM 1387 N  N9    . GNP C 3 .   ? 5.081   9.124   8.275   1.00 2.81  ? 200 GNP A N9    1 
HETATM 1388 C  C8    . GNP C 3 .   ? 4.225   8.199   7.739   1.00 4.18  ? 200 GNP A C8    1 
HETATM 1389 N  N7    . GNP C 3 .   ? 3.451   8.666   6.799   1.00 6.14  ? 200 GNP A N7    1 
HETATM 1390 C  C5    . GNP C 3 .   ? 3.808   10.008  6.699   1.00 5.67  ? 200 GNP A C5    1 
HETATM 1391 C  C6    . GNP C 3 .   ? 3.306   11.034  5.846   1.00 4.62  ? 200 GNP A C6    1 
HETATM 1392 O  O6    . GNP C 3 .   ? 2.423   10.966  4.992   1.00 6.34  ? 200 GNP A O6    1 
HETATM 1393 N  N1    . GNP C 3 .   ? 3.946   12.250  6.067   1.00 5.50  ? 200 GNP A N1    1 
HETATM 1394 C  C2    . GNP C 3 .   ? 4.950   12.463  6.989   1.00 5.35  ? 200 GNP A C2    1 
HETATM 1395 N  N2    . GNP C 3 .   ? 5.440   13.705  7.046   1.00 2.32  ? 200 GNP A N2    1 
HETATM 1396 N  N3    . GNP C 3 .   ? 5.422   11.497  7.795   1.00 5.66  ? 200 GNP A N3    1 
HETATM 1397 C  C4    . GNP C 3 .   ? 4.807   10.299  7.599   1.00 5.98  ? 200 GNP A C4    1 
HETATM 1398 O  O     . HOH D 4 .   ? 6.872   -5.112  3.012   1.00 2.70  ? 300 HOH A O     1 
HETATM 1399 O  O     . HOH D 4 .   ? 4.461   -1.741  7.931   1.00 5.40  ? 301 HOH A O     1 
HETATM 1400 O  O     . HOH D 4 .   ? 5.068   4.442   13.209  1.00 6.78  ? 302 HOH A O     1 
HETATM 1401 O  O     . HOH D 4 .   ? 12.666  0.556   -8.910  1.00 14.13 ? 303 HOH A O     1 
HETATM 1402 O  O     . HOH D 4 .   ? 13.446  -1.735  4.100   1.00 16.27 ? 304 HOH A O     1 
HETATM 1403 O  O     . HOH D 4 .   ? -7.429  10.395  2.325   1.00 13.56 ? 305 HOH A O     1 
HETATM 1404 O  O     . HOH D 4 .   ? 9.722   1.202   -1.066  1.00 5.51  ? 306 HOH A O     1 
HETATM 1405 O  O     . HOH D 4 .   ? 2.659   -1.662  13.247  1.00 11.00 ? 307 HOH A O     1 
HETATM 1406 O  O     . HOH D 4 .   ? 7.117   10.501  -6.496  1.00 7.38  ? 308 HOH A O     1 
HETATM 1407 O  O     . HOH D 4 .   ? 9.932   -3.412  9.563   1.00 9.61  ? 309 HOH A O     1 
HETATM 1408 O  O     . HOH D 4 .   ? -3.150  -0.996  -11.339 1.00 8.33  ? 310 HOH A O     1 
HETATM 1409 O  O     . HOH D 4 .   ? 7.457   16.497  -8.718  1.00 15.38 ? 312 HOH A O     1 
HETATM 1410 O  O     . HOH D 4 .   ? -0.936  -1.655  11.514  1.00 20.46 ? 313 HOH A O     1 
HETATM 1411 O  O     . HOH D 4 .   ? 9.872   -7.308  4.672   1.00 8.68  ? 314 HOH A O     1 
HETATM 1412 O  O     . HOH D 4 .   ? 10.974  6.431   -13.261 1.00 13.41 ? 315 HOH A O     1 
HETATM 1413 O  O     . HOH D 4 .   ? 13.878  10.368  3.926   1.00 14.16 ? 316 HOH A O     1 
HETATM 1414 O  O     . HOH D 4 .   ? 2.178   -13.554 -9.656  1.00 16.01 ? 317 HOH A O     1 
HETATM 1415 O  O     . HOH D 4 .   ? 5.570   0.962   11.648  1.00 8.67  ? 318 HOH A O     1 
HETATM 1416 O  O     . HOH D 4 .   ? 17.804  7.382   -0.242  1.00 13.96 ? 319 HOH A O     1 
HETATM 1417 O  O     . HOH D 4 .   ? 16.092  -0.778  -0.406  1.00 15.03 ? 320 HOH A O     1 
HETATM 1418 O  O     . HOH D 4 .   ? 0.826   6.641   12.147  1.00 21.12 ? 321 HOH A O     1 
HETATM 1419 O  O     . HOH D 4 .   ? 13.506  12.974  -8.810  1.00 15.65 ? 322 HOH A O     1 
HETATM 1420 O  O     . HOH D 4 .   ? -1.572  7.493   10.358  1.00 17.98 ? 323 HOH A O     1 
HETATM 1421 O  O     . HOH D 4 .   ? -5.875  14.810  -3.755  1.00 13.50 ? 324 HOH A O     1 
HETATM 1422 O  O     . HOH D 4 .   ? -10.385 -4.644  -12.862 1.00 21.68 ? 326 HOH A O     1 
HETATM 1423 O  O     . HOH D 4 .   ? -9.089  9.210   7.646   1.00 8.67  ? 327 HOH A O     1 
HETATM 1424 O  O     . HOH D 4 .   ? -1.786  11.146  -6.735  1.00 11.79 ? 328 HOH A O     1 
HETATM 1425 O  O     . HOH D 4 .   ? -6.035  13.442  13.118  1.00 28.57 ? 329 HOH A O     1 
HETATM 1426 O  O     . HOH D 4 .   ? 2.540   -16.508 -0.335  1.00 24.84 ? 331 HOH A O     1 
HETATM 1427 O  O     . HOH D 4 .   ? 6.299   -7.840  1.979   1.00 9.52  ? 332 HOH A O     1 
HETATM 1428 O  O     . HOH D 4 .   ? 4.457   18.306  5.990   1.00 22.70 ? 333 HOH A O     1 
HETATM 1429 O  O     . HOH D 4 .   ? 14.609  3.110   2.394   1.00 12.82 ? 334 HOH A O     1 
HETATM 1430 O  O     . HOH D 4 .   ? -7.399  16.072  2.844   1.00 20.88 ? 335 HOH A O     1 
HETATM 1431 O  O     . HOH D 4 .   ? -3.054  -3.715  -11.318 1.00 16.01 ? 337 HOH A O     1 
HETATM 1432 O  O     . HOH D 4 .   ? -2.114  -12.847 -4.445  1.00 14.57 ? 338 HOH A O     1 
HETATM 1433 O  O     . HOH D 4 .   ? -23.010 2.209   -1.056  1.00 30.58 ? 339 HOH A O     1 
HETATM 1434 O  O     . HOH D 4 .   ? 1.099   0.517   -17.944 1.00 11.81 ? 342 HOH A O     1 
HETATM 1435 O  O     . HOH D 4 .   ? 16.816  10.075  -0.348  1.00 15.53 ? 343 HOH A O     1 
HETATM 1436 O  O     . HOH D 4 .   ? 3.176   -18.016 7.455   1.00 22.99 ? 344 HOH A O     1 
HETATM 1437 O  O     . HOH D 4 .   ? -4.259  11.207  15.383  1.00 23.99 ? 345 HOH A O     1 
HETATM 1438 O  O     . HOH D 4 .   ? 5.562   -18.934 -5.622  1.00 25.95 ? 346 HOH A O     1 
HETATM 1439 O  O     . HOH D 4 .   ? 3.392   0.527   14.851  1.00 14.32 ? 348 HOH A O     1 
HETATM 1440 O  O     . HOH D 4 .   ? 7.284   20.326  3.234   1.00 26.91 ? 349 HOH A O     1 
HETATM 1441 O  O     . HOH D 4 .   ? 14.533  -2.594  -7.146  1.00 11.15 ? 350 HOH A O     1 
HETATM 1442 O  O     . HOH D 4 .   ? -1.094  -13.640 -11.061 1.00 20.27 ? 351 HOH A O     1 
HETATM 1443 O  O     . HOH D 4 .   ? -14.727 1.751   -3.958  1.00 26.17 ? 353 HOH A O     1 
HETATM 1444 O  O     . HOH D 4 .   ? -17.880 3.002   2.483   1.00 28.50 ? 355 HOH A O     1 
HETATM 1445 O  O     . HOH D 4 .   ? 17.178  0.519   -2.928  1.00 24.77 ? 359 HOH A O     1 
HETATM 1446 O  O     . HOH D 4 .   ? -1.415  -6.266  16.428  1.00 20.88 ? 360 HOH A O     1 
HETATM 1447 O  O     . HOH D 4 .   ? 6.457   -5.664  -14.668 1.00 28.75 ? 362 HOH A O     1 
HETATM 1448 O  O     . HOH D 4 .   ? -4.228  6.907   -10.773 1.00 34.08 ? 364 HOH A O     1 
HETATM 1449 O  O     . HOH D 4 .   ? 11.029  8.185   7.720   1.00 17.08 ? 367 HOH A O     1 
HETATM 1450 O  O     . HOH D 4 .   ? 4.906   -5.165  -12.378 1.00 20.22 ? 369 HOH A O     1 
HETATM 1451 O  O     . HOH D 4 .   ? -13.057 4.209   1.913   1.00 18.66 ? 370 HOH A O     1 
HETATM 1452 O  O     . HOH D 4 .   ? 1.533   19.831  5.833   1.00 27.67 ? 371 HOH A O     1 
HETATM 1453 O  O     . HOH D 4 .   ? 4.149   -6.904  -10.249 1.00 21.84 ? 373 HOH A O     1 
HETATM 1454 O  O     . HOH D 4 .   ? -9.009  6.711   16.353  1.00 41.11 ? 374 HOH A O     1 
HETATM 1455 O  O     . HOH D 4 .   ? -1.343  -6.072  -12.119 1.00 31.23 ? 375 HOH A O     1 
HETATM 1456 O  O     . HOH D 4 .   ? 8.885   -6.565  -11.914 1.00 22.32 ? 377 HOH A O     1 
HETATM 1457 O  O     . HOH D 4 .   ? 11.033  0.915   15.838  1.00 22.55 ? 378 HOH A O     1 
HETATM 1458 O  O     . HOH D 4 .   ? -0.913  -11.841 -9.020  1.00 19.60 ? 380 HOH A O     1 
HETATM 1459 O  O     . HOH D 4 .   ? -16.055 -11.277 10.129  1.00 24.18 ? 383 HOH A O     1 
HETATM 1460 O  O     . HOH D 4 .   ? -5.731  -12.389 -6.209  1.00 16.44 ? 384 HOH A O     1 
HETATM 1461 O  O     . HOH D 4 .   ? -8.772  -4.088  13.137  1.00 23.81 ? 386 HOH A O     1 
HETATM 1462 O  O     . HOH D 4 .   ? -5.406  -15.670 2.093   1.00 38.09 ? 387 HOH A O     1 
HETATM 1463 O  O     . HOH D 4 .   ? -7.836  -8.975  -7.612  1.00 19.87 ? 390 HOH A O     1 
HETATM 1464 O  O     . HOH D 4 .   ? 11.262  -11.909 -4.921  1.00 45.21 ? 395 HOH A O     1 
HETATM 1465 O  O     . HOH D 4 .   ? 11.593  14.274  -13.194 1.00 25.46 ? 398 HOH A O     1 
HETATM 1466 O  O     . HOH D 4 .   ? -12.764 2.270   10.789  1.00 36.87 ? 399 HOH A O     1 
HETATM 1467 O  O     . HOH D 4 .   ? -2.666  -0.438  -15.244 1.00 24.49 ? 403 HOH A O     1 
HETATM 1468 O  O     . HOH D 4 .   ? 13.896  6.460   5.900   1.00 15.48 ? 406 HOH A O     1 
HETATM 1469 O  O     . HOH D 4 .   ? 10.237  17.481  -8.402  1.00 19.76 ? 502 HOH A O     1 
HETATM 1470 O  O     . HOH D 4 .   ? -17.877 -6.843  7.536   1.00 21.98 ? 504 HOH A O     1 
HETATM 1471 O  O     . HOH D 4 .   ? -0.377  -9.425  -10.349 1.00 22.34 ? 505 HOH A O     1 
HETATM 1472 O  O     . HOH D 4 .   ? 11.607  6.323   3.960   1.00 25.57 ? 506 HOH A O     1 
HETATM 1473 O  O     . HOH D 4 .   ? 7.141   15.941  -11.737 1.00 20.43 ? 507 HOH A O     1 
HETATM 1474 O  O     . HOH D 4 .   ? 2.667   -7.132  13.996  1.00 23.98 ? 509 HOH A O     1 
HETATM 1475 O  O     . HOH D 4 .   ? 15.617  0.987   4.116   1.00 27.43 ? 510 HOH A O     1 
HETATM 1476 O  O     . HOH D 4 .   ? -3.196  13.920  12.933  1.00 27.59 ? 512 HOH A O     1 
HETATM 1477 O  O     . HOH D 4 .   ? -7.954  12.533  0.578   1.00 27.02 ? 513 HOH A O     1 
HETATM 1478 O  O     . HOH D 4 .   ? 8.503   11.062  7.634   1.00 20.17 ? 515 HOH A O     1 
HETATM 1479 O  O     . HOH D 4 .   ? 10.963  3.686   -15.283 1.00 28.41 ? 517 HOH A O     1 
HETATM 1480 O  O     . HOH D 4 .   ? -0.928  1.717   -16.270 1.00 30.55 ? 518 HOH A O     1 
HETATM 1481 O  O     . HOH D 4 .   ? 2.755   3.355   14.601  1.00 17.56 ? 519 HOH A O     1 
HETATM 1482 O  O     . HOH D 4 .   ? -8.923  14.745  4.857   1.00 39.88 ? 521 HOH A O     1 
HETATM 1483 O  O     . HOH D 4 .   ? 10.441  -8.305  2.043   1.00 31.44 ? 523 HOH A O     1 
HETATM 1484 O  O     . HOH D 4 .   ? -1.162  2.083   13.791  1.00 28.18 ? 524 HOH A O     1 
HETATM 1485 O  O     . HOH D 4 .   ? 7.400   -17.324 2.241   1.00 35.38 ? 525 HOH A O     1 
HETATM 1486 O  O     . HOH D 4 .   ? -3.544  -3.080  14.036  1.00 33.41 ? 526 HOH A O     1 
HETATM 1487 O  O     . HOH D 4 .   ? -15.160 -3.846  10.325  1.00 28.27 ? 528 HOH A O     1 
HETATM 1488 O  O     . HOH D 4 .   ? 4.561   -4.743  -16.770 1.00 43.54 ? 529 HOH A O     1 
HETATM 1489 O  O     . HOH D 4 .   ? -2.571  9.661   -9.332  1.00 27.38 ? 531 HOH A O     1 
HETATM 1490 O  O     . HOH D 4 .   ? 1.837   -5.468  -14.143 1.00 24.45 ? 535 HOH A O     1 
HETATM 1491 O  O     . HOH D 4 .   ? -17.026 -8.866  9.124   1.00 34.72 ? 537 HOH A O     1 
HETATM 1492 O  O     . HOH D 4 .   ? 13.515  -5.910  -1.687  1.00 34.61 ? 538 HOH A O     1 
HETATM 1493 O  O     . HOH D 4 .   ? -19.701 -2.967  -4.462  1.00 30.88 ? 541 HOH A O     1 
HETATM 1494 O  O     . HOH D 4 .   ? -13.211 5.559   6.550   1.00 36.56 ? 542 HOH A O     1 
HETATM 1495 O  O     . HOH D 4 .   ? 13.848  -12.426 5.166   1.00 38.35 ? 543 HOH A O     1 
HETATM 1496 O  O     . HOH D 4 .   ? 13.817  -7.358  -9.663  1.00 31.62 ? 547 HOH A O     1 
HETATM 1497 O  O     . HOH D 4 .   ? 14.951  14.863  1.667   1.00 26.76 ? 548 HOH A O     1 
HETATM 1498 O  O     . HOH D 4 .   ? 12.398  -7.784  0.215   1.00 24.32 ? 549 HOH A O     1 
HETATM 1499 O  O     . HOH D 4 .   ? 9.509   16.960  -13.065 1.00 33.42 ? 551 HOH A O     1 
HETATM 1500 O  O     . HOH D 4 .   ? -15.788 -12.435 -1.266  1.00 33.91 ? 554 HOH A O     1 
HETATM 1501 O  O     . HOH D 4 .   ? -7.471  1.076   16.933  1.00 32.75 ? 556 HOH A O     1 
HETATM 1502 O  O     . HOH D 4 .   ? -10.745 6.183   -5.652  1.00 39.16 ? 558 HOH A O     1 
HETATM 1503 O  O     . HOH D 4 .   ? -19.916 -12.555 10.084  1.00 35.51 ? 559 HOH A O     1 
HETATM 1504 O  O     . HOH D 4 .   ? -11.765 0.847   -13.953 1.00 44.80 ? 560 HOH A O     1 
HETATM 1505 O  O     . HOH D 4 .   ? 8.091   -19.622 -3.923  1.00 44.73 ? 561 HOH A O     1 
HETATM 1506 O  O     . HOH D 4 .   ? -1.286  -4.775  -15.074 1.00 42.20 ? 564 HOH A O     1 
HETATM 1507 O  O     . HOH D 4 .   ? -18.089 -14.012 1.000   1.00 33.45 ? 565 HOH A O     1 
HETATM 1508 O  O     . HOH D 4 .   ? 5.292   12.820  10.349  1.00 32.03 ? 566 HOH A O     1 
HETATM 1509 O  O     . HOH D 4 .   ? 10.951  -4.456  13.739  1.00 36.76 ? 568 HOH A O     1 
HETATM 1510 O  O     . HOH D 4 .   ? -25.423 -3.498  -5.420  1.00 46.45 ? 571 HOH A O     1 
HETATM 1511 O  O     . HOH D 4 .   ? -8.030  7.980   4.878   1.00 40.11 ? 572 HOH A O     1 
HETATM 1512 O  O     . HOH D 4 .   ? 13.689  6.768   -12.294 1.00 45.63 ? 576 HOH A O     1 
HETATM 1513 O  O     . HOH D 4 .   ? -16.610 3.101   -0.204  1.00 37.82 ? 577 HOH A O     1 
HETATM 1514 O  O     . HOH D 4 .   ? -10.707 -5.565  13.730  1.00 39.41 ? 579 HOH A O     1 
HETATM 1515 O  O     . HOH D 4 .   ? 0.598   8.195   -17.522 1.00 38.31 ? 580 HOH A O     1 
HETATM 1516 O  O     . HOH D 4 .   ? 5.853   18.349  -7.079  1.00 36.12 ? 582 HOH A O     1 
HETATM 1517 O  O     . HOH D 4 .   ? 12.884  -5.733  2.312   1.00 27.45 ? 584 HOH A O     1 
HETATM 1518 O  O     . HOH D 4 .   ? 17.729  11.386  -6.067  1.00 32.09 ? 586 HOH A O     1 
HETATM 1519 O  O     . HOH D 4 .   ? 13.777  0.435   12.435  1.00 47.93 ? 587 HOH A O     1 
HETATM 1520 O  O     . HOH D 4 .   ? -15.449 4.285   -5.433  1.00 35.26 ? 588 HOH A O     1 
# 
loop_
_pdbx_poly_seq_scheme.asym_id 
_pdbx_poly_seq_scheme.entity_id 
_pdbx_poly_seq_scheme.seq_id 
_pdbx_poly_seq_scheme.mon_id 
_pdbx_poly_seq_scheme.ndb_seq_num 
_pdbx_poly_seq_scheme.pdb_seq_num 
_pdbx_poly_seq_scheme.auth_seq_num 
_pdbx_poly_seq_scheme.pdb_mon_id 
_pdbx_poly_seq_scheme.auth_mon_id 
_pdbx_poly_seq_scheme.pdb_strand_id 
_pdbx_poly_seq_scheme.pdb_ins_code 
_pdbx_poly_seq_scheme.hetero 
A 1 1   ASN 1   18  18  ASN ASN A . n 
A 1 2   PHE 2   19  19  PHE PHE A . n 
A 1 3   ASP 3   20  20  ASP ASP A . n 
A 1 4   TYR 4   21  21  TYR TYR A . n 
A 1 5   MET 5   22  22  MET MET A . n 
A 1 6   PHE 6   23  23  PHE PHE A . n 
A 1 7   LYS 7   24  24  LYS LYS A . n 
A 1 8   ILE 8   25  25  ILE ILE A . n 
A 1 9   LEU 9   26  26  LEU LEU A . n 
A 1 10  ILE 10  27  27  ILE ILE A . n 
A 1 11  ILE 11  28  28  ILE ILE A . n 
A 1 12  GLY 12  29  29  GLY GLY A . n 
A 1 13  ASN 13  30  30  ASN ASN A . n 
A 1 14  SER 14  31  31  SER SER A . n 
A 1 15  SER 15  32  32  SER SER A . n 
A 1 16  VAL 16  33  33  VAL VAL A . n 
A 1 17  GLY 17  34  34  GLY GLY A . n 
A 1 18  LYS 18  35  35  LYS LYS A . n 
A 1 19  THR 19  36  36  THR THR A . n 
A 1 20  SER 20  37  37  SER SER A . n 
A 1 21  PHE 21  38  38  PHE PHE A . n 
A 1 22  LEU 22  39  39  LEU LEU A . n 
A 1 23  PHE 23  40  40  PHE PHE A . n 
A 1 24  ARG 24  41  41  ARG ARG A . n 
A 1 25  TYR 25  42  42  TYR TYR A . n 
A 1 26  ALA 26  43  43  ALA ALA A . n 
A 1 27  ASP 27  44  44  ASP ASP A . n 
A 1 28  ASP 28  45  45  ASP ASP A . n 
A 1 29  SER 29  46  46  SER SER A . n 
A 1 30  PHE 30  47  47  PHE PHE A . n 
A 1 31  THR 31  48  48  THR THR A . n 
A 1 32  PRO 32  49  49  PRO PRO A . n 
A 1 33  ALA 33  50  50  ALA ALA A . n 
A 1 34  PHE 34  51  51  PHE PHE A . n 
A 1 35  VAL 35  52  52  VAL VAL A . n 
A 1 36  SER 36  53  53  SER SER A . n 
A 1 37  THR 37  54  54  THR THR A . n 
A 1 38  VAL 38  55  55  VAL VAL A . n 
A 1 39  GLY 39  56  56  GLY GLY A . n 
A 1 40  ILE 40  57  57  ILE ILE A . n 
A 1 41  ASP 41  58  58  ASP ASP A . n 
A 1 42  PHE 42  59  59  PHE PHE A . n 
A 1 43  LYS 43  60  60  LYS LYS A . n 
A 1 44  VAL 44  61  61  VAL VAL A . n 
A 1 45  LYS 45  62  62  LYS LYS A . n 
A 1 46  THR 46  63  63  THR THR A . n 
A 1 47  ILE 47  64  64  ILE ILE A . n 
A 1 48  TYR 48  65  65  TYR TYR A . n 
A 1 49  ARG 49  66  66  ARG ARG A . n 
A 1 50  ASN 50  67  67  ASN ASN A . n 
A 1 51  ASP 51  68  68  ASP ASP A . n 
A 1 52  LYS 52  69  69  LYS LYS A . n 
A 1 53  ARG 53  70  70  ARG ARG A . n 
A 1 54  ILE 54  71  71  ILE ILE A . n 
A 1 55  LYS 55  72  72  LYS LYS A . n 
A 1 56  LEU 56  73  73  LEU LEU A . n 
A 1 57  GLN 57  74  74  GLN GLN A . n 
A 1 58  ILE 58  75  75  ILE ILE A . n 
A 1 59  TRP 59  76  76  TRP TRP A . n 
A 1 60  ASP 60  77  77  ASP ASP A . n 
A 1 61  THR 61  78  78  THR THR A . n 
A 1 62  ALA 62  79  79  ALA ALA A . n 
A 1 63  GLY 63  80  80  GLY GLY A . n 
A 1 64  GLN 64  81  81  GLN GLN A . n 
A 1 65  GLU 65  82  82  GLU GLU A . n 
A 1 66  ARG 66  83  83  ARG ARG A . n 
A 1 67  TYR 67  84  84  TYR TYR A . n 
A 1 68  ARG 68  85  85  ARG ARG A . n 
A 1 69  THR 69  86  86  THR THR A . n 
A 1 70  ILE 70  87  87  ILE ILE A . n 
A 1 71  THR 71  88  88  THR THR A . n 
A 1 72  THR 72  89  89  THR THR A . n 
A 1 73  ALA 73  90  90  ALA ALA A . n 
A 1 74  TYR 74  91  91  TYR TYR A . n 
A 1 75  TYR 75  92  92  TYR TYR A . n 
A 1 76  ARG 76  93  93  ARG ARG A . n 
A 1 77  GLY 77  94  94  GLY GLY A . n 
A 1 78  ALA 78  95  95  ALA ALA A . n 
A 1 79  MET 79  96  96  MET MET A . n 
A 1 80  GLY 80  97  97  GLY GLY A . n 
A 1 81  PHE 81  98  98  PHE PHE A . n 
A 1 82  ILE 82  99  99  ILE ILE A . n 
A 1 83  LEU 83  100 100 LEU LEU A . n 
A 1 84  MET 84  101 101 MET MET A . n 
A 1 85  TYR 85  102 102 TYR TYR A . n 
A 1 86  ASP 86  103 103 ASP ASP A . n 
A 1 87  ILE 87  104 104 ILE ILE A . n 
A 1 88  THR 88  105 105 THR THR A . n 
A 1 89  ASN 89  106 106 ASN ASN A . n 
A 1 90  GLU 90  107 107 GLU GLU A . n 
A 1 91  GLU 91  108 108 GLU GLU A . n 
A 1 92  SER 92  109 109 SER SER A . n 
A 1 93  PHE 93  110 110 PHE PHE A . n 
A 1 94  ASN 94  111 111 ASN ASN A . n 
A 1 95  ALA 95  112 112 ALA ALA A . n 
A 1 96  VAL 96  113 113 VAL VAL A . n 
A 1 97  GLN 97  114 114 GLN GLN A . n 
A 1 98  ASP 98  115 115 ASP ASP A . n 
A 1 99  TRP 99  116 116 TRP TRP A . n 
A 1 100 SER 100 117 117 SER SER A . n 
A 1 101 THR 101 118 118 THR THR A . n 
A 1 102 GLN 102 119 119 GLN GLN A . n 
A 1 103 ILE 103 120 120 ILE ILE A . n 
A 1 104 LYS 104 121 121 LYS LYS A . n 
A 1 105 THR 105 122 122 THR THR A . n 
A 1 106 TYR 106 123 123 TYR TYR A . n 
A 1 107 SER 107 124 124 SER SER A . n 
A 1 108 TRP 108 125 125 TRP TRP A . n 
A 1 109 ASP 109 126 126 ASP ASP A . n 
A 1 110 ASN 110 127 127 ASN ASN A . n 
A 1 111 ALA 111 128 128 ALA ALA A . n 
A 1 112 GLN 112 129 129 GLN GLN A . n 
A 1 113 VAL 113 130 130 VAL VAL A . n 
A 1 114 LEU 114 131 131 LEU LEU A . n 
A 1 115 LEU 115 132 132 LEU LEU A . n 
A 1 116 VAL 116 133 133 VAL VAL A . n 
A 1 117 GLY 117 134 134 GLY GLY A . n 
A 1 118 ASN 118 135 135 ASN ASN A . n 
A 1 119 LYS 119 136 136 LYS LYS A . n 
A 1 120 CYS 120 137 137 CYS CYS A . n 
A 1 121 ASP 121 138 138 ASP ASP A . n 
A 1 122 MET 122 139 139 MET MET A . n 
A 1 123 GLU 123 140 140 GLU GLU A . n 
A 1 124 ASP 124 141 141 ASP ASP A . n 
A 1 125 GLU 125 142 142 GLU GLU A . n 
A 1 126 ARG 126 143 143 ARG ARG A . n 
A 1 127 VAL 127 144 144 VAL VAL A . n 
A 1 128 VAL 128 145 145 VAL VAL A . n 
A 1 129 SER 129 146 146 SER SER A . n 
A 1 130 SER 130 147 147 SER SER A . n 
A 1 131 GLU 131 148 148 GLU GLU A . n 
A 1 132 ARG 132 149 149 ARG ARG A . n 
A 1 133 GLY 133 150 150 GLY GLY A . n 
A 1 134 ARG 134 151 151 ARG ARG A . n 
A 1 135 GLN 135 152 152 GLN GLN A . n 
A 1 136 LEU 136 153 153 LEU LEU A . n 
A 1 137 ALA 137 154 154 ALA ALA A . n 
A 1 138 ASP 138 155 155 ASP ASP A . n 
A 1 139 HIS 139 156 156 HIS HIS A . n 
A 1 140 LEU 140 157 157 LEU LEU A . n 
A 1 141 GLY 141 158 158 GLY GLY A . n 
A 1 142 PHE 142 159 159 PHE PHE A . n 
A 1 143 GLU 143 160 160 GLU GLU A . n 
A 1 144 PHE 144 161 161 PHE PHE A . n 
A 1 145 PHE 145 162 162 PHE PHE A . n 
A 1 146 GLU 146 163 163 GLU GLU A . n 
A 1 147 ALA 147 164 164 ALA ALA A . n 
A 1 148 SER 148 165 165 SER SER A . n 
A 1 149 ALA 149 166 166 ALA ALA A . n 
A 1 150 LYS 150 167 167 LYS LYS A . n 
A 1 151 ASP 151 168 168 ASP ASP A . n 
A 1 152 ASN 152 169 169 ASN ASN A . n 
A 1 153 ILE 153 170 170 ILE ILE A . n 
A 1 154 ASN 154 171 171 ASN ASN A . n 
A 1 155 VAL 155 172 172 VAL VAL A . n 
A 1 156 LYS 156 173 173 LYS LYS A . n 
A 1 157 GLN 157 174 174 GLN GLN A . n 
A 1 158 THR 158 175 175 THR THR A . n 
A 1 159 PHE 159 176 176 PHE PHE A . n 
A 1 160 GLU 160 177 177 GLU GLU A . n 
A 1 161 ARG 161 178 178 ARG ARG A . n 
A 1 162 LEU 162 179 179 LEU LEU A . n 
A 1 163 VAL 163 180 180 VAL VAL A . n 
A 1 164 ASP 164 181 181 ASP ASP A . n 
A 1 165 VAL 165 182 182 VAL VAL A . n 
A 1 166 ILE 166 183 183 ILE ILE A . n 
A 1 167 CYS 167 184 184 CYS CYS A . n 
A 1 168 GLU 168 185 185 GLU GLU A . n 
A 1 169 LYS 169 186 186 LYS LYS A . n 
# 
loop_
_pdbx_nonpoly_scheme.asym_id 
_pdbx_nonpoly_scheme.entity_id 
_pdbx_nonpoly_scheme.mon_id 
_pdbx_nonpoly_scheme.ndb_seq_num 
_pdbx_nonpoly_scheme.pdb_seq_num 
_pdbx_nonpoly_scheme.auth_seq_num 
_pdbx_nonpoly_scheme.pdb_mon_id 
_pdbx_nonpoly_scheme.auth_mon_id 
_pdbx_nonpoly_scheme.pdb_strand_id 
_pdbx_nonpoly_scheme.pdb_ins_code 
B 2 MG  1   201 201 MG  MG  A . 
C 3 GNP 1   200 200 GNP GNP A . 
D 4 HOH 1   300 300 HOH HOH A . 
D 4 HOH 2   301 301 HOH HOH A . 
D 4 HOH 3   302 302 HOH HOH A . 
D 4 HOH 4   303 303 HOH HOH A . 
D 4 HOH 5   304 304 HOH HOH A . 
D 4 HOH 6   305 305 HOH HOH A . 
D 4 HOH 7   306 306 HOH HOH A . 
D 4 HOH 8   307 307 HOH HOH A . 
D 4 HOH 9   308 308 HOH HOH A . 
D 4 HOH 10  309 309 HOH HOH A . 
D 4 HOH 11  310 310 HOH HOH A . 
D 4 HOH 12  312 312 HOH HOH A . 
D 4 HOH 13  313 313 HOH HOH A . 
D 4 HOH 14  314 314 HOH HOH A . 
D 4 HOH 15  315 315 HOH HOH A . 
D 4 HOH 16  316 316 HOH HOH A . 
D 4 HOH 17  317 317 HOH HOH A . 
D 4 HOH 18  318 318 HOH HOH A . 
D 4 HOH 19  319 319 HOH HOH A . 
D 4 HOH 20  320 320 HOH HOH A . 
D 4 HOH 21  321 321 HOH HOH A . 
D 4 HOH 22  322 322 HOH HOH A . 
D 4 HOH 23  323 323 HOH HOH A . 
D 4 HOH 24  324 324 HOH HOH A . 
D 4 HOH 25  326 326 HOH HOH A . 
D 4 HOH 26  327 327 HOH HOH A . 
D 4 HOH 27  328 328 HOH HOH A . 
D 4 HOH 28  329 329 HOH HOH A . 
D 4 HOH 29  331 331 HOH HOH A . 
D 4 HOH 30  332 332 HOH HOH A . 
D 4 HOH 31  333 333 HOH HOH A . 
D 4 HOH 32  334 334 HOH HOH A . 
D 4 HOH 33  335 335 HOH HOH A . 
D 4 HOH 34  337 337 HOH HOH A . 
D 4 HOH 35  338 338 HOH HOH A . 
D 4 HOH 36  339 339 HOH HOH A . 
D 4 HOH 37  342 342 HOH HOH A . 
D 4 HOH 38  343 343 HOH HOH A . 
D 4 HOH 39  344 344 HOH HOH A . 
D 4 HOH 40  345 345 HOH HOH A . 
D 4 HOH 41  346 346 HOH HOH A . 
D 4 HOH 42  348 348 HOH HOH A . 
D 4 HOH 43  349 349 HOH HOH A . 
D 4 HOH 44  350 350 HOH HOH A . 
D 4 HOH 45  351 351 HOH HOH A . 
D 4 HOH 46  353 353 HOH HOH A . 
D 4 HOH 47  355 355 HOH HOH A . 
D 4 HOH 48  359 359 HOH HOH A . 
D 4 HOH 49  360 360 HOH HOH A . 
D 4 HOH 50  362 362 HOH HOH A . 
D 4 HOH 51  364 364 HOH HOH A . 
D 4 HOH 52  367 367 HOH HOH A . 
D 4 HOH 53  369 369 HOH HOH A . 
D 4 HOH 54  370 370 HOH HOH A . 
D 4 HOH 55  371 371 HOH HOH A . 
D 4 HOH 56  373 373 HOH HOH A . 
D 4 HOH 57  374 374 HOH HOH A . 
D 4 HOH 58  375 375 HOH HOH A . 
D 4 HOH 59  377 377 HOH HOH A . 
D 4 HOH 60  378 378 HOH HOH A . 
D 4 HOH 61  380 380 HOH HOH A . 
D 4 HOH 62  383 383 HOH HOH A . 
D 4 HOH 63  384 384 HOH HOH A . 
D 4 HOH 64  386 386 HOH HOH A . 
D 4 HOH 65  387 387 HOH HOH A . 
D 4 HOH 66  390 390 HOH HOH A . 
D 4 HOH 67  395 395 HOH HOH A . 
D 4 HOH 68  398 398 HOH HOH A . 
D 4 HOH 69  399 399 HOH HOH A . 
D 4 HOH 70  403 403 HOH HOH A . 
D 4 HOH 71  406 406 HOH HOH A . 
D 4 HOH 72  502 502 HOH HOH A . 
D 4 HOH 73  504 504 HOH HOH A . 
D 4 HOH 74  505 505 HOH HOH A . 
D 4 HOH 75  506 506 HOH HOH A . 
D 4 HOH 76  507 507 HOH HOH A . 
D 4 HOH 77  509 509 HOH HOH A . 
D 4 HOH 78  510 510 HOH HOH A . 
D 4 HOH 79  512 512 HOH HOH A . 
D 4 HOH 80  513 513 HOH HOH A . 
D 4 HOH 81  515 515 HOH HOH A . 
D 4 HOH 82  517 517 HOH HOH A . 
D 4 HOH 83  518 518 HOH HOH A . 
D 4 HOH 84  519 519 HOH HOH A . 
D 4 HOH 85  521 521 HOH HOH A . 
D 4 HOH 86  523 523 HOH HOH A . 
D 4 HOH 87  524 524 HOH HOH A . 
D 4 HOH 88  525 525 HOH HOH A . 
D 4 HOH 89  526 526 HOH HOH A . 
D 4 HOH 90  528 528 HOH HOH A . 
D 4 HOH 91  529 529 HOH HOH A . 
D 4 HOH 92  531 531 HOH HOH A . 
D 4 HOH 93  535 535 HOH HOH A . 
D 4 HOH 94  537 537 HOH HOH A . 
D 4 HOH 95  538 538 HOH HOH A . 
D 4 HOH 96  541 541 HOH HOH A . 
D 4 HOH 97  542 542 HOH HOH A . 
D 4 HOH 98  543 543 HOH HOH A . 
D 4 HOH 99  547 547 HOH HOH A . 
D 4 HOH 100 548 548 HOH HOH A . 
D 4 HOH 101 549 549 HOH HOH A . 
D 4 HOH 102 551 551 HOH HOH A . 
D 4 HOH 103 554 554 HOH HOH A . 
D 4 HOH 104 556 556 HOH HOH A . 
D 4 HOH 105 558 558 HOH HOH A . 
D 4 HOH 106 559 559 HOH HOH A . 
D 4 HOH 107 560 560 HOH HOH A . 
D 4 HOH 108 561 561 HOH HOH A . 
D 4 HOH 109 564 564 HOH HOH A . 
D 4 HOH 110 565 565 HOH HOH A . 
D 4 HOH 111 566 566 HOH HOH A . 
D 4 HOH 112 568 568 HOH HOH A . 
D 4 HOH 113 571 571 HOH HOH A . 
D 4 HOH 114 572 572 HOH HOH A . 
D 4 HOH 115 576 576 HOH HOH A . 
D 4 HOH 116 577 577 HOH HOH A . 
D 4 HOH 117 579 579 HOH HOH A . 
D 4 HOH 118 580 580 HOH HOH A . 
D 4 HOH 119 582 582 HOH HOH A . 
D 4 HOH 120 584 584 HOH HOH A . 
D 4 HOH 121 586 586 HOH HOH A . 
D 4 HOH 122 587 587 HOH HOH A . 
D 4 HOH 123 588 588 HOH HOH A . 
# 
_pdbx_struct_assembly.id                   1 
_pdbx_struct_assembly.details              author_defined_assembly 
_pdbx_struct_assembly.method_details       ? 
_pdbx_struct_assembly.oligomeric_details   monomeric 
_pdbx_struct_assembly.oligomeric_count     1 
# 
_pdbx_struct_assembly_gen.assembly_id       1 
_pdbx_struct_assembly_gen.oper_expression   1 
_pdbx_struct_assembly_gen.asym_id_list      A,B,C,D 
# 
_pdbx_struct_oper_list.id                   1 
_pdbx_struct_oper_list.type                 'identity operation' 
_pdbx_struct_oper_list.name                 1_555 
_pdbx_struct_oper_list.symmetry_operation   x,y,z 
_pdbx_struct_oper_list.matrix[1][1]         1.0000000000 
_pdbx_struct_oper_list.matrix[1][2]         0.0000000000 
_pdbx_struct_oper_list.matrix[1][3]         0.0000000000 
_pdbx_struct_oper_list.vector[1]            0.0000000000 
_pdbx_struct_oper_list.matrix[2][1]         0.0000000000 
_pdbx_struct_oper_list.matrix[2][2]         1.0000000000 
_pdbx_struct_oper_list.matrix[2][3]         0.0000000000 
_pdbx_struct_oper_list.vector[2]            0.0000000000 
_pdbx_struct_oper_list.matrix[3][1]         0.0000000000 
_pdbx_struct_oper_list.matrix[3][2]         0.0000000000 
_pdbx_struct_oper_list.matrix[3][3]         1.0000000000 
_pdbx_struct_oper_list.vector[3]            0.0000000000 
# 
loop_
_pdbx_struct_conn_angle.id 
_pdbx_struct_conn_angle.ptnr1_label_atom_id 
_pdbx_struct_conn_angle.ptnr1_label_alt_id 
_pdbx_struct_conn_angle.ptnr1_label_asym_id 
_pdbx_struct_conn_angle.ptnr1_label_comp_id 
_pdbx_struct_conn_angle.ptnr1_label_seq_id 
_pdbx_struct_conn_angle.ptnr1_auth_atom_id 
_pdbx_struct_conn_angle.ptnr1_auth_asym_id 
_pdbx_struct_conn_angle.ptnr1_auth_comp_id 
_pdbx_struct_conn_angle.ptnr1_auth_seq_id 
_pdbx_struct_conn_angle.ptnr1_PDB_ins_code 
_pdbx_struct_conn_angle.ptnr1_symmetry 
_pdbx_struct_conn_angle.ptnr2_label_atom_id 
_pdbx_struct_conn_angle.ptnr2_label_alt_id 
_pdbx_struct_conn_angle.ptnr2_label_asym_id 
_pdbx_struct_conn_angle.ptnr2_label_comp_id 
_pdbx_struct_conn_angle.ptnr2_label_seq_id 
_pdbx_struct_conn_angle.ptnr2_auth_atom_id 
_pdbx_struct_conn_angle.ptnr2_auth_asym_id 
_pdbx_struct_conn_angle.ptnr2_auth_comp_id 
_pdbx_struct_conn_angle.ptnr2_auth_seq_id 
_pdbx_struct_conn_angle.ptnr2_PDB_ins_code 
_pdbx_struct_conn_angle.ptnr2_symmetry 
_pdbx_struct_conn_angle.ptnr3_label_atom_id 
_pdbx_struct_conn_angle.ptnr3_label_alt_id 
_pdbx_struct_conn_angle.ptnr3_label_asym_id 
_pdbx_struct_conn_angle.ptnr3_label_comp_id 
_pdbx_struct_conn_angle.ptnr3_label_seq_id 
_pdbx_struct_conn_angle.ptnr3_auth_atom_id 
_pdbx_struct_conn_angle.ptnr3_auth_asym_id 
_pdbx_struct_conn_angle.ptnr3_auth_comp_id 
_pdbx_struct_conn_angle.ptnr3_auth_seq_id 
_pdbx_struct_conn_angle.ptnr3_PDB_ins_code 
_pdbx_struct_conn_angle.ptnr3_symmetry 
_pdbx_struct_conn_angle.value 
_pdbx_struct_conn_angle.value_esd 
1  OG1 ? A THR 19 ? A THR 36  ? 1_555 MG ? B MG . ? A MG 201 ? 1_555 OG1 ? A THR 37 ? A THR 54  ? 1_555 81.2  ? 
2  OG1 ? A THR 19 ? A THR 36  ? 1_555 MG ? B MG . ? A MG 201 ? 1_555 O2G ? C GNP .  ? A GNP 200 ? 1_555 166.8 ? 
3  OG1 ? A THR 37 ? A THR 54  ? 1_555 MG ? B MG . ? A MG 201 ? 1_555 O2G ? C GNP .  ? A GNP 200 ? 1_555 89.8  ? 
4  OG1 ? A THR 19 ? A THR 36  ? 1_555 MG ? B MG . ? A MG 201 ? 1_555 O2B ? C GNP .  ? A GNP 200 ? 1_555 91.0  ? 
5  OG1 ? A THR 37 ? A THR 54  ? 1_555 MG ? B MG . ? A MG 201 ? 1_555 O2B ? C GNP .  ? A GNP 200 ? 1_555 172.1 ? 
6  O2G ? C GNP .  ? A GNP 200 ? 1_555 MG ? B MG . ? A MG 201 ? 1_555 O2B ? C GNP .  ? A GNP 200 ? 1_555 98.1  ? 
7  OG1 ? A THR 19 ? A THR 36  ? 1_555 MG ? B MG . ? A MG 201 ? 1_555 O   ? D HOH .  ? A HOH 301 ? 1_555 95.3  ? 
8  OG1 ? A THR 37 ? A THR 54  ? 1_555 MG ? B MG . ? A MG 201 ? 1_555 O   ? D HOH .  ? A HOH 301 ? 1_555 94.3  ? 
9  O2G ? C GNP .  ? A GNP 200 ? 1_555 MG ? B MG . ? A MG 201 ? 1_555 O   ? D HOH .  ? A HOH 301 ? 1_555 94.9  ? 
10 O2B ? C GNP .  ? A GNP 200 ? 1_555 MG ? B MG . ? A MG 201 ? 1_555 O   ? D HOH .  ? A HOH 301 ? 1_555 85.3  ? 
11 OG1 ? A THR 19 ? A THR 36  ? 1_555 MG ? B MG . ? A MG 201 ? 1_555 O   ? D HOH .  ? A HOH 318 ? 1_555 87.6  ? 
12 OG1 ? A THR 37 ? A THR 54  ? 1_555 MG ? B MG . ? A MG 201 ? 1_555 O   ? D HOH .  ? A HOH 318 ? 1_555 91.9  ? 
13 O2G ? C GNP .  ? A GNP 200 ? 1_555 MG ? B MG . ? A MG 201 ? 1_555 O   ? D HOH .  ? A HOH 318 ? 1_555 83.1  ? 
14 O2B ? C GNP .  ? A GNP 200 ? 1_555 MG ? B MG . ? A MG 201 ? 1_555 O   ? D HOH .  ? A HOH 318 ? 1_555 88.8  ? 
15 O   ? D HOH .  ? A HOH 301 ? 1_555 MG ? B MG . ? A MG 201 ? 1_555 O   ? D HOH .  ? A HOH 318 ? 1_555 173.5 ? 
# 
loop_
_pdbx_audit_revision_history.ordinal 
_pdbx_audit_revision_history.data_content_type 
_pdbx_audit_revision_history.major_revision 
_pdbx_audit_revision_history.minor_revision 
_pdbx_audit_revision_history.revision_date 
1 'Structure model' 1 0 1999-04-16 
2 'Structure model' 1 1 2008-04-26 
3 'Structure model' 1 2 2011-07-13 
4 'Structure model' 1 3 2023-09-13 
# 
_pdbx_audit_revision_details.ordinal             1 
_pdbx_audit_revision_details.revision_ordinal    1 
_pdbx_audit_revision_details.data_content_type   'Structure model' 
_pdbx_audit_revision_details.provider            repository 
_pdbx_audit_revision_details.type                'Initial release' 
_pdbx_audit_revision_details.description         ? 
_pdbx_audit_revision_details.details             ? 
# 
loop_
_pdbx_audit_revision_group.ordinal 
_pdbx_audit_revision_group.revision_ordinal 
_pdbx_audit_revision_group.data_content_type 
_pdbx_audit_revision_group.group 
1 2 'Structure model' 'Version format compliance' 
2 3 'Structure model' 'Version format compliance' 
3 4 'Structure model' 'Data collection'           
4 4 'Structure model' 'Database references'       
5 4 'Structure model' 'Derived calculations'      
6 4 'Structure model' 'Refinement description'    
# 
loop_
_pdbx_audit_revision_category.ordinal 
_pdbx_audit_revision_category.revision_ordinal 
_pdbx_audit_revision_category.data_content_type 
_pdbx_audit_revision_category.category 
1 4 'Structure model' chem_comp_atom                
2 4 'Structure model' chem_comp_bond                
3 4 'Structure model' database_2                    
4 4 'Structure model' pdbx_initial_refinement_model 
5 4 'Structure model' pdbx_struct_conn_angle        
6 4 'Structure model' struct_conn                   
7 4 'Structure model' struct_site                   
# 
loop_
_pdbx_audit_revision_item.ordinal 
_pdbx_audit_revision_item.revision_ordinal 
_pdbx_audit_revision_item.data_content_type 
_pdbx_audit_revision_item.item 
1  4 'Structure model' '_database_2.pdbx_DOI'                        
2  4 'Structure model' '_database_2.pdbx_database_accession'         
3  4 'Structure model' '_pdbx_struct_conn_angle.ptnr1_auth_comp_id'  
4  4 'Structure model' '_pdbx_struct_conn_angle.ptnr1_auth_seq_id'   
5  4 'Structure model' '_pdbx_struct_conn_angle.ptnr1_label_asym_id' 
6  4 'Structure model' '_pdbx_struct_conn_angle.ptnr1_label_atom_id' 
7  4 'Structure model' '_pdbx_struct_conn_angle.ptnr1_label_comp_id' 
8  4 'Structure model' '_pdbx_struct_conn_angle.ptnr1_label_seq_id'  
9  4 'Structure model' '_pdbx_struct_conn_angle.ptnr3_auth_comp_id'  
10 4 'Structure model' '_pdbx_struct_conn_angle.ptnr3_auth_seq_id'   
11 4 'Structure model' '_pdbx_struct_conn_angle.ptnr3_label_asym_id' 
12 4 'Structure model' '_pdbx_struct_conn_angle.ptnr3_label_atom_id' 
13 4 'Structure model' '_pdbx_struct_conn_angle.ptnr3_label_comp_id' 
14 4 'Structure model' '_pdbx_struct_conn_angle.ptnr3_label_seq_id'  
15 4 'Structure model' '_pdbx_struct_conn_angle.value'               
16 4 'Structure model' '_struct_conn.pdbx_dist_value'                
17 4 'Structure model' '_struct_conn.ptnr1_auth_comp_id'             
18 4 'Structure model' '_struct_conn.ptnr1_auth_seq_id'              
19 4 'Structure model' '_struct_conn.ptnr1_label_asym_id'            
20 4 'Structure model' '_struct_conn.ptnr1_label_atom_id'            
21 4 'Structure model' '_struct_conn.ptnr1_label_comp_id'            
22 4 'Structure model' '_struct_conn.ptnr1_label_seq_id'             
23 4 'Structure model' '_struct_conn.ptnr2_auth_comp_id'             
24 4 'Structure model' '_struct_conn.ptnr2_auth_seq_id'              
25 4 'Structure model' '_struct_conn.ptnr2_label_asym_id'            
26 4 'Structure model' '_struct_conn.ptnr2_label_atom_id'            
27 4 'Structure model' '_struct_conn.ptnr2_label_comp_id'            
28 4 'Structure model' '_struct_conn.ptnr2_label_seq_id'             
29 4 'Structure model' '_struct_site.pdbx_auth_asym_id'              
30 4 'Structure model' '_struct_site.pdbx_auth_comp_id'              
31 4 'Structure model' '_struct_site.pdbx_auth_seq_id'               
# 
loop_
_software.name 
_software.classification 
_software.version 
_software.citation_id 
_software.pdbx_ordinal 
AMoRE     phasing          .   ? 1 
X-PLOR    refinement       3.1 ? 2 
DENZO     'data reduction' .   ? 3 
SCALEPACK 'data scaling'   .   ? 4 
# 
loop_
_pdbx_unobs_or_zero_occ_atoms.id 
_pdbx_unobs_or_zero_occ_atoms.PDB_model_num 
_pdbx_unobs_or_zero_occ_atoms.polymer_flag 
_pdbx_unobs_or_zero_occ_atoms.occupancy_flag 
_pdbx_unobs_or_zero_occ_atoms.auth_asym_id 
_pdbx_unobs_or_zero_occ_atoms.auth_comp_id 
_pdbx_unobs_or_zero_occ_atoms.auth_seq_id 
_pdbx_unobs_or_zero_occ_atoms.PDB_ins_code 
_pdbx_unobs_or_zero_occ_atoms.auth_atom_id 
_pdbx_unobs_or_zero_occ_atoms.label_alt_id 
_pdbx_unobs_or_zero_occ_atoms.label_asym_id 
_pdbx_unobs_or_zero_occ_atoms.label_comp_id 
_pdbx_unobs_or_zero_occ_atoms.label_seq_id 
_pdbx_unobs_or_zero_occ_atoms.label_atom_id 
1  1 Y 1 A ASN 18  ? CG  ? A ASN 1   CG  
2  1 Y 1 A ASN 18  ? OD1 ? A ASN 1   OD1 
3  1 Y 1 A ASN 18  ? ND2 ? A ASN 1   ND2 
4  1 Y 1 A ASN 67  ? CG  ? A ASN 50  CG  
5  1 Y 1 A ASN 67  ? OD1 ? A ASN 50  OD1 
6  1 Y 1 A ASN 67  ? ND2 ? A ASN 50  ND2 
7  1 Y 1 A GLU 82  ? CG  ? A GLU 65  CG  
8  1 Y 1 A GLU 82  ? CD  ? A GLU 65  CD  
9  1 Y 1 A GLU 82  ? OE1 ? A GLU 65  OE1 
10 1 Y 1 A GLU 82  ? OE2 ? A GLU 65  OE2 
11 1 Y 1 A ASP 126 ? CG  ? A ASP 109 CG  
12 1 Y 1 A ASP 126 ? OD1 ? A ASP 109 OD1 
13 1 Y 1 A ASP 126 ? OD2 ? A ASP 109 OD2 
14 1 Y 1 A ASN 127 ? CG  ? A ASN 110 CG  
15 1 Y 1 A ASN 127 ? OD1 ? A ASN 110 OD1 
16 1 Y 1 A ASN 127 ? ND2 ? A ASN 110 ND2 
17 1 Y 1 A LYS 173 ? CG  ? A LYS 156 CG  
18 1 Y 1 A LYS 173 ? CD  ? A LYS 156 CD  
19 1 Y 1 A LYS 173 ? CE  ? A LYS 156 CE  
20 1 Y 1 A LYS 173 ? NZ  ? A LYS 156 NZ  
21 1 Y 1 A CYS 184 ? SG  ? A CYS 167 SG  
# 
loop_
_chem_comp_atom.comp_id 
_chem_comp_atom.atom_id 
_chem_comp_atom.type_symbol 
_chem_comp_atom.pdbx_aromatic_flag 
_chem_comp_atom.pdbx_stereo_config 
_chem_comp_atom.pdbx_ordinal 
ALA N      N  N N 1   
ALA CA     C  N S 2   
ALA C      C  N N 3   
ALA O      O  N N 4   
ALA CB     C  N N 5   
ALA OXT    O  N N 6   
ALA H      H  N N 7   
ALA H2     H  N N 8   
ALA HA     H  N N 9   
ALA HB1    H  N N 10  
ALA HB2    H  N N 11  
ALA HB3    H  N N 12  
ALA HXT    H  N N 13  
ARG N      N  N N 14  
ARG CA     C  N S 15  
ARG C      C  N N 16  
ARG O      O  N N 17  
ARG CB     C  N N 18  
ARG CG     C  N N 19  
ARG CD     C  N N 20  
ARG NE     N  N N 21  
ARG CZ     C  N N 22  
ARG NH1    N  N N 23  
ARG NH2    N  N N 24  
ARG OXT    O  N N 25  
ARG H      H  N N 26  
ARG H2     H  N N 27  
ARG HA     H  N N 28  
ARG HB2    H  N N 29  
ARG HB3    H  N N 30  
ARG HG2    H  N N 31  
ARG HG3    H  N N 32  
ARG HD2    H  N N 33  
ARG HD3    H  N N 34  
ARG HE     H  N N 35  
ARG HH11   H  N N 36  
ARG HH12   H  N N 37  
ARG HH21   H  N N 38  
ARG HH22   H  N N 39  
ARG HXT    H  N N 40  
ASN N      N  N N 41  
ASN CA     C  N S 42  
ASN C      C  N N 43  
ASN O      O  N N 44  
ASN CB     C  N N 45  
ASN CG     C  N N 46  
ASN OD1    O  N N 47  
ASN ND2    N  N N 48  
ASN OXT    O  N N 49  
ASN H      H  N N 50  
ASN H2     H  N N 51  
ASN HA     H  N N 52  
ASN HB2    H  N N 53  
ASN HB3    H  N N 54  
ASN HD21   H  N N 55  
ASN HD22   H  N N 56  
ASN HXT    H  N N 57  
ASP N      N  N N 58  
ASP CA     C  N S 59  
ASP C      C  N N 60  
ASP O      O  N N 61  
ASP CB     C  N N 62  
ASP CG     C  N N 63  
ASP OD1    O  N N 64  
ASP OD2    O  N N 65  
ASP OXT    O  N N 66  
ASP H      H  N N 67  
ASP H2     H  N N 68  
ASP HA     H  N N 69  
ASP HB2    H  N N 70  
ASP HB3    H  N N 71  
ASP HD2    H  N N 72  
ASP HXT    H  N N 73  
CYS N      N  N N 74  
CYS CA     C  N R 75  
CYS C      C  N N 76  
CYS O      O  N N 77  
CYS CB     C  N N 78  
CYS SG     S  N N 79  
CYS OXT    O  N N 80  
CYS H      H  N N 81  
CYS H2     H  N N 82  
CYS HA     H  N N 83  
CYS HB2    H  N N 84  
CYS HB3    H  N N 85  
CYS HG     H  N N 86  
CYS HXT    H  N N 87  
GLN N      N  N N 88  
GLN CA     C  N S 89  
GLN C      C  N N 90  
GLN O      O  N N 91  
GLN CB     C  N N 92  
GLN CG     C  N N 93  
GLN CD     C  N N 94  
GLN OE1    O  N N 95  
GLN NE2    N  N N 96  
GLN OXT    O  N N 97  
GLN H      H  N N 98  
GLN H2     H  N N 99  
GLN HA     H  N N 100 
GLN HB2    H  N N 101 
GLN HB3    H  N N 102 
GLN HG2    H  N N 103 
GLN HG3    H  N N 104 
GLN HE21   H  N N 105 
GLN HE22   H  N N 106 
GLN HXT    H  N N 107 
GLU N      N  N N 108 
GLU CA     C  N S 109 
GLU C      C  N N 110 
GLU O      O  N N 111 
GLU CB     C  N N 112 
GLU CG     C  N N 113 
GLU CD     C  N N 114 
GLU OE1    O  N N 115 
GLU OE2    O  N N 116 
GLU OXT    O  N N 117 
GLU H      H  N N 118 
GLU H2     H  N N 119 
GLU HA     H  N N 120 
GLU HB2    H  N N 121 
GLU HB3    H  N N 122 
GLU HG2    H  N N 123 
GLU HG3    H  N N 124 
GLU HE2    H  N N 125 
GLU HXT    H  N N 126 
GLY N      N  N N 127 
GLY CA     C  N N 128 
GLY C      C  N N 129 
GLY O      O  N N 130 
GLY OXT    O  N N 131 
GLY H      H  N N 132 
GLY H2     H  N N 133 
GLY HA2    H  N N 134 
GLY HA3    H  N N 135 
GLY HXT    H  N N 136 
GNP PG     P  N N 137 
GNP O1G    O  N N 138 
GNP O2G    O  N N 139 
GNP O3G    O  N N 140 
GNP N3B    N  N N 141 
GNP PB     P  N R 142 
GNP O1B    O  N N 143 
GNP O2B    O  N N 144 
GNP O3A    O  N N 145 
GNP PA     P  N S 146 
GNP O1A    O  N N 147 
GNP O2A    O  N N 148 
GNP "O5'"  O  N N 149 
GNP "C5'"  C  N N 150 
GNP "C4'"  C  N R 151 
GNP "O4'"  O  N N 152 
GNP "C3'"  C  N S 153 
GNP "O3'"  O  N N 154 
GNP "C2'"  C  N R 155 
GNP "O2'"  O  N N 156 
GNP "C1'"  C  N R 157 
GNP N9     N  Y N 158 
GNP C8     C  Y N 159 
GNP N7     N  Y N 160 
GNP C5     C  Y N 161 
GNP C6     C  Y N 162 
GNP O6     O  N N 163 
GNP N1     N  Y N 164 
GNP C2     C  Y N 165 
GNP N2     N  N N 166 
GNP N3     N  Y N 167 
GNP C4     C  Y N 168 
GNP HOG2   H  N N 169 
GNP HOG3   H  N N 170 
GNP HNB3   H  N N 171 
GNP HOB2   H  N N 172 
GNP HOA2   H  N N 173 
GNP "H5'2" H  N N 174 
GNP "H5'1" H  N N 175 
GNP "H4'"  H  N N 176 
GNP "H3'"  H  N N 177 
GNP "HO3'" H  N N 178 
GNP "H2'"  H  N N 179 
GNP "HO2'" H  N N 180 
GNP "H1'"  H  N N 181 
GNP H8     H  N N 182 
GNP HN1    H  N N 183 
GNP HN21   H  N N 184 
GNP HN22   H  N N 185 
HIS N      N  N N 186 
HIS CA     C  N S 187 
HIS C      C  N N 188 
HIS O      O  N N 189 
HIS CB     C  N N 190 
HIS CG     C  Y N 191 
HIS ND1    N  Y N 192 
HIS CD2    C  Y N 193 
HIS CE1    C  Y N 194 
HIS NE2    N  Y N 195 
HIS OXT    O  N N 196 
HIS H      H  N N 197 
HIS H2     H  N N 198 
HIS HA     H  N N 199 
HIS HB2    H  N N 200 
HIS HB3    H  N N 201 
HIS HD1    H  N N 202 
HIS HD2    H  N N 203 
HIS HE1    H  N N 204 
HIS HE2    H  N N 205 
HIS HXT    H  N N 206 
HOH O      O  N N 207 
HOH H1     H  N N 208 
HOH H2     H  N N 209 
ILE N      N  N N 210 
ILE CA     C  N S 211 
ILE C      C  N N 212 
ILE O      O  N N 213 
ILE CB     C  N S 214 
ILE CG1    C  N N 215 
ILE CG2    C  N N 216 
ILE CD1    C  N N 217 
ILE OXT    O  N N 218 
ILE H      H  N N 219 
ILE H2     H  N N 220 
ILE HA     H  N N 221 
ILE HB     H  N N 222 
ILE HG12   H  N N 223 
ILE HG13   H  N N 224 
ILE HG21   H  N N 225 
ILE HG22   H  N N 226 
ILE HG23   H  N N 227 
ILE HD11   H  N N 228 
ILE HD12   H  N N 229 
ILE HD13   H  N N 230 
ILE HXT    H  N N 231 
LEU N      N  N N 232 
LEU CA     C  N S 233 
LEU C      C  N N 234 
LEU O      O  N N 235 
LEU CB     C  N N 236 
LEU CG     C  N N 237 
LEU CD1    C  N N 238 
LEU CD2    C  N N 239 
LEU OXT    O  N N 240 
LEU H      H  N N 241 
LEU H2     H  N N 242 
LEU HA     H  N N 243 
LEU HB2    H  N N 244 
LEU HB3    H  N N 245 
LEU HG     H  N N 246 
LEU HD11   H  N N 247 
LEU HD12   H  N N 248 
LEU HD13   H  N N 249 
LEU HD21   H  N N 250 
LEU HD22   H  N N 251 
LEU HD23   H  N N 252 
LEU HXT    H  N N 253 
LYS N      N  N N 254 
LYS CA     C  N S 255 
LYS C      C  N N 256 
LYS O      O  N N 257 
LYS CB     C  N N 258 
LYS CG     C  N N 259 
LYS CD     C  N N 260 
LYS CE     C  N N 261 
LYS NZ     N  N N 262 
LYS OXT    O  N N 263 
LYS H      H  N N 264 
LYS H2     H  N N 265 
LYS HA     H  N N 266 
LYS HB2    H  N N 267 
LYS HB3    H  N N 268 
LYS HG2    H  N N 269 
LYS HG3    H  N N 270 
LYS HD2    H  N N 271 
LYS HD3    H  N N 272 
LYS HE2    H  N N 273 
LYS HE3    H  N N 274 
LYS HZ1    H  N N 275 
LYS HZ2    H  N N 276 
LYS HZ3    H  N N 277 
LYS HXT    H  N N 278 
MET N      N  N N 279 
MET CA     C  N S 280 
MET C      C  N N 281 
MET O      O  N N 282 
MET CB     C  N N 283 
MET CG     C  N N 284 
MET SD     S  N N 285 
MET CE     C  N N 286 
MET OXT    O  N N 287 
MET H      H  N N 288 
MET H2     H  N N 289 
MET HA     H  N N 290 
MET HB2    H  N N 291 
MET HB3    H  N N 292 
MET HG2    H  N N 293 
MET HG3    H  N N 294 
MET HE1    H  N N 295 
MET HE2    H  N N 296 
MET HE3    H  N N 297 
MET HXT    H  N N 298 
MG  MG     MG N N 299 
PHE N      N  N N 300 
PHE CA     C  N S 301 
PHE C      C  N N 302 
PHE O      O  N N 303 
PHE CB     C  N N 304 
PHE CG     C  Y N 305 
PHE CD1    C  Y N 306 
PHE CD2    C  Y N 307 
PHE CE1    C  Y N 308 
PHE CE2    C  Y N 309 
PHE CZ     C  Y N 310 
PHE OXT    O  N N 311 
PHE H      H  N N 312 
PHE H2     H  N N 313 
PHE HA     H  N N 314 
PHE HB2    H  N N 315 
PHE HB3    H  N N 316 
PHE HD1    H  N N 317 
PHE HD2    H  N N 318 
PHE HE1    H  N N 319 
PHE HE2    H  N N 320 
PHE HZ     H  N N 321 
PHE HXT    H  N N 322 
PRO N      N  N N 323 
PRO CA     C  N S 324 
PRO C      C  N N 325 
PRO O      O  N N 326 
PRO CB     C  N N 327 
PRO CG     C  N N 328 
PRO CD     C  N N 329 
PRO OXT    O  N N 330 
PRO H      H  N N 331 
PRO HA     H  N N 332 
PRO HB2    H  N N 333 
PRO HB3    H  N N 334 
PRO HG2    H  N N 335 
PRO HG3    H  N N 336 
PRO HD2    H  N N 337 
PRO HD3    H  N N 338 
PRO HXT    H  N N 339 
SER N      N  N N 340 
SER CA     C  N S 341 
SER C      C  N N 342 
SER O      O  N N 343 
SER CB     C  N N 344 
SER OG     O  N N 345 
SER OXT    O  N N 346 
SER H      H  N N 347 
SER H2     H  N N 348 
SER HA     H  N N 349 
SER HB2    H  N N 350 
SER HB3    H  N N 351 
SER HG     H  N N 352 
SER HXT    H  N N 353 
THR N      N  N N 354 
THR CA     C  N S 355 
THR C      C  N N 356 
THR O      O  N N 357 
THR CB     C  N R 358 
THR OG1    O  N N 359 
THR CG2    C  N N 360 
THR OXT    O  N N 361 
THR H      H  N N 362 
THR H2     H  N N 363 
THR HA     H  N N 364 
THR HB     H  N N 365 
THR HG1    H  N N 366 
THR HG21   H  N N 367 
THR HG22   H  N N 368 
THR HG23   H  N N 369 
THR HXT    H  N N 370 
TRP N      N  N N 371 
TRP CA     C  N S 372 
TRP C      C  N N 373 
TRP O      O  N N 374 
TRP CB     C  N N 375 
TRP CG     C  Y N 376 
TRP CD1    C  Y N 377 
TRP CD2    C  Y N 378 
TRP NE1    N  Y N 379 
TRP CE2    C  Y N 380 
TRP CE3    C  Y N 381 
TRP CZ2    C  Y N 382 
TRP CZ3    C  Y N 383 
TRP CH2    C  Y N 384 
TRP OXT    O  N N 385 
TRP H      H  N N 386 
TRP H2     H  N N 387 
TRP HA     H  N N 388 
TRP HB2    H  N N 389 
TRP HB3    H  N N 390 
TRP HD1    H  N N 391 
TRP HE1    H  N N 392 
TRP HE3    H  N N 393 
TRP HZ2    H  N N 394 
TRP HZ3    H  N N 395 
TRP HH2    H  N N 396 
TRP HXT    H  N N 397 
TYR N      N  N N 398 
TYR CA     C  N S 399 
TYR C      C  N N 400 
TYR O      O  N N 401 
TYR CB     C  N N 402 
TYR CG     C  Y N 403 
TYR CD1    C  Y N 404 
TYR CD2    C  Y N 405 
TYR CE1    C  Y N 406 
TYR CE2    C  Y N 407 
TYR CZ     C  Y N 408 
TYR OH     O  N N 409 
TYR OXT    O  N N 410 
TYR H      H  N N 411 
TYR H2     H  N N 412 
TYR HA     H  N N 413 
TYR HB2    H  N N 414 
TYR HB3    H  N N 415 
TYR HD1    H  N N 416 
TYR HD2    H  N N 417 
TYR HE1    H  N N 418 
TYR HE2    H  N N 419 
TYR HH     H  N N 420 
TYR HXT    H  N N 421 
VAL N      N  N N 422 
VAL CA     C  N S 423 
VAL C      C  N N 424 
VAL O      O  N N 425 
VAL CB     C  N N 426 
VAL CG1    C  N N 427 
VAL CG2    C  N N 428 
VAL OXT    O  N N 429 
VAL H      H  N N 430 
VAL H2     H  N N 431 
VAL HA     H  N N 432 
VAL HB     H  N N 433 
VAL HG11   H  N N 434 
VAL HG12   H  N N 435 
VAL HG13   H  N N 436 
VAL HG21   H  N N 437 
VAL HG22   H  N N 438 
VAL HG23   H  N N 439 
VAL HXT    H  N N 440 
# 
loop_
_chem_comp_bond.comp_id 
_chem_comp_bond.atom_id_1 
_chem_comp_bond.atom_id_2 
_chem_comp_bond.value_order 
_chem_comp_bond.pdbx_aromatic_flag 
_chem_comp_bond.pdbx_stereo_config 
_chem_comp_bond.pdbx_ordinal 
ALA N     CA     sing N N 1   
ALA N     H      sing N N 2   
ALA N     H2     sing N N 3   
ALA CA    C      sing N N 4   
ALA CA    CB     sing N N 5   
ALA CA    HA     sing N N 6   
ALA C     O      doub N N 7   
ALA C     OXT    sing N N 8   
ALA CB    HB1    sing N N 9   
ALA CB    HB2    sing N N 10  
ALA CB    HB3    sing N N 11  
ALA OXT   HXT    sing N N 12  
ARG N     CA     sing N N 13  
ARG N     H      sing N N 14  
ARG N     H2     sing N N 15  
ARG CA    C      sing N N 16  
ARG CA    CB     sing N N 17  
ARG CA    HA     sing N N 18  
ARG C     O      doub N N 19  
ARG C     OXT    sing N N 20  
ARG CB    CG     sing N N 21  
ARG CB    HB2    sing N N 22  
ARG CB    HB3    sing N N 23  
ARG CG    CD     sing N N 24  
ARG CG    HG2    sing N N 25  
ARG CG    HG3    sing N N 26  
ARG CD    NE     sing N N 27  
ARG CD    HD2    sing N N 28  
ARG CD    HD3    sing N N 29  
ARG NE    CZ     sing N N 30  
ARG NE    HE     sing N N 31  
ARG CZ    NH1    sing N N 32  
ARG CZ    NH2    doub N N 33  
ARG NH1   HH11   sing N N 34  
ARG NH1   HH12   sing N N 35  
ARG NH2   HH21   sing N N 36  
ARG NH2   HH22   sing N N 37  
ARG OXT   HXT    sing N N 38  
ASN N     CA     sing N N 39  
ASN N     H      sing N N 40  
ASN N     H2     sing N N 41  
ASN CA    C      sing N N 42  
ASN CA    CB     sing N N 43  
ASN CA    HA     sing N N 44  
ASN C     O      doub N N 45  
ASN C     OXT    sing N N 46  
ASN CB    CG     sing N N 47  
ASN CB    HB2    sing N N 48  
ASN CB    HB3    sing N N 49  
ASN CG    OD1    doub N N 50  
ASN CG    ND2    sing N N 51  
ASN ND2   HD21   sing N N 52  
ASN ND2   HD22   sing N N 53  
ASN OXT   HXT    sing N N 54  
ASP N     CA     sing N N 55  
ASP N     H      sing N N 56  
ASP N     H2     sing N N 57  
ASP CA    C      sing N N 58  
ASP CA    CB     sing N N 59  
ASP CA    HA     sing N N 60  
ASP C     O      doub N N 61  
ASP C     OXT    sing N N 62  
ASP CB    CG     sing N N 63  
ASP CB    HB2    sing N N 64  
ASP CB    HB3    sing N N 65  
ASP CG    OD1    doub N N 66  
ASP CG    OD2    sing N N 67  
ASP OD2   HD2    sing N N 68  
ASP OXT   HXT    sing N N 69  
CYS N     CA     sing N N 70  
CYS N     H      sing N N 71  
CYS N     H2     sing N N 72  
CYS CA    C      sing N N 73  
CYS CA    CB     sing N N 74  
CYS CA    HA     sing N N 75  
CYS C     O      doub N N 76  
CYS C     OXT    sing N N 77  
CYS CB    SG     sing N N 78  
CYS CB    HB2    sing N N 79  
CYS CB    HB3    sing N N 80  
CYS SG    HG     sing N N 81  
CYS OXT   HXT    sing N N 82  
GLN N     CA     sing N N 83  
GLN N     H      sing N N 84  
GLN N     H2     sing N N 85  
GLN CA    C      sing N N 86  
GLN CA    CB     sing N N 87  
GLN CA    HA     sing N N 88  
GLN C     O      doub N N 89  
GLN C     OXT    sing N N 90  
GLN CB    CG     sing N N 91  
GLN CB    HB2    sing N N 92  
GLN CB    HB3    sing N N 93  
GLN CG    CD     sing N N 94  
GLN CG    HG2    sing N N 95  
GLN CG    HG3    sing N N 96  
GLN CD    OE1    doub N N 97  
GLN CD    NE2    sing N N 98  
GLN NE2   HE21   sing N N 99  
GLN NE2   HE22   sing N N 100 
GLN OXT   HXT    sing N N 101 
GLU N     CA     sing N N 102 
GLU N     H      sing N N 103 
GLU N     H2     sing N N 104 
GLU CA    C      sing N N 105 
GLU CA    CB     sing N N 106 
GLU CA    HA     sing N N 107 
GLU C     O      doub N N 108 
GLU C     OXT    sing N N 109 
GLU CB    CG     sing N N 110 
GLU CB    HB2    sing N N 111 
GLU CB    HB3    sing N N 112 
GLU CG    CD     sing N N 113 
GLU CG    HG2    sing N N 114 
GLU CG    HG3    sing N N 115 
GLU CD    OE1    doub N N 116 
GLU CD    OE2    sing N N 117 
GLU OE2   HE2    sing N N 118 
GLU OXT   HXT    sing N N 119 
GLY N     CA     sing N N 120 
GLY N     H      sing N N 121 
GLY N     H2     sing N N 122 
GLY CA    C      sing N N 123 
GLY CA    HA2    sing N N 124 
GLY CA    HA3    sing N N 125 
GLY C     O      doub N N 126 
GLY C     OXT    sing N N 127 
GLY OXT   HXT    sing N N 128 
GNP PG    O1G    doub N N 129 
GNP PG    O2G    sing N N 130 
GNP PG    O3G    sing N N 131 
GNP PG    N3B    sing N N 132 
GNP O2G   HOG2   sing N N 133 
GNP O3G   HOG3   sing N N 134 
GNP N3B   PB     sing N N 135 
GNP N3B   HNB3   sing N N 136 
GNP PB    O1B    doub N N 137 
GNP PB    O2B    sing N N 138 
GNP PB    O3A    sing N N 139 
GNP O2B   HOB2   sing N N 140 
GNP O3A   PA     sing N N 141 
GNP PA    O1A    doub N N 142 
GNP PA    O2A    sing N N 143 
GNP PA    "O5'"  sing N N 144 
GNP O2A   HOA2   sing N N 145 
GNP "O5'" "C5'"  sing N N 146 
GNP "C5'" "C4'"  sing N N 147 
GNP "C5'" "H5'2" sing N N 148 
GNP "C5'" "H5'1" sing N N 149 
GNP "C4'" "O4'"  sing N N 150 
GNP "C4'" "C3'"  sing N N 151 
GNP "C4'" "H4'"  sing N N 152 
GNP "O4'" "C1'"  sing N N 153 
GNP "C3'" "O3'"  sing N N 154 
GNP "C3'" "C2'"  sing N N 155 
GNP "C3'" "H3'"  sing N N 156 
GNP "O3'" "HO3'" sing N N 157 
GNP "C2'" "O2'"  sing N N 158 
GNP "C2'" "C1'"  sing N N 159 
GNP "C2'" "H2'"  sing N N 160 
GNP "O2'" "HO2'" sing N N 161 
GNP "C1'" N9     sing N N 162 
GNP "C1'" "H1'"  sing N N 163 
GNP N9    C8     sing Y N 164 
GNP N9    C4     sing Y N 165 
GNP C8    N7     doub Y N 166 
GNP C8    H8     sing N N 167 
GNP N7    C5     sing Y N 168 
GNP C5    C6     sing Y N 169 
GNP C5    C4     doub Y N 170 
GNP C6    O6     doub N N 171 
GNP C6    N1     sing Y N 172 
GNP N1    C2     sing Y N 173 
GNP N1    HN1    sing N N 174 
GNP C2    N2     sing N N 175 
GNP C2    N3     doub Y N 176 
GNP N2    HN21   sing N N 177 
GNP N2    HN22   sing N N 178 
GNP N3    C4     sing Y N 179 
HIS N     CA     sing N N 180 
HIS N     H      sing N N 181 
HIS N     H2     sing N N 182 
HIS CA    C      sing N N 183 
HIS CA    CB     sing N N 184 
HIS CA    HA     sing N N 185 
HIS C     O      doub N N 186 
HIS C     OXT    sing N N 187 
HIS CB    CG     sing N N 188 
HIS CB    HB2    sing N N 189 
HIS CB    HB3    sing N N 190 
HIS CG    ND1    sing Y N 191 
HIS CG    CD2    doub Y N 192 
HIS ND1   CE1    doub Y N 193 
HIS ND1   HD1    sing N N 194 
HIS CD2   NE2    sing Y N 195 
HIS CD2   HD2    sing N N 196 
HIS CE1   NE2    sing Y N 197 
HIS CE1   HE1    sing N N 198 
HIS NE2   HE2    sing N N 199 
HIS OXT   HXT    sing N N 200 
HOH O     H1     sing N N 201 
HOH O     H2     sing N N 202 
ILE N     CA     sing N N 203 
ILE N     H      sing N N 204 
ILE N     H2     sing N N 205 
ILE CA    C      sing N N 206 
ILE CA    CB     sing N N 207 
ILE CA    HA     sing N N 208 
ILE C     O      doub N N 209 
ILE C     OXT    sing N N 210 
ILE CB    CG1    sing N N 211 
ILE CB    CG2    sing N N 212 
ILE CB    HB     sing N N 213 
ILE CG1   CD1    sing N N 214 
ILE CG1   HG12   sing N N 215 
ILE CG1   HG13   sing N N 216 
ILE CG2   HG21   sing N N 217 
ILE CG2   HG22   sing N N 218 
ILE CG2   HG23   sing N N 219 
ILE CD1   HD11   sing N N 220 
ILE CD1   HD12   sing N N 221 
ILE CD1   HD13   sing N N 222 
ILE OXT   HXT    sing N N 223 
LEU N     CA     sing N N 224 
LEU N     H      sing N N 225 
LEU N     H2     sing N N 226 
LEU CA    C      sing N N 227 
LEU CA    CB     sing N N 228 
LEU CA    HA     sing N N 229 
LEU C     O      doub N N 230 
LEU C     OXT    sing N N 231 
LEU CB    CG     sing N N 232 
LEU CB    HB2    sing N N 233 
LEU CB    HB3    sing N N 234 
LEU CG    CD1    sing N N 235 
LEU CG    CD2    sing N N 236 
LEU CG    HG     sing N N 237 
LEU CD1   HD11   sing N N 238 
LEU CD1   HD12   sing N N 239 
LEU CD1   HD13   sing N N 240 
LEU CD2   HD21   sing N N 241 
LEU CD2   HD22   sing N N 242 
LEU CD2   HD23   sing N N 243 
LEU OXT   HXT    sing N N 244 
LYS N     CA     sing N N 245 
LYS N     H      sing N N 246 
LYS N     H2     sing N N 247 
LYS CA    C      sing N N 248 
LYS CA    CB     sing N N 249 
LYS CA    HA     sing N N 250 
LYS C     O      doub N N 251 
LYS C     OXT    sing N N 252 
LYS CB    CG     sing N N 253 
LYS CB    HB2    sing N N 254 
LYS CB    HB3    sing N N 255 
LYS CG    CD     sing N N 256 
LYS CG    HG2    sing N N 257 
LYS CG    HG3    sing N N 258 
LYS CD    CE     sing N N 259 
LYS CD    HD2    sing N N 260 
LYS CD    HD3    sing N N 261 
LYS CE    NZ     sing N N 262 
LYS CE    HE2    sing N N 263 
LYS CE    HE3    sing N N 264 
LYS NZ    HZ1    sing N N 265 
LYS NZ    HZ2    sing N N 266 
LYS NZ    HZ3    sing N N 267 
LYS OXT   HXT    sing N N 268 
MET N     CA     sing N N 269 
MET N     H      sing N N 270 
MET N     H2     sing N N 271 
MET CA    C      sing N N 272 
MET CA    CB     sing N N 273 
MET CA    HA     sing N N 274 
MET C     O      doub N N 275 
MET C     OXT    sing N N 276 
MET CB    CG     sing N N 277 
MET CB    HB2    sing N N 278 
MET CB    HB3    sing N N 279 
MET CG    SD     sing N N 280 
MET CG    HG2    sing N N 281 
MET CG    HG3    sing N N 282 
MET SD    CE     sing N N 283 
MET CE    HE1    sing N N 284 
MET CE    HE2    sing N N 285 
MET CE    HE3    sing N N 286 
MET OXT   HXT    sing N N 287 
PHE N     CA     sing N N 288 
PHE N     H      sing N N 289 
PHE N     H2     sing N N 290 
PHE CA    C      sing N N 291 
PHE CA    CB     sing N N 292 
PHE CA    HA     sing N N 293 
PHE C     O      doub N N 294 
PHE C     OXT    sing N N 295 
PHE CB    CG     sing N N 296 
PHE CB    HB2    sing N N 297 
PHE CB    HB3    sing N N 298 
PHE CG    CD1    doub Y N 299 
PHE CG    CD2    sing Y N 300 
PHE CD1   CE1    sing Y N 301 
PHE CD1   HD1    sing N N 302 
PHE CD2   CE2    doub Y N 303 
PHE CD2   HD2    sing N N 304 
PHE CE1   CZ     doub Y N 305 
PHE CE1   HE1    sing N N 306 
PHE CE2   CZ     sing Y N 307 
PHE CE2   HE2    sing N N 308 
PHE CZ    HZ     sing N N 309 
PHE OXT   HXT    sing N N 310 
PRO N     CA     sing N N 311 
PRO N     CD     sing N N 312 
PRO N     H      sing N N 313 
PRO CA    C      sing N N 314 
PRO CA    CB     sing N N 315 
PRO CA    HA     sing N N 316 
PRO C     O      doub N N 317 
PRO C     OXT    sing N N 318 
PRO CB    CG     sing N N 319 
PRO CB    HB2    sing N N 320 
PRO CB    HB3    sing N N 321 
PRO CG    CD     sing N N 322 
PRO CG    HG2    sing N N 323 
PRO CG    HG3    sing N N 324 
PRO CD    HD2    sing N N 325 
PRO CD    HD3    sing N N 326 
PRO OXT   HXT    sing N N 327 
SER N     CA     sing N N 328 
SER N     H      sing N N 329 
SER N     H2     sing N N 330 
SER CA    C      sing N N 331 
SER CA    CB     sing N N 332 
SER CA    HA     sing N N 333 
SER C     O      doub N N 334 
SER C     OXT    sing N N 335 
SER CB    OG     sing N N 336 
SER CB    HB2    sing N N 337 
SER CB    HB3    sing N N 338 
SER OG    HG     sing N N 339 
SER OXT   HXT    sing N N 340 
THR N     CA     sing N N 341 
THR N     H      sing N N 342 
THR N     H2     sing N N 343 
THR CA    C      sing N N 344 
THR CA    CB     sing N N 345 
THR CA    HA     sing N N 346 
THR C     O      doub N N 347 
THR C     OXT    sing N N 348 
THR CB    OG1    sing N N 349 
THR CB    CG2    sing N N 350 
THR CB    HB     sing N N 351 
THR OG1   HG1    sing N N 352 
THR CG2   HG21   sing N N 353 
THR CG2   HG22   sing N N 354 
THR CG2   HG23   sing N N 355 
THR OXT   HXT    sing N N 356 
TRP N     CA     sing N N 357 
TRP N     H      sing N N 358 
TRP N     H2     sing N N 359 
TRP CA    C      sing N N 360 
TRP CA    CB     sing N N 361 
TRP CA    HA     sing N N 362 
TRP C     O      doub N N 363 
TRP C     OXT    sing N N 364 
TRP CB    CG     sing N N 365 
TRP CB    HB2    sing N N 366 
TRP CB    HB3    sing N N 367 
TRP CG    CD1    doub Y N 368 
TRP CG    CD2    sing Y N 369 
TRP CD1   NE1    sing Y N 370 
TRP CD1   HD1    sing N N 371 
TRP CD2   CE2    doub Y N 372 
TRP CD2   CE3    sing Y N 373 
TRP NE1   CE2    sing Y N 374 
TRP NE1   HE1    sing N N 375 
TRP CE2   CZ2    sing Y N 376 
TRP CE3   CZ3    doub Y N 377 
TRP CE3   HE3    sing N N 378 
TRP CZ2   CH2    doub Y N 379 
TRP CZ2   HZ2    sing N N 380 
TRP CZ3   CH2    sing Y N 381 
TRP CZ3   HZ3    sing N N 382 
TRP CH2   HH2    sing N N 383 
TRP OXT   HXT    sing N N 384 
TYR N     CA     sing N N 385 
TYR N     H      sing N N 386 
TYR N     H2     sing N N 387 
TYR CA    C      sing N N 388 
TYR CA    CB     sing N N 389 
TYR CA    HA     sing N N 390 
TYR C     O      doub N N 391 
TYR C     OXT    sing N N 392 
TYR CB    CG     sing N N 393 
TYR CB    HB2    sing N N 394 
TYR CB    HB3    sing N N 395 
TYR CG    CD1    doub Y N 396 
TYR CG    CD2    sing Y N 397 
TYR CD1   CE1    sing Y N 398 
TYR CD1   HD1    sing N N 399 
TYR CD2   CE2    doub Y N 400 
TYR CD2   HD2    sing N N 401 
TYR CE1   CZ     doub Y N 402 
TYR CE1   HE1    sing N N 403 
TYR CE2   CZ     sing Y N 404 
TYR CE2   HE2    sing N N 405 
TYR CZ    OH     sing N N 406 
TYR OH    HH     sing N N 407 
TYR OXT   HXT    sing N N 408 
VAL N     CA     sing N N 409 
VAL N     H      sing N N 410 
VAL N     H2     sing N N 411 
VAL CA    C      sing N N 412 
VAL CA    CB     sing N N 413 
VAL CA    HA     sing N N 414 
VAL C     O      doub N N 415 
VAL C     OXT    sing N N 416 
VAL CB    CG1    sing N N 417 
VAL CB    CG2    sing N N 418 
VAL CB    HB     sing N N 419 
VAL CG1   HG11   sing N N 420 
VAL CG1   HG12   sing N N 421 
VAL CG1   HG13   sing N N 422 
VAL CG2   HG21   sing N N 423 
VAL CG2   HG22   sing N N 424 
VAL CG2   HG23   sing N N 425 
VAL OXT   HXT    sing N N 426 
# 
loop_
_pdbx_entity_nonpoly.entity_id 
_pdbx_entity_nonpoly.name 
_pdbx_entity_nonpoly.comp_id 
2 'MAGNESIUM ION'                               MG  
3 'PHOSPHOAMINOPHOSPHONIC ACID-GUANYLATE ESTER' GNP 
4 water                                         HOH 
# 
_pdbx_initial_refinement_model.id               1 
_pdbx_initial_refinement_model.entity_id_list   ? 
_pdbx_initial_refinement_model.type             'experimental model' 
_pdbx_initial_refinement_model.source_name      PDB 
_pdbx_initial_refinement_model.accession_code   5P21 
_pdbx_initial_refinement_model.details          ? 
# 
